data_7BVE
#
_entry.id   7BVE
#
_cell.length_a   1.00
_cell.length_b   1.00
_cell.length_c   1.00
_cell.angle_alpha   90.00
_cell.angle_beta   90.00
_cell.angle_gamma   90.00
#
_symmetry.space_group_name_H-M   'P 1'
#
loop_
_entity.id
_entity.type
_entity.pdbx_description
1 polymer 'Integral membrane indolylacetylinositol arabinosyltransferase EmbC'
2 polymer 'Meromycolate extension acyl carrier protein'
3 non-polymer 'CALCIUM ION'
4 non-polymer 'PHOSPHATE ION'
5 non-polymer Ethambutol
6 non-polymer N~3~-[(2S)-2-hydroxy-3,3-dimethyl-4-(phosphonooxy)butanoyl]-N-(2-sulfanylethyl)-beta-alaninamide
#
loop_
_entity_poly.entity_id
_entity_poly.type
_entity_poly.pdbx_seq_one_letter_code
_entity_poly.pdbx_strand_id
1 'polypeptide(L)'
;MTGPHAAGGSNHRTARLVAIIAGLLGTLMAIATPLLPVEQTTAELNWPQNGVWQSVDAPLIGYVATDLTVTVPCQAAAGL
VGPENRNRSVLLSTVPKQAPKAIDRGLLIERINNDLTVIVRNTPVVSAPLEQVLSPDCRYLTFTAHADKVTGEFVGLTQG
PDDDDPGEAVRGERSGYDFRPQIVGVFTDLSGPAPEGLQLSATIDTRYSTSPTLLKLLAMIVGVAMTVIALGALHVLDCA
DGRRHKRFLPSRWWSMTPLDGLVSAMLVWWHFVGANTADDGYILTMARVSEHAGYMANYYRWFGTPESPFGWYYDLLALW
AHVSTASVWMRFPTLLMGLACWWVISREVIPRLGAAAKHSRAAAWTAAGLFLAFWLPLNNGLRPEPIIALGILLTWCSVE
RGVATSRLLPVAVAIIIGALTLFSGPTGIAAVGALLVAIGPLKTIVAAHVSRFGYWALLAPIAAAGTVTIFLIFRDQTLA
AELQASSFKSAVGPSLAWFDEHIRYSRLFTTSPDGSVARRFAVLTLLLALAVSIAMTLRKGRIPGTALGPSRRIIGITII
SFLAMMFTPTKWTHHFGVFAGLAGCLGALAAVAVTTTAMKSRRNRTVFGAAVLFVTALSFATVNGWWYVSNFGVPWSNSF
PEFKFGFTTMLLGLSVLALLVAAWFHFSGRDVSPDRPQRRWQRLLVAPLAVATWALVIFEVVSLTLGMINQYPAWSVGRS
NLNALTGKTCGLANDVLVEQNANAGMLTPIGEPAGQALGAVTSLGFGPNGIPSDVSADPVMEQPGTDNFADSDSGVVTGT
EVGTEGGTTAAAGINGSRARLPYGLNPATTPVLGSWRSGTQQPAVLRSAWYRLPDRDQAGPLLVVSAAGRFDQGEVEVQW
ATDEQAAANEPGGSITFGDVGAAPAWRNLRAPLSSIPPEATQIRLVASDDDLAPQHWIALTPPRIPELRTLQEVVGSSDP
VMLDWLVGLAFPCQRPFDHRYGVVEVPKWRILPDRFGAEANSPVMDYLGGGPLGITELLLRPSSVPTYLKDDWYRDWGSL
QRLTPWYPDAQPARLDLGTATRSGWWSPAPLRLSHHHHHHHHHH
;
A,B
2 'polypeptide(L)'
;MAATQEEIIAGLAEIIEEVTGIEPSEVTPEKSFVDDLDIDSLSMVEIAVQTEDKYGVKIPDEDLAGLRTVGDVVAYIQKL
EEENPEAAAALREKFAADQ
;
C,D
#
loop_
_chem_comp.id
_chem_comp.type
_chem_comp.name
_chem_comp.formula
95E non-polymer Ethambutol 'C10 H24 N2 O2'
CA non-polymer 'CALCIUM ION' 'Ca 2'
PN7 non-polymer N~3~-[(2S)-2-hydroxy-3,3-dimethyl-4-(phosphonooxy)butanoyl]-N-(2-sulfanylethyl)-beta-alaninamide 'C11 H23 N2 O7 P S'
PO4 non-polymer 'PHOSPHATE ION' 'O4 P -3'
#
# COMPACT_ATOMS: atom_id res chain seq x y z
N ASN A 11 -0.15 3.30 -61.82
CA ASN A 11 0.95 2.86 -62.68
C ASN A 11 1.33 3.98 -63.63
N HIS A 12 2.12 4.92 -63.13
CA HIS A 12 2.48 6.09 -63.92
C HIS A 12 3.72 6.69 -63.28
N ARG A 13 4.55 7.34 -64.09
CA ARG A 13 5.75 7.98 -63.53
C ARG A 13 5.42 9.31 -62.86
N THR A 14 4.33 9.95 -63.28
CA THR A 14 3.86 11.17 -62.64
C THR A 14 3.48 10.93 -61.18
N ALA A 15 2.81 9.83 -60.88
CA ALA A 15 2.54 9.46 -59.50
C ALA A 15 3.77 8.98 -58.74
N ARG A 16 4.90 8.81 -59.41
CA ARG A 16 6.14 8.49 -58.73
C ARG A 16 6.96 9.74 -58.45
N LEU A 17 6.80 10.80 -59.24
CA LEU A 17 7.41 12.08 -58.94
C LEU A 17 6.65 12.87 -57.89
N VAL A 18 5.32 12.89 -58.02
CA VAL A 18 4.45 13.65 -57.11
C VAL A 18 4.58 13.13 -55.69
N ALA A 19 4.73 11.81 -55.54
CA ALA A 19 4.85 11.21 -54.21
C ALA A 19 6.13 11.66 -53.52
N ILE A 20 7.24 11.66 -54.24
CA ILE A 20 8.54 12.06 -53.68
C ILE A 20 8.52 13.55 -53.31
N ILE A 21 8.06 14.39 -54.23
CA ILE A 21 8.11 15.84 -54.02
C ILE A 21 7.17 16.26 -52.89
N ALA A 22 5.92 15.78 -52.92
CA ALA A 22 4.96 16.15 -51.90
C ALA A 22 5.34 15.57 -50.54
N GLY A 23 5.94 14.37 -50.50
CA GLY A 23 6.31 13.78 -49.22
C GLY A 23 7.46 14.51 -48.56
N LEU A 24 8.47 14.89 -49.35
CA LEU A 24 9.59 15.63 -48.79
C LEU A 24 9.18 17.05 -48.38
N LEU A 25 8.30 17.69 -49.15
CA LEU A 25 7.84 19.03 -48.77
C LEU A 25 6.97 19.00 -47.53
N GLY A 26 6.13 17.97 -47.38
CA GLY A 26 5.34 17.86 -46.17
C GLY A 26 6.19 17.60 -44.94
N THR A 27 7.22 16.76 -45.08
CA THR A 27 8.11 16.49 -43.96
C THR A 27 8.91 17.73 -43.56
N LEU A 28 9.36 18.52 -44.53
CA LEU A 28 10.12 19.73 -44.21
C LEU A 28 9.24 20.81 -43.59
N MET A 29 8.03 21.02 -44.12
CA MET A 29 7.11 21.98 -43.51
C MET A 29 6.61 21.53 -42.15
N ALA A 30 6.64 20.24 -41.84
CA ALA A 30 6.30 19.77 -40.49
C ALA A 30 7.46 19.91 -39.52
N ILE A 31 8.69 19.71 -39.96
CA ILE A 31 9.83 19.94 -39.08
C ILE A 31 10.00 21.44 -38.80
N ALA A 32 9.70 22.30 -39.76
CA ALA A 32 9.95 23.74 -39.58
C ALA A 32 8.94 24.43 -38.67
N THR A 33 7.69 23.95 -38.61
CA THR A 33 6.62 24.73 -37.97
C THR A 33 6.65 25.00 -36.45
N PRO A 34 7.33 24.24 -35.56
CA PRO A 34 7.36 24.70 -34.16
C PRO A 34 8.27 25.89 -33.92
N LEU A 35 9.11 26.28 -34.87
CA LEU A 35 10.13 27.30 -34.68
C LEU A 35 9.81 28.59 -35.42
N LEU A 36 8.62 28.71 -35.95
CA LEU A 36 8.17 29.88 -36.68
C LEU A 36 7.61 30.92 -35.72
N PRO A 37 7.58 32.21 -36.10
CA PRO A 37 7.18 33.26 -35.16
C PRO A 37 5.72 33.19 -34.74
N VAL A 38 5.40 33.93 -33.68
CA VAL A 38 4.05 34.12 -33.18
C VAL A 38 3.87 35.60 -32.87
N GLU A 39 2.72 35.94 -32.28
CA GLU A 39 2.40 37.32 -31.90
C GLU A 39 1.88 37.33 -30.47
N GLN A 40 2.72 37.74 -29.53
CA GLN A 40 2.33 37.84 -28.13
C GLN A 40 1.45 39.07 -27.93
N THR A 41 0.55 38.99 -26.96
CA THR A 41 -0.21 40.14 -26.46
C THR A 41 0.37 40.54 -25.12
N THR A 42 1.06 41.67 -25.08
CA THR A 42 1.72 42.12 -23.86
C THR A 42 0.76 42.92 -23.00
N ALA A 43 0.83 42.71 -21.69
CA ALA A 43 -0.11 43.32 -20.76
C ALA A 43 0.62 43.70 -19.48
N GLU A 44 0.59 44.98 -19.12
CA GLU A 44 1.20 45.43 -17.87
C GLU A 44 0.20 46.19 -17.03
N LEU A 45 0.52 46.31 -15.74
CA LEU A 45 -0.33 46.93 -14.74
C LEU A 45 0.37 48.17 -14.19
N ASN A 46 -0.13 49.35 -14.56
CA ASN A 46 0.33 50.61 -14.01
C ASN A 46 -0.71 51.07 -13.00
N TRP A 47 -0.31 51.19 -11.72
CA TRP A 47 -1.32 51.16 -10.65
C TRP A 47 -2.15 52.42 -10.48
N PRO A 48 -1.57 53.66 -10.34
CA PRO A 48 -2.49 54.76 -10.05
C PRO A 48 -3.30 55.13 -11.28
N GLN A 49 -4.55 54.69 -11.28
CA GLN A 49 -5.35 54.70 -12.49
C GLN A 49 -5.88 56.10 -12.78
N ASN A 50 -6.67 56.65 -11.86
CA ASN A 50 -7.30 57.94 -12.05
C ASN A 50 -6.64 59.05 -11.26
N GLY A 51 -5.47 58.78 -10.67
CA GLY A 51 -4.76 59.81 -9.95
C GLY A 51 -5.13 59.95 -8.49
N VAL A 52 -5.77 58.93 -7.92
CA VAL A 52 -6.15 58.94 -6.51
C VAL A 52 -5.71 57.63 -5.86
N TRP A 53 -5.59 57.67 -4.54
CA TRP A 53 -5.28 56.48 -3.76
C TRP A 53 -6.50 55.57 -3.75
N GLN A 54 -6.49 54.53 -4.57
CA GLN A 54 -7.61 53.62 -4.69
C GLN A 54 -7.07 52.22 -4.89
N SER A 55 -7.50 51.28 -4.05
CA SER A 55 -7.06 49.91 -4.20
C SER A 55 -7.72 49.27 -5.42
N VAL A 56 -6.95 48.47 -6.14
CA VAL A 56 -7.47 47.74 -7.29
C VAL A 56 -7.38 46.26 -7.00
N ASP A 57 -7.82 45.42 -7.93
CA ASP A 57 -7.90 43.99 -7.68
C ASP A 57 -7.55 43.26 -8.98
N ALA A 58 -6.34 42.71 -9.03
CA ALA A 58 -5.82 42.07 -10.25
C ALA A 58 -5.12 40.77 -9.89
N PRO A 59 -5.87 39.69 -9.71
CA PRO A 59 -5.26 38.44 -9.23
C PRO A 59 -4.59 37.68 -10.37
N LEU A 60 -3.28 37.54 -10.28
CA LEU A 60 -2.50 36.89 -11.32
C LEU A 60 -2.59 35.38 -11.20
N ILE A 61 -2.64 34.69 -12.34
CA ILE A 61 -2.81 33.24 -12.31
C ILE A 61 -1.46 32.52 -12.23
N GLY A 62 -0.39 33.14 -12.74
CA GLY A 62 0.93 32.56 -12.62
C GLY A 62 1.63 32.89 -11.33
N TYR A 63 0.89 33.65 -10.50
CA TYR A 63 1.20 34.11 -9.12
C TYR A 63 2.27 35.22 -9.06
N VAL A 64 2.99 35.48 -10.15
CA VAL A 64 4.10 36.44 -10.12
C VAL A 64 4.22 37.10 -11.48
N ALA A 65 4.69 38.33 -11.47
CA ALA A 65 4.99 39.06 -12.68
C ALA A 65 6.44 38.80 -13.07
N THR A 66 6.77 39.03 -14.33
CA THR A 66 8.15 38.87 -14.76
C THR A 66 9.03 40.05 -14.38
N ASP A 67 8.46 41.10 -13.81
CA ASP A 67 9.10 42.38 -13.57
C ASP A 67 8.22 43.18 -12.63
N LEU A 68 8.83 43.96 -11.75
CA LEU A 68 8.07 44.77 -10.80
C LEU A 68 8.92 45.96 -10.41
N THR A 69 8.32 47.14 -10.36
CA THR A 69 9.06 48.37 -10.09
C THR A 69 8.12 49.37 -9.43
N VAL A 70 8.38 49.71 -8.17
CA VAL A 70 7.60 50.71 -7.46
C VAL A 70 8.54 51.79 -6.96
N THR A 71 8.05 53.04 -6.96
CA THR A 71 8.90 54.19 -6.63
C THR A 71 8.02 55.20 -5.88
N VAL A 72 8.14 55.23 -4.56
CA VAL A 72 7.29 56.07 -3.72
C VAL A 72 8.05 57.33 -3.31
N PRO A 73 7.46 58.52 -3.39
CA PRO A 73 8.13 59.71 -2.88
C PRO A 73 8.13 59.80 -1.35
N CYS A 74 8.60 60.93 -0.81
CA CYS A 74 8.70 61.13 0.63
C CYS A 74 7.39 61.58 1.26
N GLN A 75 6.75 62.60 0.70
CA GLN A 75 5.54 63.17 1.28
C GLN A 75 4.30 62.33 1.04
N ALA A 76 4.41 61.19 0.36
CA ALA A 76 3.29 60.27 0.26
C ALA A 76 2.96 59.66 1.62
N ALA A 77 3.98 59.37 2.43
CA ALA A 77 3.79 58.80 3.75
C ALA A 77 3.55 59.84 4.82
N ALA A 78 3.13 61.05 4.45
CA ALA A 78 2.82 62.06 5.46
C ALA A 78 1.53 61.73 6.20
N GLY A 79 0.59 61.11 5.51
CA GLY A 79 -0.67 60.71 6.11
C GLY A 79 -0.64 59.32 6.68
N LEU A 80 0.49 58.94 7.26
CA LEU A 80 0.70 57.63 7.85
C LEU A 80 0.97 57.69 9.34
N VAL A 81 1.45 58.83 9.85
CA VAL A 81 1.68 59.04 11.27
C VAL A 81 0.99 60.33 11.67
N GLY A 82 0.66 60.42 12.96
CA GLY A 82 0.02 61.59 13.50
C GLY A 82 -0.48 61.32 14.90
N PRO A 83 -1.74 61.63 15.17
CA PRO A 83 -2.33 61.28 16.46
C PRO A 83 -2.64 59.79 16.55
N GLU A 84 -3.27 59.41 17.65
CA GLU A 84 -3.61 58.01 17.89
C GLU A 84 -4.86 57.56 17.14
N ASN A 85 -5.42 58.40 16.27
CA ASN A 85 -6.51 58.04 15.37
C ASN A 85 -6.03 57.40 14.07
N ARG A 86 -4.78 56.97 14.00
CA ARG A 86 -4.22 56.38 12.80
C ARG A 86 -4.08 54.87 13.00
N ASN A 87 -5.06 54.13 12.52
CA ASN A 87 -4.94 52.70 12.30
C ASN A 87 -4.44 52.37 10.91
N ARG A 88 -4.02 53.39 10.14
CA ARG A 88 -3.56 53.22 8.78
C ARG A 88 -2.13 52.73 8.80
N SER A 89 -1.92 51.44 8.53
CA SER A 89 -0.58 50.88 8.64
C SER A 89 0.14 50.83 7.31
N VAL A 90 -0.44 50.18 6.31
CA VAL A 90 0.29 49.94 5.07
C VAL A 90 0.19 51.15 4.16
N LEU A 91 1.31 51.46 3.51
CA LEU A 91 1.37 52.46 2.46
C LEU A 91 1.08 51.86 1.11
N LEU A 92 1.46 50.60 0.90
CA LEU A 92 1.32 49.91 -0.36
C LEU A 92 1.49 48.43 -0.07
N SER A 93 0.87 47.60 -0.90
CA SER A 93 0.88 46.16 -0.67
C SER A 93 0.51 45.49 -1.98
N THR A 94 0.83 44.20 -2.07
CA THR A 94 0.29 43.37 -3.14
C THR A 94 -0.62 42.28 -2.61
N VAL A 95 -0.83 42.22 -1.30
CA VAL A 95 -1.77 41.31 -0.66
C VAL A 95 -2.54 42.08 0.41
N PRO A 96 -3.75 41.62 0.74
CA PRO A 96 -4.49 42.28 1.83
C PRO A 96 -3.85 41.91 3.17
N LYS A 97 -3.61 42.93 4.01
CA LYS A 97 -2.88 42.72 5.26
C LYS A 97 -3.65 41.87 6.28
N GLN A 98 -4.96 41.69 6.09
CA GLN A 98 -5.75 40.92 7.03
C GLN A 98 -5.60 39.41 6.85
N ALA A 99 -5.04 38.98 5.73
CA ALA A 99 -4.91 37.55 5.45
C ALA A 99 -3.87 36.92 6.37
N PRO A 100 -4.04 35.64 6.71
CA PRO A 100 -3.05 34.99 7.58
C PRO A 100 -1.70 34.78 6.91
N LYS A 101 -1.69 34.50 5.60
CA LYS A 101 -0.47 34.22 4.87
C LYS A 101 0.00 35.40 4.05
N ALA A 102 -0.44 36.61 4.39
CA ALA A 102 -0.07 37.77 3.61
C ALA A 102 1.36 38.22 3.84
N ILE A 103 1.95 37.86 4.97
CA ILE A 103 3.28 38.32 5.32
C ILE A 103 4.37 37.46 4.69
N ASP A 104 4.12 36.18 4.47
CA ASP A 104 5.13 35.27 3.96
C ASP A 104 4.92 34.90 2.50
N ARG A 105 4.12 35.67 1.76
CA ARG A 105 3.92 35.44 0.34
C ARG A 105 3.99 36.69 -0.51
N GLY A 106 3.80 37.87 0.03
CA GLY A 106 3.72 39.06 -0.79
C GLY A 106 4.60 40.19 -0.35
N LEU A 107 4.22 41.41 -0.70
CA LEU A 107 5.02 42.60 -0.44
C LEU A 107 4.23 43.55 0.44
N LEU A 108 4.95 44.29 1.29
CA LEU A 108 4.35 45.27 2.19
C LEU A 108 5.34 46.40 2.42
N ILE A 109 4.83 47.63 2.44
CA ILE A 109 5.61 48.80 2.82
C ILE A 109 4.91 49.31 4.08
N GLU A 110 4.45 48.35 4.89
CA GLU A 110 3.79 48.57 6.17
C GLU A 110 4.66 49.38 7.11
N ARG A 111 4.06 50.16 8.00
CA ARG A 111 4.77 50.92 9.01
C ARG A 111 4.75 50.14 10.32
N ILE A 112 5.86 49.49 10.64
CA ILE A 112 6.08 49.05 12.02
C ILE A 112 6.35 50.30 12.85
N ASN A 113 6.05 50.20 14.16
CA ASN A 113 5.71 51.28 15.10
C ASN A 113 6.38 52.64 14.91
N ASN A 114 7.68 52.65 14.61
CA ASN A 114 8.36 53.90 14.29
C ASN A 114 9.25 53.83 13.05
N ASP A 115 9.32 52.69 12.36
CA ASP A 115 10.17 52.53 11.20
C ASP A 115 9.35 52.15 9.98
N LEU A 116 9.60 52.81 8.86
CA LEU A 116 8.98 52.47 7.59
C LEU A 116 9.82 51.39 6.93
N THR A 117 9.30 50.17 6.91
CA THR A 117 10.04 49.03 6.32
C THR A 117 9.19 48.37 5.23
N VAL A 118 9.83 47.59 4.36
CA VAL A 118 9.12 46.87 3.26
C VAL A 118 9.47 45.39 3.39
N ILE A 119 8.52 44.57 3.86
CA ILE A 119 8.79 43.12 4.04
C ILE A 119 8.45 42.41 2.73
N VAL A 120 9.47 41.79 2.11
CA VAL A 120 9.27 41.05 0.84
C VAL A 120 9.56 39.57 1.11
N ARG A 121 8.59 38.71 0.82
CA ARG A 121 8.73 37.25 1.05
C ARG A 121 9.25 36.98 2.46
N ASN A 122 8.61 37.55 3.49
CA ASN A 122 8.99 37.30 4.91
C ASN A 122 10.40 37.75 5.30
N THR A 123 11.11 38.52 4.50
CA THR A 123 12.46 38.90 4.93
C THR A 123 12.63 40.38 4.73
N PRO A 124 13.08 41.23 5.67
CA PRO A 124 13.14 42.65 5.40
C PRO A 124 14.16 43.01 4.33
N VAL A 125 13.94 44.08 3.60
CA VAL A 125 14.89 44.52 2.54
C VAL A 125 15.58 45.80 2.99
N VAL A 126 14.87 46.85 3.31
CA VAL A 126 15.44 48.14 3.70
C VAL A 126 14.51 48.77 4.73
N SER A 127 15.08 49.61 5.59
CA SER A 127 14.31 50.25 6.66
C SER A 127 14.93 51.59 6.97
N ALA A 128 14.12 52.48 7.56
CA ALA A 128 14.57 53.82 7.93
C ALA A 128 13.66 54.42 8.99
N PRO A 129 14.19 55.24 9.90
CA PRO A 129 13.33 55.92 10.88
C PRO A 129 12.42 56.94 10.21
N LEU A 130 11.23 57.09 10.79
CA LEU A 130 10.14 57.77 10.09
C LEU A 130 10.31 59.28 10.09
N GLU A 131 10.84 59.84 11.19
CA GLU A 131 11.17 61.26 11.19
C GLU A 131 12.37 61.55 10.30
N GLN A 132 13.15 60.54 9.96
CA GLN A 132 14.23 60.71 9.00
C GLN A 132 13.72 60.55 7.57
N VAL A 133 12.63 59.80 7.38
CA VAL A 133 11.97 59.73 6.07
C VAL A 133 11.23 61.03 5.78
N LEU A 134 10.57 61.59 6.78
CA LEU A 134 9.85 62.87 6.59
C LEU A 134 10.78 64.10 6.59
N SER A 135 12.10 63.90 6.55
CA SER A 135 13.06 64.97 6.40
C SER A 135 12.97 65.57 5.00
N PRO A 136 13.60 66.72 4.74
CA PRO A 136 13.67 67.20 3.35
C PRO A 136 14.54 66.37 2.42
N ASP A 137 15.27 65.38 2.94
CA ASP A 137 15.96 64.38 2.13
C ASP A 137 15.01 63.22 1.85
N CYS A 138 15.56 62.08 1.41
CA CYS A 138 14.85 60.83 1.13
C CYS A 138 13.82 61.04 0.01
N ARG A 139 14.33 61.39 -1.16
CA ARG A 139 13.47 61.78 -2.27
C ARG A 139 12.72 60.63 -2.92
N TYR A 140 13.11 59.37 -2.67
CA TYR A 140 12.44 58.26 -3.33
C TYR A 140 12.42 57.06 -2.39
N LEU A 141 11.71 56.04 -2.82
CA LEU A 141 11.71 54.71 -2.22
C LEU A 141 11.78 53.68 -3.34
N THR A 142 12.80 53.81 -4.17
CA THR A 142 13.01 52.93 -5.32
C THR A 142 13.09 51.47 -4.89
N PHE A 143 12.34 50.61 -5.59
CA PHE A 143 12.32 49.19 -5.33
C PHE A 143 12.20 48.47 -6.66
N THR A 144 12.82 47.30 -6.77
CA THR A 144 12.84 46.53 -8.00
C THR A 144 12.88 45.05 -7.65
N ALA A 145 12.15 44.23 -8.40
CA ALA A 145 12.14 42.79 -8.18
C ALA A 145 12.30 42.06 -9.49
N HIS A 146 13.15 41.02 -9.49
CA HIS A 146 13.38 40.19 -10.65
C HIS A 146 13.52 38.75 -10.19
N ALA A 147 13.83 37.86 -11.14
CA ALA A 147 13.98 36.45 -10.85
C ALA A 147 15.30 36.10 -10.17
N ASP A 148 16.22 37.05 -10.07
CA ASP A 148 17.54 36.78 -9.49
C ASP A 148 17.82 37.65 -8.27
N LYS A 149 17.32 38.89 -8.25
CA LYS A 149 17.58 39.76 -7.11
C LYS A 149 16.43 40.74 -6.91
N VAL A 150 16.16 41.06 -5.65
CA VAL A 150 15.29 42.16 -5.26
C VAL A 150 16.15 43.21 -4.59
N THR A 151 15.70 44.46 -4.60
CA THR A 151 16.55 45.57 -4.16
C THR A 151 15.69 46.77 -3.79
N GLY A 152 15.94 47.35 -2.63
CA GLY A 152 15.29 48.58 -2.23
C GLY A 152 16.29 49.65 -1.87
N GLU A 153 15.85 50.90 -1.92
CA GLU A 153 16.75 52.02 -1.67
C GLU A 153 16.04 53.30 -1.27
N PHE A 154 16.36 53.86 -0.10
CA PHE A 154 15.93 55.19 0.30
C PHE A 154 16.91 56.18 -0.33
N VAL A 155 16.45 56.89 -1.37
CA VAL A 155 17.33 57.74 -2.16
C VAL A 155 17.40 59.11 -1.50
N GLY A 156 18.50 59.39 -0.80
CA GLY A 156 18.70 60.68 -0.18
C GLY A 156 19.38 60.66 1.17
N LEU A 157 19.29 59.54 1.89
CA LEU A 157 19.86 59.47 3.23
C LEU A 157 20.79 58.27 3.35
N THR A 158 21.62 58.31 4.39
CA THR A 158 22.62 57.29 4.70
C THR A 158 22.35 56.73 6.09
N GLN A 159 23.20 55.79 6.51
CA GLN A 159 23.05 55.19 7.83
C GLN A 159 23.49 56.17 8.92
N GLY A 160 23.30 55.75 10.16
CA GLY A 160 23.72 56.52 11.31
C GLY A 160 24.70 55.75 12.17
N PRO A 161 24.68 56.01 13.48
CA PRO A 161 25.52 55.23 14.39
C PRO A 161 24.95 53.85 14.68
N ASP A 162 25.19 52.91 13.77
CA ASP A 162 24.69 51.54 13.91
C ASP A 162 25.80 50.59 13.45
N ASP A 163 25.41 49.35 13.17
CA ASP A 163 26.35 48.32 12.76
C ASP A 163 27.06 48.64 11.44
N ASP A 164 26.37 49.33 10.54
CA ASP A 164 26.97 49.76 9.29
C ASP A 164 27.65 51.11 9.47
N ASP A 165 28.69 51.35 8.70
CA ASP A 165 29.35 52.65 8.77
C ASP A 165 28.46 53.70 8.12
N PRO A 166 28.28 54.86 8.75
CA PRO A 166 27.44 55.90 8.15
C PRO A 166 28.09 56.53 6.93
N GLY A 167 27.27 56.80 5.92
CA GLY A 167 27.76 57.32 4.66
C GLY A 167 27.91 56.24 3.60
N GLU A 168 26.91 55.36 3.51
CA GLU A 168 26.95 54.27 2.54
C GLU A 168 25.69 54.20 1.68
N ALA A 169 24.78 55.17 1.79
CA ALA A 169 23.62 55.36 0.91
C ALA A 169 22.71 54.12 0.93
N VAL A 170 22.02 53.95 2.06
CA VAL A 170 21.35 52.74 2.53
C VAL A 170 20.52 51.99 1.50
N ARG A 171 20.83 50.71 1.33
CA ARG A 171 20.20 49.83 0.36
C ARG A 171 19.95 48.49 1.02
N GLY A 172 19.50 47.53 0.22
CA GLY A 172 19.35 46.18 0.68
C GLY A 172 19.04 45.27 -0.48
N GLU A 173 19.76 44.17 -0.62
CA GLU A 173 19.58 43.25 -1.73
C GLU A 173 19.46 41.84 -1.19
N ARG A 174 18.70 41.01 -1.91
CA ARG A 174 18.56 39.60 -1.59
C ARG A 174 18.73 38.81 -2.88
N SER A 175 19.76 37.99 -2.95
CA SER A 175 20.07 37.23 -4.15
C SER A 175 20.24 35.74 -3.80
N GLY A 176 20.35 34.93 -4.84
CA GLY A 176 20.53 33.51 -4.64
C GLY A 176 19.26 32.72 -4.44
N TYR A 177 18.11 33.36 -4.61
CA TYR A 177 16.81 32.74 -4.42
C TYR A 177 15.79 33.61 -5.13
N ASP A 178 14.65 33.02 -5.47
CA ASP A 178 13.62 33.72 -6.23
C ASP A 178 12.67 34.38 -5.23
N PHE A 179 12.90 35.66 -4.96
CA PHE A 179 12.13 36.43 -4.00
C PHE A 179 11.06 37.28 -4.65
N ARG A 180 10.44 36.80 -5.70
CA ARG A 180 9.39 37.60 -6.31
C ARG A 180 8.11 37.50 -5.47
N PRO A 181 7.43 38.61 -5.22
CA PRO A 181 6.23 38.57 -4.40
C PRO A 181 5.00 38.15 -5.20
N GLN A 182 4.05 37.55 -4.51
CA GLN A 182 2.77 37.20 -5.11
C GLN A 182 1.83 38.40 -5.14
N ILE A 183 1.16 38.59 -6.26
CA ILE A 183 0.30 39.75 -6.48
C ILE A 183 -1.14 39.25 -6.63
N VAL A 184 -2.03 39.80 -5.81
CA VAL A 184 -3.47 39.55 -5.93
C VAL A 184 -4.18 40.90 -6.08
N GLY A 185 -3.42 41.94 -6.35
CA GLY A 185 -3.97 43.28 -6.48
C GLY A 185 -3.01 44.26 -5.89
N VAL A 186 -3.33 45.54 -5.85
CA VAL A 186 -2.48 46.54 -5.20
C VAL A 186 -3.34 47.30 -4.21
N PHE A 187 -3.08 47.11 -2.93
CA PHE A 187 -3.93 47.60 -1.86
C PHE A 187 -3.19 48.68 -1.09
N THR A 188 -3.95 49.55 -0.42
CA THR A 188 -3.38 50.67 0.31
C THR A 188 -4.33 51.08 1.43
N ASP A 189 -3.89 52.02 2.26
CA ASP A 189 -4.71 52.57 3.33
C ASP A 189 -4.80 54.08 3.31
N LEU A 190 -4.54 54.73 2.19
CA LEU A 190 -4.68 56.17 2.10
C LEU A 190 -5.90 56.51 1.25
N SER A 191 -6.25 57.80 1.23
CA SER A 191 -7.46 58.21 0.55
C SER A 191 -7.36 59.50 -0.26
N GLY A 192 -6.25 60.20 -0.25
CA GLY A 192 -6.18 61.50 -0.88
C GLY A 192 -5.96 61.44 -2.38
N PRO A 193 -5.66 62.59 -2.98
CA PRO A 193 -5.12 62.60 -4.35
C PRO A 193 -3.65 62.21 -4.33
N ALA A 194 -3.26 61.35 -5.28
CA ALA A 194 -1.90 60.82 -5.28
C ALA A 194 -0.91 61.89 -5.73
N PRO A 195 0.28 61.94 -5.13
CA PRO A 195 1.28 62.94 -5.51
C PRO A 195 2.00 62.53 -6.80
N GLU A 196 2.97 63.35 -7.17
CA GLU A 196 3.78 63.04 -8.35
C GLU A 196 4.81 61.97 -8.02
N GLY A 197 5.40 61.40 -9.06
CA GLY A 197 6.07 60.13 -8.87
C GLY A 197 5.01 59.08 -8.65
N LEU A 198 5.31 58.13 -7.75
CA LEU A 198 4.37 57.10 -7.28
C LEU A 198 3.86 56.26 -8.45
N GLN A 199 4.75 55.48 -9.04
CA GLN A 199 4.45 54.71 -10.23
C GLN A 199 4.83 53.26 -9.99
N LEU A 200 3.85 52.43 -9.67
CA LEU A 200 4.05 51.00 -9.69
C LEU A 200 3.85 50.47 -11.11
N SER A 201 4.65 49.48 -11.48
CA SER A 201 4.54 48.85 -12.79
C SER A 201 4.87 47.37 -12.65
N ALA A 202 4.19 46.54 -13.41
CA ALA A 202 4.42 45.11 -13.38
C ALA A 202 4.00 44.52 -14.71
N THR A 203 4.92 43.83 -15.39
CA THR A 203 4.60 43.18 -16.65
C THR A 203 4.10 41.78 -16.36
N ILE A 204 2.85 41.51 -16.73
CA ILE A 204 2.24 40.23 -16.44
C ILE A 204 2.76 39.17 -17.41
N ASP A 205 2.95 37.95 -16.89
CA ASP A 205 3.46 36.85 -17.69
C ASP A 205 2.34 36.31 -18.59
N THR A 206 2.15 36.98 -19.72
CA THR A 206 1.24 36.49 -20.75
C THR A 206 2.03 35.81 -21.87
N ARG A 207 2.74 34.75 -21.54
CA ARG A 207 3.55 34.10 -22.55
C ARG A 207 2.79 33.06 -23.34
N TYR A 208 1.60 32.68 -22.90
CA TYR A 208 0.78 31.71 -23.62
C TYR A 208 -0.38 32.37 -24.36
N SER A 209 -0.45 33.70 -24.35
CA SER A 209 -1.48 34.45 -25.05
C SER A 209 -1.00 34.84 -26.45
N THR A 210 -0.55 33.84 -27.19
CA THR A 210 0.02 34.04 -28.50
C THR A 210 -1.03 33.85 -29.59
N SER A 211 -0.59 33.99 -30.83
CA SER A 211 -1.41 33.84 -32.02
C SER A 211 -0.46 33.60 -33.19
N PRO A 212 -0.83 32.77 -34.17
CA PRO A 212 0.06 32.52 -35.31
C PRO A 212 0.25 33.77 -36.16
N THR A 213 1.42 33.88 -36.77
CA THR A 213 1.68 34.93 -37.72
C THR A 213 1.33 34.43 -39.12
N LEU A 214 1.64 35.21 -40.15
CA LEU A 214 1.28 34.83 -41.51
C LEU A 214 2.11 33.66 -42.00
N LEU A 215 3.41 33.67 -41.66
CA LEU A 215 4.34 32.66 -42.16
C LEU A 215 4.05 31.28 -41.56
N LYS A 216 3.74 31.24 -40.27
CA LYS A 216 3.40 29.98 -39.61
C LYS A 216 2.08 29.41 -40.13
N LEU A 217 1.13 30.29 -40.44
CA LEU A 217 -0.17 29.85 -40.92
C LEU A 217 -0.06 29.30 -42.35
N LEU A 218 0.71 29.97 -43.20
CA LEU A 218 0.95 29.46 -44.56
C LEU A 218 1.73 28.17 -44.55
N ALA A 219 2.68 28.01 -43.62
CA ALA A 219 3.43 26.76 -43.53
C ALA A 219 2.53 25.61 -43.10
N MET A 220 1.59 25.86 -42.18
CA MET A 220 0.68 24.80 -41.77
C MET A 220 -0.28 24.40 -42.89
N ILE A 221 -0.81 25.38 -43.63
CA ILE A 221 -1.72 25.10 -44.74
C ILE A 221 -1.02 24.32 -45.84
N VAL A 222 0.16 24.78 -46.27
CA VAL A 222 0.89 24.11 -47.35
C VAL A 222 1.37 22.73 -46.93
N GLY A 223 1.72 22.54 -45.65
CA GLY A 223 2.12 21.21 -45.21
C GLY A 223 0.99 20.20 -45.21
N VAL A 224 -0.20 20.62 -44.78
CA VAL A 224 -1.34 19.70 -44.79
C VAL A 224 -1.75 19.37 -46.23
N ALA A 225 -1.70 20.37 -47.12
CA ALA A 225 -2.03 20.13 -48.53
C ALA A 225 -1.04 19.17 -49.20
N MET A 226 0.25 19.33 -48.89
CA MET A 226 1.25 18.43 -49.47
C MET A 226 1.14 17.02 -48.92
N THR A 227 0.73 16.87 -47.65
CA THR A 227 0.52 15.54 -47.10
C THR A 227 -0.65 14.83 -47.79
N VAL A 228 -1.74 15.55 -48.04
CA VAL A 228 -2.88 14.96 -48.74
C VAL A 228 -2.51 14.55 -50.16
N ILE A 229 -1.75 15.40 -50.87
CA ILE A 229 -1.36 15.08 -52.24
C ILE A 229 -0.40 13.90 -52.28
N ALA A 230 0.48 13.78 -51.27
CA ALA A 230 1.40 12.65 -51.21
C ALA A 230 0.68 11.34 -50.98
N LEU A 231 -0.33 11.32 -50.10
CA LEU A 231 -1.06 10.07 -49.90
C LEU A 231 -1.98 9.73 -51.08
N GLY A 232 -2.46 10.73 -51.82
CA GLY A 232 -3.18 10.42 -53.05
C GLY A 232 -2.30 9.78 -54.10
N ALA A 233 -1.06 10.28 -54.23
CA ALA A 233 -0.11 9.66 -55.15
C ALA A 233 0.29 8.27 -54.69
N LEU A 234 0.33 8.05 -53.37
CA LEU A 234 0.59 6.71 -52.84
C LEU A 234 -0.52 5.73 -53.20
N HIS A 235 -1.78 6.19 -53.20
CA HIS A 235 -2.87 5.33 -53.64
C HIS A 235 -2.78 5.02 -55.12
N VAL A 236 -2.41 6.01 -55.94
CA VAL A 236 -2.28 5.77 -57.38
C VAL A 236 -1.14 4.78 -57.65
N LEU A 237 -0.10 4.80 -56.82
CA LEU A 237 0.94 3.76 -56.95
C LEU A 237 0.43 2.40 -56.49
N ASP A 238 -0.40 2.36 -55.44
CA ASP A 238 -0.87 1.07 -54.94
C ASP A 238 -1.86 0.40 -55.87
N CYS A 239 -2.58 1.16 -56.69
CA CYS A 239 -3.52 0.54 -57.61
C CYS A 239 -2.89 0.10 -58.92
N ALA A 240 -1.57 -0.14 -58.95
CA ALA A 240 -0.91 -0.52 -60.19
C ALA A 240 -1.31 -1.92 -60.61
N ASP A 241 -1.34 -2.87 -59.66
CA ASP A 241 -1.90 -4.18 -59.93
C ASP A 241 -3.41 -4.06 -60.18
N GLY A 242 -3.89 -4.70 -61.25
CA GLY A 242 -5.28 -4.50 -61.62
C GLY A 242 -6.28 -5.14 -60.69
N ARG A 243 -6.86 -4.31 -59.83
CA ARG A 243 -7.85 -4.65 -58.81
C ARG A 243 -8.58 -3.36 -58.45
N ARG A 244 -9.88 -3.41 -58.29
CA ARG A 244 -10.65 -2.20 -58.07
C ARG A 244 -11.16 -2.15 -56.63
N HIS A 245 -11.99 -1.17 -56.32
CA HIS A 245 -12.37 -0.88 -54.94
C HIS A 245 -13.47 -1.80 -54.44
N LYS A 246 -14.65 -1.71 -55.05
CA LYS A 246 -15.86 -2.53 -54.89
C LYS A 246 -16.57 -2.42 -53.53
N ARG A 247 -15.95 -1.77 -52.54
CA ARG A 247 -16.52 -1.37 -51.25
C ARG A 247 -15.41 -0.80 -50.37
N PHE A 248 -15.81 -0.25 -49.23
CA PHE A 248 -14.93 0.27 -48.19
C PHE A 248 -15.13 -0.40 -46.85
N LEU A 249 -16.36 -0.59 -46.43
CA LEU A 249 -16.85 -1.18 -45.20
C LEU A 249 -16.86 -2.70 -45.29
N PRO A 250 -16.94 -3.41 -44.16
CA PRO A 250 -17.16 -4.87 -44.22
C PRO A 250 -18.50 -5.27 -44.80
N SER A 251 -18.74 -6.59 -44.86
CA SER A 251 -19.83 -7.13 -45.66
C SER A 251 -21.16 -6.95 -44.96
N ARG A 252 -21.31 -7.53 -43.76
CA ARG A 252 -22.57 -7.49 -43.05
C ARG A 252 -22.64 -6.32 -42.07
N TRP A 253 -22.50 -5.12 -42.63
CA TRP A 253 -22.47 -3.91 -41.83
C TRP A 253 -23.83 -3.30 -41.54
N TRP A 254 -24.74 -3.32 -42.51
CA TRP A 254 -26.06 -2.70 -42.33
C TRP A 254 -27.09 -3.78 -42.07
N SER A 255 -27.07 -4.31 -40.85
CA SER A 255 -27.97 -5.39 -40.41
C SER A 255 -27.89 -5.48 -38.91
N MET A 256 -28.88 -6.09 -38.28
CA MET A 256 -28.86 -6.31 -36.84
C MET A 256 -29.18 -7.74 -36.50
N THR A 257 -28.64 -8.19 -35.37
CA THR A 257 -28.86 -9.50 -34.79
C THR A 257 -29.42 -9.29 -33.39
N PRO A 258 -29.90 -10.35 -32.72
CA PRO A 258 -30.30 -10.20 -31.31
C PRO A 258 -29.18 -9.78 -30.35
N LEU A 259 -27.95 -10.24 -30.57
CA LEU A 259 -26.86 -9.89 -29.67
C LEU A 259 -26.47 -8.42 -29.82
N ASP A 260 -26.60 -7.89 -31.04
CA ASP A 260 -26.32 -6.47 -31.27
C ASP A 260 -27.37 -5.61 -30.60
N GLY A 261 -28.63 -6.05 -30.63
CA GLY A 261 -29.69 -5.33 -29.94
C GLY A 261 -29.54 -5.36 -28.44
N LEU A 262 -29.06 -6.48 -27.90
CA LEU A 262 -28.82 -6.56 -26.46
C LEU A 262 -27.69 -5.65 -26.01
N VAL A 263 -26.57 -5.65 -26.76
CA VAL A 263 -25.44 -4.79 -26.39
C VAL A 263 -25.80 -3.32 -26.54
N SER A 264 -26.58 -2.98 -27.57
CA SER A 264 -27.03 -1.60 -27.75
C SER A 264 -27.97 -1.15 -26.64
N ALA A 265 -28.86 -2.04 -26.19
CA ALA A 265 -29.77 -1.70 -25.10
C ALA A 265 -29.03 -1.48 -23.80
N MET A 266 -28.02 -2.32 -23.50
CA MET A 266 -27.24 -2.14 -22.28
C MET A 266 -26.46 -0.84 -22.31
N LEU A 267 -25.92 -0.47 -23.48
CA LEU A 267 -25.17 0.78 -23.59
C LEU A 267 -26.06 2.01 -23.43
N VAL A 268 -27.25 2.00 -24.04
CA VAL A 268 -28.15 3.16 -23.93
C VAL A 268 -28.67 3.31 -22.50
N TRP A 269 -29.03 2.19 -21.87
CA TRP A 269 -29.56 2.28 -20.51
C TRP A 269 -28.48 2.65 -19.50
N TRP A 270 -27.24 2.23 -19.74
CA TRP A 270 -26.15 2.69 -18.88
C TRP A 270 -25.80 4.15 -19.16
N HIS A 271 -26.08 4.64 -20.37
CA HIS A 271 -25.90 6.06 -20.64
C HIS A 271 -26.88 6.90 -19.82
N PHE A 272 -28.07 6.37 -19.56
CA PHE A 272 -28.97 7.14 -18.69
C PHE A 272 -28.77 6.90 -17.19
N VAL A 273 -28.97 5.68 -16.70
CA VAL A 273 -28.77 5.38 -15.27
C VAL A 273 -27.38 4.77 -15.11
N GLY A 274 -26.37 5.62 -15.00
CA GLY A 274 -25.02 5.11 -15.06
C GLY A 274 -24.07 5.95 -14.25
N ALA A 275 -23.05 5.31 -13.72
CA ALA A 275 -22.03 6.00 -12.96
C ALA A 275 -21.05 6.67 -13.90
N ASN A 276 -20.57 7.84 -13.49
CA ASN A 276 -19.62 8.63 -14.24
C ASN A 276 -18.24 8.49 -13.61
N THR A 277 -17.22 8.85 -14.38
CA THR A 277 -15.86 8.76 -13.89
C THR A 277 -15.55 9.94 -12.98
N ALA A 278 -14.33 9.97 -12.44
CA ALA A 278 -13.95 11.04 -11.54
C ALA A 278 -13.71 12.35 -12.28
N ASP A 279 -13.08 12.29 -13.45
CA ASP A 279 -12.63 13.49 -14.15
C ASP A 279 -13.61 13.83 -15.27
N ASP A 280 -14.74 14.36 -14.90
CA ASP A 280 -15.68 14.91 -15.88
C ASP A 280 -15.92 16.38 -15.66
N GLY A 281 -16.06 16.82 -14.42
CA GLY A 281 -16.16 18.24 -14.15
C GLY A 281 -14.86 18.97 -14.39
N TYR A 282 -13.75 18.25 -14.23
CA TYR A 282 -12.42 18.76 -14.54
C TYR A 282 -12.32 19.17 -16.00
N ILE A 283 -12.59 18.23 -16.90
CA ILE A 283 -12.51 18.44 -18.33
C ILE A 283 -13.60 19.38 -18.82
N LEU A 284 -14.80 19.32 -18.22
CA LEU A 284 -15.86 20.22 -18.65
C LEU A 284 -15.56 21.67 -18.27
N THR A 285 -14.95 21.89 -17.11
CA THR A 285 -14.62 23.25 -16.71
C THR A 285 -13.46 23.81 -17.52
N MET A 286 -12.44 22.97 -17.80
CA MET A 286 -11.36 23.35 -18.70
C MET A 286 -11.88 23.75 -20.08
N ALA A 287 -12.72 22.90 -20.67
CA ALA A 287 -13.26 23.15 -22.00
C ALA A 287 -14.20 24.34 -22.02
N ARG A 288 -14.82 24.68 -20.88
CA ARG A 288 -15.73 25.80 -20.89
C ARG A 288 -14.98 27.13 -20.80
N VAL A 289 -13.88 27.17 -20.03
CA VAL A 289 -13.16 28.44 -19.90
C VAL A 289 -12.12 28.70 -20.99
N SER A 290 -11.75 27.68 -21.77
CA SER A 290 -10.67 27.84 -22.73
C SER A 290 -11.00 28.75 -23.91
N GLU A 291 -12.27 29.04 -24.17
CA GLU A 291 -12.57 29.91 -25.30
C GLU A 291 -12.31 31.36 -24.98
N HIS A 292 -12.70 31.80 -23.78
CA HIS A 292 -12.42 33.16 -23.36
C HIS A 292 -10.96 33.35 -23.03
N ALA A 293 -10.29 32.31 -22.51
CA ALA A 293 -8.87 32.45 -22.18
C ALA A 293 -8.00 32.65 -23.41
N GLY A 294 -8.39 32.08 -24.54
CA GLY A 294 -7.60 32.14 -25.75
C GLY A 294 -6.66 30.98 -25.94
N TYR A 295 -6.56 30.08 -24.96
CA TYR A 295 -5.68 28.92 -25.05
C TYR A 295 -6.22 27.88 -24.08
N MET A 296 -5.70 26.65 -24.20
CA MET A 296 -6.21 25.53 -23.42
C MET A 296 -5.35 25.35 -22.18
N ALA A 297 -5.67 26.09 -21.13
CA ALA A 297 -4.94 26.01 -19.88
C ALA A 297 -5.44 24.84 -19.05
N ASN A 298 -4.53 24.25 -18.29
CA ASN A 298 -4.93 23.39 -17.19
C ASN A 298 -5.33 24.30 -16.04
N TYR A 299 -6.54 24.11 -15.54
CA TYR A 299 -7.21 25.19 -14.83
C TYR A 299 -7.03 25.06 -13.33
N TYR A 300 -6.96 23.84 -12.83
CA TYR A 300 -6.92 23.60 -11.40
C TYR A 300 -5.53 23.42 -10.85
N ARG A 301 -4.49 23.36 -11.69
CA ARG A 301 -3.16 23.07 -11.18
C ARG A 301 -2.14 23.64 -12.15
N TRP A 302 -0.94 23.90 -11.62
CA TRP A 302 0.28 24.25 -12.34
C TRP A 302 0.24 25.60 -13.04
N PHE A 303 -0.25 26.63 -12.33
CA PHE A 303 0.10 28.03 -12.59
C PHE A 303 -0.39 28.55 -13.93
N GLY A 304 -1.38 27.90 -14.53
CA GLY A 304 -1.89 28.35 -15.81
C GLY A 304 -1.11 27.87 -17.01
N THR A 305 -0.25 26.87 -16.80
CA THR A 305 0.53 26.23 -17.90
C THR A 305 -0.46 25.43 -18.74
N PRO A 306 -0.37 25.41 -20.10
CA PRO A 306 -1.35 24.73 -20.92
C PRO A 306 -1.17 23.21 -20.89
N GLU A 307 -2.19 22.52 -21.42
CA GLU A 307 -2.09 21.12 -21.81
C GLU A 307 -1.26 21.09 -23.09
N SER A 308 0.04 20.85 -22.92
CA SER A 308 0.96 21.38 -23.93
C SER A 308 0.99 20.52 -25.20
N PRO A 309 1.31 19.18 -25.22
CA PRO A 309 1.05 18.46 -26.47
C PRO A 309 -0.26 17.69 -26.47
N PHE A 310 -0.91 17.55 -25.32
CA PHE A 310 -2.03 16.64 -25.19
C PHE A 310 -3.34 17.39 -25.16
N GLY A 311 -4.41 16.71 -25.56
CA GLY A 311 -5.73 17.29 -25.55
C GLY A 311 -6.06 18.10 -26.78
N TRP A 312 -5.96 17.48 -27.95
CA TRP A 312 -6.39 18.13 -29.18
C TRP A 312 -7.89 18.18 -29.33
N TYR A 313 -8.63 17.36 -28.58
CA TYR A 313 -10.05 17.19 -28.75
C TYR A 313 -10.86 17.96 -27.71
N TYR A 314 -10.18 18.62 -26.76
CA TYR A 314 -10.87 19.50 -25.82
C TYR A 314 -11.45 20.71 -26.52
N ASP A 315 -10.86 21.12 -27.63
CA ASP A 315 -11.43 22.21 -28.43
C ASP A 315 -12.68 21.75 -29.16
N LEU A 316 -12.73 20.47 -29.54
CA LEU A 316 -13.94 19.92 -30.10
C LEU A 316 -15.05 19.83 -29.05
N LEU A 317 -14.68 19.48 -27.82
CA LEU A 317 -15.67 19.52 -26.73
C LEU A 317 -16.13 20.93 -26.44
N ALA A 318 -15.24 21.92 -26.57
CA ALA A 318 -15.62 23.30 -26.35
C ALA A 318 -16.57 23.80 -27.44
N LEU A 319 -16.44 23.29 -28.67
CA LEU A 319 -17.43 23.59 -29.71
C LEU A 319 -18.72 22.83 -29.49
N TRP A 320 -18.62 21.60 -28.99
CA TRP A 320 -19.79 20.74 -28.78
C TRP A 320 -20.68 21.27 -27.66
N ALA A 321 -20.07 21.90 -26.67
CA ALA A 321 -20.81 22.47 -25.54
C ALA A 321 -21.53 23.74 -25.86
N HIS A 322 -21.68 24.21 -27.09
CA HIS A 322 -22.48 25.40 -27.34
C HIS A 322 -23.96 25.10 -27.47
N VAL A 323 -24.33 23.84 -27.71
CA VAL A 323 -25.74 23.48 -27.78
C VAL A 323 -26.35 23.48 -26.39
N SER A 324 -25.82 22.63 -25.52
CA SER A 324 -26.14 22.64 -24.09
C SER A 324 -25.04 21.94 -23.34
N THR A 325 -24.84 22.35 -22.09
CA THR A 325 -23.99 21.63 -21.15
C THR A 325 -24.91 20.82 -20.23
N ALA A 326 -25.40 19.70 -20.74
CA ALA A 326 -26.13 18.72 -19.96
C ALA A 326 -25.34 17.43 -20.01
N SER A 327 -25.53 16.57 -19.01
CA SER A 327 -24.69 15.39 -18.90
C SER A 327 -25.07 14.33 -19.93
N VAL A 328 -26.29 14.38 -20.46
CA VAL A 328 -26.69 13.43 -21.50
C VAL A 328 -26.30 13.95 -22.87
N TRP A 329 -26.04 15.25 -22.98
CA TRP A 329 -25.55 15.78 -24.25
C TRP A 329 -24.04 15.72 -24.34
N MET A 330 -23.35 15.98 -23.24
CA MET A 330 -21.89 16.04 -23.29
C MET A 330 -21.25 14.67 -23.42
N ARG A 331 -21.91 13.61 -22.96
CA ARG A 331 -21.36 12.27 -23.03
C ARG A 331 -21.89 11.47 -24.19
N PHE A 332 -22.57 12.09 -25.14
CA PHE A 332 -23.11 11.41 -26.31
C PHE A 332 -22.07 10.96 -27.34
N PRO A 333 -20.97 11.70 -27.61
CA PRO A 333 -19.91 11.09 -28.45
C PRO A 333 -19.27 9.85 -27.86
N THR A 334 -19.23 9.73 -26.54
CA THR A 334 -18.71 8.52 -25.92
C THR A 334 -19.64 7.33 -26.16
N LEU A 335 -20.96 7.58 -26.19
CA LEU A 335 -21.92 6.55 -26.55
C LEU A 335 -21.74 6.11 -28.01
N LEU A 336 -21.50 7.07 -28.90
CA LEU A 336 -21.28 6.72 -30.31
C LEU A 336 -19.97 5.96 -30.49
N MET A 337 -18.95 6.28 -29.69
CA MET A 337 -17.70 5.53 -29.76
C MET A 337 -17.87 4.11 -29.24
N GLY A 338 -18.69 3.91 -28.23
CA GLY A 338 -18.96 2.55 -27.77
C GLY A 338 -19.70 1.71 -28.78
N LEU A 339 -20.71 2.31 -29.44
CA LEU A 339 -21.42 1.60 -30.50
C LEU A 339 -20.50 1.27 -31.67
N ALA A 340 -19.69 2.23 -32.13
CA ALA A 340 -18.77 1.98 -33.22
C ALA A 340 -17.71 0.95 -32.86
N CYS A 341 -17.30 0.93 -31.59
CA CYS A 341 -16.30 -0.03 -31.15
C CYS A 341 -16.82 -1.46 -31.19
N TRP A 342 -18.07 -1.67 -30.76
CA TRP A 342 -18.63 -3.02 -30.85
C TRP A 342 -18.94 -3.45 -32.28
N TRP A 343 -19.35 -2.52 -33.14
CA TRP A 343 -19.62 -2.91 -34.51
C TRP A 343 -18.33 -3.18 -35.28
N VAL A 344 -17.23 -2.51 -34.91
CA VAL A 344 -15.92 -2.85 -35.45
C VAL A 344 -15.44 -4.21 -34.94
N ILE A 345 -15.68 -4.52 -33.66
CA ILE A 345 -15.28 -5.83 -33.12
C ILE A 345 -16.05 -6.97 -33.80
N SER A 346 -17.36 -6.84 -33.89
CA SER A 346 -18.17 -7.95 -34.38
C SER A 346 -18.17 -8.08 -35.90
N ARG A 347 -17.89 -7.00 -36.66
CA ARG A 347 -17.94 -7.10 -38.11
C ARG A 347 -16.58 -7.20 -38.78
N GLU A 348 -15.51 -6.83 -38.10
CA GLU A 348 -14.19 -6.79 -38.73
C GLU A 348 -13.20 -7.74 -38.08
N VAL A 349 -13.24 -7.91 -36.77
CA VAL A 349 -12.20 -8.68 -36.10
C VAL A 349 -12.55 -10.16 -36.03
N ILE A 350 -13.74 -10.48 -35.54
CA ILE A 350 -14.16 -11.88 -35.35
C ILE A 350 -14.26 -12.66 -36.67
N PRO A 351 -14.80 -12.16 -37.78
CA PRO A 351 -14.65 -12.91 -39.04
C PRO A 351 -13.25 -12.93 -39.61
N ARG A 352 -12.33 -12.13 -39.09
CA ARG A 352 -10.93 -12.20 -39.49
C ARG A 352 -10.14 -13.24 -38.71
N LEU A 353 -10.48 -13.52 -37.47
CA LEU A 353 -9.71 -14.48 -36.66
C LEU A 353 -9.91 -15.94 -37.05
N GLY A 354 -10.62 -16.31 -38.10
CA GLY A 354 -10.64 -17.71 -38.44
C GLY A 354 -12.02 -18.18 -38.77
N ALA A 355 -12.18 -19.49 -38.87
CA ALA A 355 -13.48 -20.10 -39.14
C ALA A 355 -14.14 -20.60 -37.87
N ALA A 356 -13.35 -21.12 -36.94
CA ALA A 356 -13.90 -21.60 -35.68
C ALA A 356 -14.28 -20.45 -34.77
N ALA A 357 -13.71 -19.27 -34.98
CA ALA A 357 -14.15 -18.09 -34.26
C ALA A 357 -15.33 -17.41 -34.94
N LYS A 358 -15.54 -17.66 -36.21
CA LYS A 358 -16.59 -17.01 -36.97
C LYS A 358 -17.89 -17.78 -36.93
N HIS A 359 -17.86 -19.11 -36.86
CA HIS A 359 -19.09 -19.88 -36.87
C HIS A 359 -19.58 -20.28 -35.50
N SER A 360 -18.88 -19.93 -34.42
CA SER A 360 -19.30 -20.29 -33.09
C SER A 360 -20.02 -19.13 -32.42
N ARG A 361 -20.97 -19.45 -31.54
CA ARG A 361 -21.76 -18.43 -30.89
C ARG A 361 -21.23 -18.07 -29.51
N ALA A 362 -20.55 -19.01 -28.84
CA ALA A 362 -19.99 -18.73 -27.52
C ALA A 362 -18.89 -17.69 -27.59
N ALA A 363 -18.15 -17.64 -28.70
CA ALA A 363 -17.15 -16.61 -28.91
C ALA A 363 -17.79 -15.23 -29.00
N ALA A 364 -18.92 -15.13 -29.69
CA ALA A 364 -19.62 -13.85 -29.81
C ALA A 364 -20.18 -13.39 -28.48
N TRP A 365 -20.75 -14.32 -27.70
CA TRP A 365 -21.33 -13.93 -26.41
C TRP A 365 -20.26 -13.56 -25.40
N THR A 366 -19.11 -14.24 -25.38
CA THR A 366 -18.10 -13.81 -24.42
C THR A 366 -17.32 -12.60 -24.89
N ALA A 367 -17.26 -12.33 -26.20
CA ALA A 367 -16.66 -11.10 -26.67
C ALA A 367 -17.52 -9.90 -26.30
N ALA A 368 -18.84 -10.03 -26.47
CA ALA A 368 -19.77 -9.01 -26.00
C ALA A 368 -19.69 -8.81 -24.50
N GLY A 369 -19.49 -9.89 -23.76
CA GLY A 369 -19.40 -9.78 -22.29
C GLY A 369 -18.15 -9.09 -21.79
N LEU A 370 -16.97 -9.44 -22.33
CA LEU A 370 -15.76 -8.75 -21.91
C LEU A 370 -15.72 -7.31 -22.41
N PHE A 371 -16.33 -7.03 -23.57
CA PHE A 371 -16.46 -5.65 -24.02
C PHE A 371 -17.30 -4.83 -23.04
N LEU A 372 -18.47 -5.34 -22.64
CA LEU A 372 -19.28 -4.57 -21.71
C LEU A 372 -18.67 -4.49 -20.31
N ALA A 373 -17.97 -5.55 -19.88
CA ALA A 373 -17.35 -5.55 -18.56
C ALA A 373 -16.18 -4.57 -18.47
N PHE A 374 -15.53 -4.29 -19.59
CA PHE A 374 -14.57 -3.19 -19.59
C PHE A 374 -15.19 -1.83 -19.86
N TRP A 375 -16.23 -1.74 -20.69
CA TRP A 375 -16.76 -0.44 -21.07
C TRP A 375 -17.54 0.22 -19.94
N LEU A 376 -18.37 -0.55 -19.22
CA LEU A 376 -19.33 0.09 -18.32
C LEU A 376 -18.70 0.71 -17.08
N PRO A 377 -17.83 0.06 -16.31
CA PRO A 377 -17.26 0.77 -15.15
C PRO A 377 -16.16 1.77 -15.46
N LEU A 378 -15.66 1.85 -16.69
CA LEU A 378 -14.42 2.57 -16.95
C LEU A 378 -14.50 3.62 -18.04
N ASN A 379 -15.53 3.63 -18.89
CA ASN A 379 -15.54 4.53 -20.04
C ASN A 379 -16.83 5.32 -20.14
N ASN A 380 -17.50 5.65 -19.04
CA ASN A 380 -18.70 6.48 -19.12
C ASN A 380 -18.39 7.92 -18.71
N GLY A 381 -17.63 8.61 -19.56
CA GLY A 381 -17.25 9.96 -19.22
C GLY A 381 -16.61 10.69 -20.38
N LEU A 382 -15.87 11.73 -20.04
CA LEU A 382 -15.25 12.63 -21.00
C LEU A 382 -13.75 12.41 -21.14
N ARG A 383 -13.21 11.37 -20.50
CA ARG A 383 -11.79 11.09 -20.53
C ARG A 383 -11.35 10.62 -21.92
N PRO A 384 -10.05 10.61 -22.21
CA PRO A 384 -9.61 10.15 -23.53
C PRO A 384 -9.61 8.64 -23.74
N GLU A 385 -10.07 7.85 -22.78
CA GLU A 385 -10.02 6.40 -22.80
C GLU A 385 -10.83 5.75 -23.95
N PRO A 386 -12.08 6.17 -24.27
CA PRO A 386 -12.71 5.59 -25.47
C PRO A 386 -12.04 5.96 -26.78
N ILE A 387 -11.46 7.16 -26.86
CA ILE A 387 -10.73 7.58 -28.07
C ILE A 387 -9.53 6.67 -28.30
N ILE A 388 -8.80 6.36 -27.22
CA ILE A 388 -7.62 5.54 -27.32
C ILE A 388 -7.99 4.08 -27.62
N ALA A 389 -9.08 3.59 -27.05
CA ALA A 389 -9.54 2.23 -27.32
C ALA A 389 -9.95 2.05 -28.79
N LEU A 390 -10.78 2.97 -29.29
CA LEU A 390 -11.18 2.91 -30.69
C LEU A 390 -10.01 3.16 -31.63
N GLY A 391 -9.03 3.96 -31.22
CA GLY A 391 -7.87 4.18 -32.05
C GLY A 391 -6.95 2.97 -32.15
N ILE A 392 -6.81 2.22 -31.06
CA ILE A 392 -6.03 0.98 -31.11
C ILE A 392 -6.70 -0.06 -32.00
N LEU A 393 -8.03 -0.16 -31.94
CA LEU A 393 -8.73 -1.07 -32.85
C LEU A 393 -8.60 -0.65 -34.31
N LEU A 394 -8.74 0.64 -34.60
CA LEU A 394 -8.65 1.06 -36.00
C LEU A 394 -7.22 0.98 -36.52
N THR A 395 -6.22 1.14 -35.65
CA THR A 395 -4.83 0.93 -36.07
C THR A 395 -4.58 -0.51 -36.44
N TRP A 396 -5.03 -1.46 -35.59
CA TRP A 396 -4.84 -2.87 -35.90
C TRP A 396 -5.63 -3.30 -37.13
N CYS A 397 -6.82 -2.74 -37.34
CA CYS A 397 -7.62 -3.12 -38.49
C CYS A 397 -7.03 -2.57 -39.79
N SER A 398 -6.48 -1.35 -39.76
CA SER A 398 -5.85 -0.81 -40.96
C SER A 398 -4.58 -1.58 -41.32
N VAL A 399 -3.76 -1.91 -40.32
CA VAL A 399 -2.56 -2.70 -40.56
C VAL A 399 -2.92 -4.08 -41.09
N GLU A 400 -3.94 -4.71 -40.51
CA GLU A 400 -4.35 -6.06 -40.92
C GLU A 400 -4.91 -6.06 -42.33
N ARG A 401 -5.54 -4.96 -42.74
CA ARG A 401 -6.00 -4.85 -44.12
C ARG A 401 -4.84 -4.54 -45.08
N GLY A 402 -3.78 -3.91 -44.58
CA GLY A 402 -2.63 -3.66 -45.44
C GLY A 402 -1.83 -4.92 -45.73
N VAL A 403 -1.84 -5.88 -44.81
CA VAL A 403 -1.09 -7.12 -45.00
C VAL A 403 -1.79 -8.01 -46.03
N ALA A 404 -3.11 -8.08 -45.95
CA ALA A 404 -3.88 -8.98 -46.80
C ALA A 404 -3.84 -8.55 -48.26
N THR A 405 -4.26 -7.31 -48.53
CA THR A 405 -4.29 -6.83 -49.91
C THR A 405 -2.93 -6.42 -50.45
N SER A 406 -1.90 -6.38 -49.60
CA SER A 406 -0.53 -6.01 -49.94
C SER A 406 -0.46 -4.60 -50.53
N ARG A 407 -0.87 -3.62 -49.72
CA ARG A 407 -0.93 -2.23 -50.11
C ARG A 407 -0.46 -1.37 -48.95
N LEU A 408 0.06 -0.19 -49.27
CA LEU A 408 0.73 0.67 -48.28
C LEU A 408 -0.14 1.79 -47.73
N LEU A 409 -1.20 2.16 -48.45
CA LEU A 409 -2.05 3.25 -47.98
C LEU A 409 -2.78 2.96 -46.66
N PRO A 410 -3.35 1.77 -46.40
CA PRO A 410 -3.87 1.55 -45.04
C PRO A 410 -2.80 1.49 -43.96
N VAL A 411 -1.55 1.18 -44.30
CA VAL A 411 -0.48 1.27 -43.31
C VAL A 411 -0.16 2.72 -42.99
N ALA A 412 -0.21 3.60 -44.00
CA ALA A 412 0.01 5.03 -43.74
C ALA A 412 -1.14 5.63 -42.96
N VAL A 413 -2.38 5.19 -43.24
CA VAL A 413 -3.54 5.62 -42.48
C VAL A 413 -3.44 5.14 -41.03
N ALA A 414 -2.90 3.95 -40.82
CA ALA A 414 -2.69 3.46 -39.46
C ALA A 414 -1.64 4.26 -38.72
N ILE A 415 -0.61 4.73 -39.44
CA ILE A 415 0.39 5.61 -38.82
C ILE A 415 -0.25 6.93 -38.40
N ILE A 416 -1.13 7.49 -39.25
CA ILE A 416 -1.82 8.73 -38.91
C ILE A 416 -2.73 8.55 -37.69
N ILE A 417 -3.49 7.46 -37.65
CA ILE A 417 -4.41 7.22 -36.53
C ILE A 417 -3.64 6.92 -35.24
N GLY A 418 -2.53 6.20 -35.34
CA GLY A 418 -1.75 5.91 -34.14
C GLY A 418 -1.06 7.13 -33.57
N ALA A 419 -0.54 8.00 -34.44
CA ALA A 419 0.06 9.25 -33.97
C ALA A 419 -1.02 10.19 -33.46
N LEU A 420 -2.24 10.06 -33.95
CA LEU A 420 -3.32 10.92 -33.51
C LEU A 420 -3.81 10.53 -32.13
N THR A 421 -3.90 9.22 -31.87
CA THR A 421 -4.31 8.77 -30.54
C THR A 421 -3.15 8.68 -29.56
N LEU A 422 -1.93 8.88 -30.03
CA LEU A 422 -0.80 8.97 -29.10
C LEU A 422 -0.85 10.25 -28.29
N PHE A 423 -1.44 11.32 -28.84
CA PHE A 423 -1.49 12.62 -28.19
C PHE A 423 -2.88 12.99 -27.71
N SER A 424 -3.71 12.01 -27.40
CA SER A 424 -4.98 12.29 -26.75
C SER A 424 -4.79 12.55 -25.27
N GLY A 425 -4.01 11.70 -24.62
CA GLY A 425 -3.64 11.88 -23.24
C GLY A 425 -2.34 11.17 -22.99
N PRO A 426 -1.80 11.28 -21.78
CA PRO A 426 -0.53 10.57 -21.48
C PRO A 426 -0.67 9.06 -21.43
N THR A 427 -1.90 8.55 -21.30
CA THR A 427 -2.16 7.12 -21.36
C THR A 427 -2.22 6.60 -22.78
N GLY A 428 -2.10 7.46 -23.78
CA GLY A 428 -2.10 7.06 -25.18
C GLY A 428 -0.85 6.36 -25.63
N ILE A 429 0.13 6.15 -24.74
CA ILE A 429 1.36 5.44 -25.08
C ILE A 429 1.12 3.95 -25.28
N ALA A 430 -0.07 3.44 -24.96
CA ALA A 430 -0.41 2.05 -25.25
C ALA A 430 -0.58 1.76 -26.73
N ALA A 431 -0.68 2.79 -27.58
CA ALA A 431 -0.77 2.58 -29.02
C ALA A 431 0.58 2.22 -29.65
N VAL A 432 1.68 2.28 -28.89
CA VAL A 432 2.95 1.88 -29.46
C VAL A 432 3.04 0.38 -29.64
N GLY A 433 2.17 -0.40 -29.00
CA GLY A 433 2.11 -1.81 -29.29
C GLY A 433 1.62 -2.09 -30.70
N ALA A 434 0.49 -1.47 -31.07
CA ALA A 434 -0.03 -1.58 -32.42
C ALA A 434 0.88 -0.92 -33.44
N LEU A 435 1.70 0.05 -33.02
CA LEU A 435 2.70 0.61 -33.93
C LEU A 435 3.92 -0.30 -34.11
N LEU A 436 4.40 -0.95 -33.05
CA LEU A 436 5.63 -1.74 -33.15
C LEU A 436 5.38 -3.12 -33.73
N VAL A 437 4.17 -3.66 -33.58
CA VAL A 437 3.84 -4.92 -34.24
C VAL A 437 3.75 -4.73 -35.76
N ALA A 438 3.49 -3.50 -36.20
CA ALA A 438 3.33 -3.18 -37.61
C ALA A 438 4.63 -2.82 -38.32
N ILE A 439 5.76 -3.34 -37.86
CA ILE A 439 7.06 -3.10 -38.52
C ILE A 439 7.43 -4.23 -39.46
N GLY A 440 7.36 -5.47 -38.98
CA GLY A 440 7.52 -6.65 -39.80
C GLY A 440 6.62 -6.74 -41.04
N PRO A 441 5.31 -6.56 -40.85
CA PRO A 441 4.42 -6.42 -42.03
C PRO A 441 4.78 -5.30 -42.99
N LEU A 442 5.20 -4.13 -42.49
CA LEU A 442 5.62 -3.05 -43.37
C LEU A 442 6.86 -3.41 -44.16
N LYS A 443 7.78 -4.17 -43.54
CA LYS A 443 8.94 -4.66 -44.27
C LYS A 443 8.54 -5.64 -45.36
N THR A 444 7.57 -6.50 -45.07
CA THR A 444 7.12 -7.48 -46.05
C THR A 444 6.44 -6.81 -47.23
N ILE A 445 5.67 -5.76 -46.99
CA ILE A 445 4.98 -5.06 -48.08
C ILE A 445 5.95 -4.20 -48.89
N VAL A 446 6.90 -3.54 -48.22
CA VAL A 446 7.83 -2.67 -48.93
C VAL A 446 8.81 -3.48 -49.77
N ALA A 447 9.24 -4.63 -49.27
CA ALA A 447 10.19 -5.46 -50.00
C ALA A 447 9.61 -6.13 -51.24
N ALA A 448 8.29 -6.10 -51.42
CA ALA A 448 7.66 -6.66 -52.61
C ALA A 448 7.45 -5.65 -53.72
N HIS A 449 7.25 -4.37 -53.38
CA HIS A 449 6.96 -3.33 -54.36
C HIS A 449 8.18 -2.56 -54.80
N VAL A 450 9.35 -2.81 -54.19
CA VAL A 450 10.50 -1.94 -54.40
C VAL A 450 11.16 -2.20 -55.76
N SER A 451 10.82 -3.31 -56.41
CA SER A 451 11.46 -3.62 -57.68
C SER A 451 10.83 -2.89 -58.86
N ARG A 452 9.80 -2.08 -58.65
CA ARG A 452 9.26 -1.31 -59.77
C ARG A 452 8.85 0.11 -59.39
N PHE A 453 9.12 0.58 -58.17
CA PHE A 453 8.86 1.98 -57.87
C PHE A 453 10.06 2.67 -57.23
N GLY A 454 10.79 1.97 -56.37
CA GLY A 454 11.94 2.54 -55.72
C GLY A 454 11.74 2.66 -54.22
N TYR A 455 12.73 3.30 -53.57
CA TYR A 455 12.71 3.51 -52.13
C TYR A 455 12.13 4.85 -51.73
N TRP A 456 12.47 5.93 -52.45
CA TRP A 456 11.96 7.25 -52.11
C TRP A 456 10.46 7.34 -52.34
N ALA A 457 9.98 6.76 -53.44
CA ALA A 457 8.57 6.83 -53.79
C ALA A 457 7.70 6.03 -52.84
N LEU A 458 8.27 5.05 -52.16
CA LEU A 458 7.51 4.26 -51.20
C LEU A 458 7.73 4.69 -49.76
N LEU A 459 8.75 5.50 -49.48
CA LEU A 459 9.05 5.85 -48.10
C LEU A 459 8.98 7.34 -47.79
N ALA A 460 8.72 8.20 -48.76
CA ALA A 460 8.45 9.60 -48.44
C ALA A 460 7.01 9.89 -47.98
N PRO A 461 5.94 9.31 -48.56
CA PRO A 461 4.62 9.50 -47.93
C PRO A 461 4.49 8.89 -46.56
N ILE A 462 5.28 7.88 -46.22
CA ILE A 462 5.29 7.33 -44.87
C ILE A 462 5.81 8.37 -43.88
N ALA A 463 6.85 9.11 -44.26
CA ALA A 463 7.39 10.16 -43.41
C ALA A 463 6.43 11.34 -43.30
N ALA A 464 5.77 11.69 -44.40
CA ALA A 464 4.80 12.79 -44.36
C ALA A 464 3.61 12.45 -43.48
N ALA A 465 3.09 11.23 -43.60
CA ALA A 465 1.99 10.78 -42.75
C ALA A 465 2.41 10.65 -41.30
N GLY A 466 3.68 10.33 -41.05
CA GLY A 466 4.16 10.26 -39.67
C GLY A 466 4.29 11.64 -39.03
N THR A 467 4.66 12.65 -39.82
CA THR A 467 4.87 13.98 -39.26
C THR A 467 3.70 14.93 -39.43
N VAL A 468 2.56 14.49 -39.96
CA VAL A 468 1.40 15.36 -40.09
C VAL A 468 0.81 15.81 -38.74
N THR A 469 1.13 15.14 -37.63
CA THR A 469 0.51 15.46 -36.35
C THR A 469 1.14 16.69 -35.68
N ILE A 470 2.36 17.06 -36.10
CA ILE A 470 3.04 18.23 -35.56
C ILE A 470 2.29 19.51 -35.91
N PHE A 471 1.56 19.52 -37.03
CA PHE A 471 0.70 20.66 -37.34
C PHE A 471 -0.48 20.78 -36.38
N LEU A 472 -0.85 19.68 -35.72
CA LEU A 472 -1.97 19.72 -34.77
C LEU A 472 -1.49 20.02 -33.37
N ILE A 473 -0.30 19.55 -33.01
CA ILE A 473 0.24 19.81 -31.67
C ILE A 473 0.66 21.27 -31.55
N PHE A 474 1.40 21.77 -32.53
CA PHE A 474 2.00 23.10 -32.47
C PHE A 474 1.25 24.12 -33.28
N ARG A 475 -0.08 24.05 -33.30
CA ARG A 475 -0.84 25.03 -34.06
C ARG A 475 -1.08 26.30 -33.27
N ASP A 476 -0.86 26.29 -31.96
CA ASP A 476 -1.14 27.45 -31.13
C ASP A 476 0.03 27.85 -30.26
N GLN A 477 0.84 26.91 -29.79
CA GLN A 477 1.99 27.21 -28.93
C GLN A 477 3.29 27.12 -29.72
N THR A 478 4.38 27.53 -29.07
CA THR A 478 5.71 27.45 -29.64
C THR A 478 6.43 26.21 -29.10
N LEU A 479 7.70 26.05 -29.45
CA LEU A 479 8.45 24.89 -28.97
C LEU A 479 8.95 25.09 -27.55
N ALA A 480 9.45 26.30 -27.26
CA ALA A 480 10.01 26.60 -25.95
C ALA A 480 8.94 26.54 -24.87
N ALA A 481 7.73 27.02 -25.20
CA ALA A 481 6.62 27.01 -24.24
C ALA A 481 6.26 25.61 -23.82
N GLU A 482 6.13 24.69 -24.78
CA GLU A 482 5.71 23.33 -24.45
C GLU A 482 6.82 22.53 -23.78
N LEU A 483 8.08 22.73 -24.21
CA LEU A 483 9.18 22.02 -23.56
C LEU A 483 9.36 22.47 -22.11
N GLN A 484 9.38 23.79 -21.88
CA GLN A 484 9.59 24.28 -20.53
C GLN A 484 8.39 24.03 -19.64
N ALA A 485 7.17 24.03 -20.20
CA ALA A 485 6.00 23.69 -19.41
C ALA A 485 5.98 22.22 -19.04
N SER A 486 6.44 21.34 -19.92
CA SER A 486 6.47 19.92 -19.58
C SER A 486 7.53 19.61 -18.53
N SER A 487 8.70 20.23 -18.64
CA SER A 487 9.73 20.08 -17.61
C SER A 487 9.26 20.63 -16.27
N PHE A 488 8.51 21.74 -16.30
CA PHE A 488 8.02 22.35 -15.07
C PHE A 488 6.92 21.52 -14.41
N LYS A 489 6.02 20.93 -15.22
CA LYS A 489 4.99 20.05 -14.67
C LYS A 489 5.60 18.80 -14.07
N SER A 490 6.66 18.28 -14.69
CA SER A 490 7.35 17.14 -14.12
C SER A 490 8.06 17.50 -12.82
N ALA A 491 8.58 18.73 -12.74
CA ALA A 491 9.28 19.16 -11.52
C ALA A 491 8.29 19.40 -10.37
N VAL A 492 7.14 19.97 -10.65
CA VAL A 492 6.19 20.34 -9.61
C VAL A 492 5.34 19.14 -9.20
N GLY A 493 4.60 18.58 -10.13
CA GLY A 493 3.44 17.79 -9.81
C GLY A 493 3.77 16.38 -9.45
N PRO A 494 2.72 15.59 -9.19
CA PRO A 494 2.89 14.17 -8.91
C PRO A 494 3.30 13.43 -10.17
N SER A 495 4.53 12.92 -10.18
CA SER A 495 5.05 12.17 -11.32
C SER A 495 5.84 11.00 -10.77
N LEU A 496 5.29 9.80 -10.90
CA LEU A 496 5.95 8.58 -10.47
C LEU A 496 6.81 8.02 -11.58
N ALA A 497 7.83 7.26 -11.21
CA ALA A 497 8.76 6.72 -12.18
C ALA A 497 8.26 5.36 -12.67
N TRP A 498 9.06 4.73 -13.54
CA TRP A 498 8.63 3.49 -14.15
C TRP A 498 8.64 2.31 -13.19
N PHE A 499 9.42 2.39 -12.12
CA PHE A 499 9.46 1.33 -11.12
C PHE A 499 8.37 1.46 -10.08
N ASP A 500 7.52 2.48 -10.18
CA ASP A 500 6.37 2.64 -9.30
C ASP A 500 5.11 2.08 -9.90
N GLU A 501 5.24 1.16 -10.86
CA GLU A 501 4.10 0.56 -11.54
C GLU A 501 3.28 -0.35 -10.62
N HIS A 502 3.85 -0.80 -9.51
CA HIS A 502 3.10 -1.60 -8.55
C HIS A 502 2.02 -0.81 -7.83
N ILE A 503 2.06 0.52 -7.89
CA ILE A 503 1.10 1.35 -7.17
C ILE A 503 -0.28 1.28 -7.81
N ARG A 504 -0.34 1.12 -9.13
CA ARG A 504 -1.62 0.93 -9.82
C ARG A 504 -2.30 -0.36 -9.36
N TYR A 505 -1.53 -1.43 -9.20
CA TYR A 505 -2.08 -2.69 -8.74
C TYR A 505 -2.29 -2.73 -7.24
N SER A 506 -1.61 -1.86 -6.50
CA SER A 506 -1.91 -1.72 -5.09
C SER A 506 -3.22 -0.97 -4.88
N ARG A 507 -3.51 -0.01 -5.76
CA ARG A 507 -4.78 0.70 -5.69
C ARG A 507 -5.93 -0.14 -6.21
N LEU A 508 -5.66 -1.09 -7.11
CA LEU A 508 -6.73 -1.99 -7.56
C LEU A 508 -7.23 -2.91 -6.45
N PHE A 509 -6.40 -3.19 -5.45
CA PHE A 509 -6.77 -4.10 -4.36
C PHE A 509 -7.03 -3.38 -3.05
N THR A 510 -7.51 -2.15 -3.10
CA THR A 510 -7.95 -1.46 -1.90
C THR A 510 -9.43 -1.74 -1.68
N THR A 511 -10.03 -1.04 -0.73
CA THR A 511 -11.46 -1.14 -0.44
C THR A 511 -11.98 0.29 -0.56
N SER A 512 -12.31 0.68 -1.79
CA SER A 512 -12.54 2.07 -2.16
C SER A 512 -13.21 2.05 -3.53
N PRO A 513 -13.64 3.19 -4.10
CA PRO A 513 -14.07 3.18 -5.50
C PRO A 513 -12.98 2.88 -6.51
N ASP A 514 -11.71 2.99 -6.17
CA ASP A 514 -10.66 2.55 -7.08
C ASP A 514 -10.57 1.03 -7.16
N GLY A 515 -10.87 0.33 -6.08
CA GLY A 515 -10.74 -1.10 -6.04
C GLY A 515 -12.06 -1.80 -5.84
N SER A 516 -13.09 -1.39 -6.56
CA SER A 516 -14.42 -1.93 -6.37
C SER A 516 -14.56 -3.26 -7.11
N VAL A 517 -15.78 -3.80 -7.15
CA VAL A 517 -16.01 -5.14 -7.69
C VAL A 517 -15.81 -5.16 -9.21
N ALA A 518 -16.32 -4.13 -9.89
CA ALA A 518 -16.38 -4.12 -11.35
C ALA A 518 -15.00 -4.00 -11.97
N ARG A 519 -14.19 -3.07 -11.47
CA ARG A 519 -12.86 -2.84 -12.01
C ARG A 519 -11.94 -4.04 -11.75
N ARG A 520 -12.06 -4.62 -10.55
CA ARG A 520 -11.21 -5.75 -10.19
C ARG A 520 -11.56 -6.97 -11.04
N PHE A 521 -12.86 -7.16 -11.29
CA PHE A 521 -13.30 -8.27 -12.14
C PHE A 521 -12.82 -8.11 -13.57
N ALA A 522 -12.88 -6.88 -14.10
CA ALA A 522 -12.47 -6.64 -15.48
C ALA A 522 -10.97 -6.93 -15.67
N VAL A 523 -10.14 -6.46 -14.75
CA VAL A 523 -8.69 -6.66 -14.90
C VAL A 523 -8.32 -8.13 -14.73
N LEU A 524 -8.92 -8.81 -13.74
CA LEU A 524 -8.55 -10.21 -13.51
C LEU A 524 -9.05 -11.13 -14.61
N THR A 525 -10.23 -10.83 -15.19
CA THR A 525 -10.72 -11.63 -16.30
C THR A 525 -9.88 -11.44 -17.55
N LEU A 526 -9.39 -10.21 -17.78
CA LEU A 526 -8.48 -9.97 -18.90
C LEU A 526 -7.18 -10.75 -18.74
N LEU A 527 -6.62 -10.78 -17.53
CA LEU A 527 -5.39 -11.53 -17.31
C LEU A 527 -5.59 -13.04 -17.46
N LEU A 528 -6.75 -13.54 -17.04
CA LEU A 528 -7.06 -14.97 -17.20
C LEU A 528 -7.17 -15.36 -18.66
N ALA A 529 -7.90 -14.56 -19.45
CA ALA A 529 -8.07 -14.86 -20.87
C ALA A 529 -6.75 -14.75 -21.64
N LEU A 530 -5.90 -13.79 -21.27
CA LEU A 530 -4.60 -13.66 -21.90
C LEU A 530 -3.70 -14.83 -21.59
N ALA A 531 -3.73 -15.32 -20.34
CA ALA A 531 -2.90 -16.46 -19.97
C ALA A 531 -3.34 -17.74 -20.66
N VAL A 532 -4.64 -17.94 -20.83
CA VAL A 532 -5.12 -19.14 -21.52
C VAL A 532 -4.76 -19.10 -23.00
N SER A 533 -4.83 -17.91 -23.61
CA SER A 533 -4.45 -17.77 -25.02
C SER A 533 -2.96 -18.01 -25.23
N ILE A 534 -2.11 -17.50 -24.33
CA ILE A 534 -0.67 -17.73 -24.42
C ILE A 534 -0.33 -19.20 -24.23
N ALA A 535 -1.01 -19.87 -23.28
CA ALA A 535 -0.72 -21.28 -23.01
C ALA A 535 -1.15 -22.17 -24.17
N MET A 536 -2.26 -21.85 -24.82
CA MET A 536 -2.67 -22.65 -25.97
C MET A 536 -1.83 -22.34 -27.20
N THR A 537 -1.28 -21.14 -27.31
CA THR A 537 -0.35 -20.85 -28.40
C THR A 537 0.99 -21.53 -28.20
N LEU A 538 1.45 -21.66 -26.96
CA LEU A 538 2.71 -22.38 -26.70
C LEU A 538 2.53 -23.87 -26.87
N ARG A 539 1.45 -24.44 -26.31
CA ARG A 539 1.29 -25.90 -26.23
C ARG A 539 1.17 -26.52 -27.61
N LYS A 540 0.14 -26.14 -28.35
CA LYS A 540 0.04 -26.53 -29.74
C LYS A 540 0.83 -25.55 -30.59
N GLY A 541 0.72 -25.67 -31.90
CA GLY A 541 1.34 -24.68 -32.76
C GLY A 541 0.61 -23.34 -32.68
N ARG A 542 -0.71 -23.41 -32.55
CA ARG A 542 -1.60 -22.26 -32.56
C ARG A 542 -2.95 -22.74 -32.04
N ILE A 543 -3.85 -21.79 -31.81
CA ILE A 543 -5.23 -22.16 -31.51
C ILE A 543 -5.85 -22.76 -32.77
N PRO A 544 -6.40 -23.99 -32.73
CA PRO A 544 -6.53 -24.83 -33.94
C PRO A 544 -7.38 -24.31 -35.09
N GLY A 545 -8.57 -23.78 -34.83
CA GLY A 545 -9.41 -23.37 -35.92
C GLY A 545 -9.29 -21.91 -36.30
N THR A 546 -8.16 -21.30 -36.01
CA THR A 546 -7.98 -19.87 -36.19
C THR A 546 -6.83 -19.58 -37.13
N ALA A 547 -6.83 -18.38 -37.70
CA ALA A 547 -5.73 -17.93 -38.52
C ALA A 547 -4.52 -17.63 -37.65
N LEU A 548 -3.34 -17.76 -38.25
CA LEU A 548 -2.07 -17.72 -37.53
C LEU A 548 -1.64 -16.28 -37.20
N GLY A 549 -1.42 -15.48 -38.24
CA GLY A 549 -1.01 -14.10 -38.16
C GLY A 549 -1.82 -13.18 -37.26
N PRO A 550 -3.14 -13.08 -37.48
CA PRO A 550 -3.96 -12.24 -36.59
C PRO A 550 -3.97 -12.66 -35.13
N SER A 551 -3.93 -13.95 -34.83
CA SER A 551 -3.90 -14.40 -33.45
C SER A 551 -2.60 -14.01 -32.77
N ARG A 552 -1.48 -14.24 -33.47
CA ARG A 552 -0.17 -13.79 -32.99
C ARG A 552 -0.14 -12.30 -32.73
N ARG A 553 -0.72 -11.52 -33.64
CA ARG A 553 -0.62 -10.06 -33.52
C ARG A 553 -1.53 -9.51 -32.42
N ILE A 554 -2.70 -10.13 -32.18
CA ILE A 554 -3.54 -9.76 -31.05
C ILE A 554 -2.82 -9.98 -29.72
N ILE A 555 -2.20 -11.16 -29.56
CA ILE A 555 -1.52 -11.47 -28.30
C ILE A 555 -0.30 -10.55 -28.10
N GLY A 556 0.43 -10.26 -29.19
CA GLY A 556 1.57 -9.37 -29.08
C GLY A 556 1.21 -7.94 -28.74
N ILE A 557 0.13 -7.43 -29.33
CA ILE A 557 -0.32 -6.07 -29.03
C ILE A 557 -0.79 -5.94 -27.60
N THR A 558 -1.44 -6.98 -27.06
CA THR A 558 -1.89 -6.91 -25.67
C THR A 558 -0.72 -6.94 -24.69
N ILE A 559 0.30 -7.75 -24.97
CA ILE A 559 1.48 -7.80 -24.09
C ILE A 559 2.28 -6.49 -24.15
N ILE A 560 2.44 -5.93 -25.36
CA ILE A 560 3.21 -4.69 -25.45
C ILE A 560 2.40 -3.51 -24.89
N SER A 561 1.08 -3.60 -24.88
CA SER A 561 0.27 -2.56 -24.23
C SER A 561 0.44 -2.59 -22.72
N PHE A 562 0.42 -3.80 -22.12
CA PHE A 562 0.74 -3.92 -20.69
C PHE A 562 2.13 -3.40 -20.35
N LEU A 563 3.11 -3.66 -21.21
CA LEU A 563 4.46 -3.19 -20.89
C LEU A 563 4.61 -1.69 -21.10
N ALA A 564 3.93 -1.13 -22.09
CA ALA A 564 4.06 0.29 -22.36
C ALA A 564 3.28 1.13 -21.36
N MET A 565 2.28 0.57 -20.72
CA MET A 565 1.50 1.32 -19.75
C MET A 565 2.32 1.67 -18.45
N MET A 566 3.53 1.19 -18.20
CA MET A 566 4.26 1.55 -17.00
C MET A 566 4.99 2.89 -17.10
N PHE A 567 5.03 3.50 -18.28
CA PHE A 567 5.72 4.77 -18.47
C PHE A 567 4.77 5.95 -18.44
N THR A 568 3.69 5.84 -17.75
CA THR A 568 2.78 6.95 -17.56
C THR A 568 3.11 7.67 -16.26
N PRO A 569 2.93 9.00 -16.19
CA PRO A 569 3.36 9.73 -14.99
C PRO A 569 2.48 9.49 -13.77
N THR A 570 1.21 9.17 -13.95
CA THR A 570 0.30 8.91 -12.86
C THR A 570 -0.20 7.47 -12.94
N LYS A 571 -0.35 6.83 -11.79
CA LYS A 571 -0.71 5.42 -11.73
C LYS A 571 -2.11 5.34 -11.16
N TRP A 572 -3.12 5.46 -12.01
CA TRP A 572 -4.51 5.36 -11.62
C TRP A 572 -5.13 4.09 -12.15
N THR A 573 -6.31 3.78 -11.63
CA THR A 573 -7.00 2.55 -11.98
C THR A 573 -7.89 2.71 -13.21
N HIS A 574 -8.36 3.93 -13.48
CA HIS A 574 -9.16 4.16 -14.69
C HIS A 574 -8.33 4.26 -15.96
N HIS A 575 -7.03 4.00 -15.90
CA HIS A 575 -6.23 3.89 -17.12
C HIS A 575 -6.33 2.52 -17.75
N PHE A 576 -7.01 1.57 -17.12
CA PHE A 576 -7.24 0.28 -17.74
C PHE A 576 -8.34 0.31 -18.78
N GLY A 577 -9.00 1.44 -18.98
CA GLY A 577 -10.07 1.55 -19.95
C GLY A 577 -9.62 1.53 -21.39
N VAL A 578 -8.30 1.57 -21.65
CA VAL A 578 -7.77 1.44 -23.00
C VAL A 578 -7.83 0.03 -23.53
N PHE A 579 -8.12 -0.96 -22.69
CA PHE A 579 -8.17 -2.35 -23.08
C PHE A 579 -9.57 -2.80 -23.46
N ALA A 580 -10.50 -1.88 -23.66
CA ALA A 580 -11.87 -2.27 -23.94
C ALA A 580 -12.07 -2.75 -25.37
N GLY A 581 -11.15 -2.42 -26.28
CA GLY A 581 -11.23 -2.92 -27.64
C GLY A 581 -10.54 -4.26 -27.80
N LEU A 582 -9.44 -4.46 -27.06
CA LEU A 582 -8.69 -5.70 -27.11
C LEU A 582 -9.38 -6.81 -26.33
N ALA A 583 -10.32 -6.45 -25.44
CA ALA A 583 -10.94 -7.44 -24.56
C ALA A 583 -11.92 -8.32 -25.34
N GLY A 584 -12.62 -7.76 -26.31
CA GLY A 584 -13.49 -8.59 -27.14
C GLY A 584 -12.71 -9.55 -28.01
N CYS A 585 -11.54 -9.12 -28.48
CA CYS A 585 -10.67 -9.96 -29.29
C CYS A 585 -10.11 -11.12 -28.47
N LEU A 586 -9.62 -10.83 -27.26
CA LEU A 586 -9.17 -11.90 -26.38
C LEU A 586 -10.31 -12.76 -25.87
N GLY A 587 -11.54 -12.22 -25.82
CA GLY A 587 -12.68 -13.04 -25.48
C GLY A 587 -12.98 -14.07 -26.55
N ALA A 588 -12.91 -13.66 -27.81
CA ALA A 588 -13.11 -14.61 -28.91
C ALA A 588 -12.01 -15.67 -28.94
N LEU A 589 -10.75 -15.26 -28.73
CA LEU A 589 -9.66 -16.23 -28.73
C LEU A 589 -9.75 -17.19 -27.54
N ALA A 590 -10.07 -16.68 -26.35
CA ALA A 590 -10.18 -17.54 -25.19
C ALA A 590 -11.46 -18.34 -25.16
N ALA A 591 -12.42 -18.06 -26.01
CA ALA A 591 -13.55 -18.98 -26.14
C ALA A 591 -13.24 -20.09 -27.14
N VAL A 592 -12.51 -19.78 -28.21
CA VAL A 592 -12.13 -20.85 -29.12
C VAL A 592 -11.09 -21.77 -28.49
N ALA A 593 -10.23 -21.24 -27.63
CA ALA A 593 -9.18 -22.02 -27.01
C ALA A 593 -9.66 -22.95 -25.89
N VAL A 594 -10.96 -23.01 -25.61
CA VAL A 594 -11.47 -23.79 -24.49
C VAL A 594 -12.38 -24.93 -24.94
N THR A 595 -13.07 -24.81 -26.07
CA THR A 595 -14.04 -25.78 -26.58
C THR A 595 -13.48 -27.18 -26.78
N THR A 596 -14.37 -28.16 -26.95
CA THR A 596 -14.01 -29.57 -27.01
C THR A 596 -13.18 -29.88 -28.25
N THR A 597 -13.30 -29.07 -29.31
CA THR A 597 -12.45 -29.22 -30.49
C THR A 597 -11.00 -28.85 -30.19
N ALA A 598 -10.76 -27.85 -29.35
CA ALA A 598 -9.41 -27.40 -29.07
C ALA A 598 -8.81 -28.07 -27.85
N MET A 599 -9.52 -28.08 -26.72
CA MET A 599 -9.02 -28.63 -25.48
C MET A 599 -9.77 -29.95 -25.23
N LYS A 600 -9.06 -31.07 -25.42
CA LYS A 600 -9.69 -32.37 -25.58
C LYS A 600 -10.01 -33.08 -24.27
N SER A 601 -9.36 -32.75 -23.17
CA SER A 601 -9.55 -33.47 -21.92
C SER A 601 -10.43 -32.65 -20.99
N ARG A 602 -11.41 -33.32 -20.37
CA ARG A 602 -12.34 -32.61 -19.49
C ARG A 602 -11.73 -32.30 -18.13
N ARG A 603 -10.60 -32.93 -17.79
CA ARG A 603 -9.81 -32.54 -16.64
C ARG A 603 -9.36 -31.08 -16.76
N ASN A 604 -8.85 -30.71 -17.93
CA ASN A 604 -8.35 -29.36 -18.15
C ASN A 604 -9.49 -28.35 -18.20
N ARG A 605 -10.62 -28.75 -18.76
CA ARG A 605 -11.77 -27.85 -18.82
C ARG A 605 -12.37 -27.60 -17.44
N THR A 606 -12.36 -28.62 -16.58
CA THR A 606 -12.82 -28.41 -15.22
C THR A 606 -11.85 -27.54 -14.41
N VAL A 607 -10.55 -27.68 -14.67
CA VAL A 607 -9.57 -26.81 -14.01
C VAL A 607 -9.74 -25.35 -14.45
N PHE A 608 -10.05 -25.13 -15.73
CA PHE A 608 -10.30 -23.77 -16.19
C PHE A 608 -11.57 -23.18 -15.59
N GLY A 609 -12.62 -23.99 -15.44
CA GLY A 609 -13.82 -23.52 -14.75
C GLY A 609 -13.56 -23.16 -13.30
N ALA A 610 -12.71 -23.95 -12.63
CA ALA A 610 -12.34 -23.62 -11.25
C ALA A 610 -11.53 -22.33 -11.17
N ALA A 611 -10.69 -22.06 -12.17
CA ALA A 611 -9.94 -20.80 -12.19
C ALA A 611 -10.84 -19.60 -12.40
N VAL A 612 -11.87 -19.75 -13.25
CA VAL A 612 -12.88 -18.72 -13.43
C VAL A 612 -13.60 -18.42 -12.11
N LEU A 613 -14.01 -19.48 -11.41
CA LEU A 613 -14.67 -19.31 -10.10
C LEU A 613 -13.74 -18.69 -9.07
N PHE A 614 -12.43 -18.95 -9.15
CA PHE A 614 -11.51 -18.36 -8.19
C PHE A 614 -11.32 -16.87 -8.41
N VAL A 615 -11.19 -16.42 -9.66
CA VAL A 615 -11.05 -14.98 -9.85
C VAL A 615 -12.38 -14.26 -9.62
N THR A 616 -13.50 -14.95 -9.81
CA THR A 616 -14.79 -14.35 -9.46
C THR A 616 -14.95 -14.24 -7.95
N ALA A 617 -14.42 -15.21 -7.19
CA ALA A 617 -14.38 -15.10 -5.74
C ALA A 617 -13.49 -13.96 -5.28
N LEU A 618 -12.36 -13.76 -5.97
CA LEU A 618 -11.43 -12.71 -5.58
C LEU A 618 -11.99 -11.32 -5.92
N SER A 619 -12.90 -11.23 -6.89
CA SER A 619 -13.48 -9.94 -7.23
C SER A 619 -14.43 -9.41 -6.16
N PHE A 620 -15.22 -10.26 -5.51
CA PHE A 620 -16.24 -9.85 -4.56
C PHE A 620 -15.72 -9.58 -3.17
N ALA A 621 -14.41 -9.42 -2.98
CA ALA A 621 -13.83 -9.20 -1.67
C ALA A 621 -13.64 -7.73 -1.39
N THR A 622 -14.55 -6.89 -1.86
CA THR A 622 -14.46 -5.44 -1.73
C THR A 622 -15.87 -4.89 -1.70
N VAL A 623 -16.00 -3.57 -1.85
CA VAL A 623 -17.28 -2.89 -1.77
C VAL A 623 -17.83 -2.64 -3.16
N ASN A 624 -19.12 -2.35 -3.22
CA ASN A 624 -19.78 -1.96 -4.47
C ASN A 624 -19.77 -0.43 -4.61
N GLY A 625 -18.59 0.15 -4.53
CA GLY A 625 -18.43 1.59 -4.42
C GLY A 625 -18.24 2.25 -5.77
N TRP A 626 -18.91 3.38 -5.95
CA TRP A 626 -18.80 4.21 -7.13
C TRP A 626 -18.35 5.61 -6.66
N TRP A 627 -18.27 6.53 -7.60
CA TRP A 627 -17.70 7.85 -7.34
C TRP A 627 -18.74 8.78 -6.73
N TYR A 628 -18.48 10.10 -6.79
CA TYR A 628 -19.04 11.13 -5.91
C TYR A 628 -20.56 11.09 -5.67
N VAL A 629 -21.40 11.31 -6.68
CA VAL A 629 -22.83 11.21 -6.49
C VAL A 629 -23.44 10.01 -7.19
N SER A 630 -22.62 9.14 -7.75
CA SER A 630 -23.12 7.88 -8.29
C SER A 630 -23.35 6.85 -7.20
N ASN A 631 -23.02 7.19 -5.96
CA ASN A 631 -23.02 6.27 -4.85
C ASN A 631 -24.27 6.38 -4.01
N PHE A 632 -25.21 7.25 -4.38
CA PHE A 632 -26.42 7.49 -3.61
C PHE A 632 -27.38 6.32 -3.78
N GLY A 633 -27.62 5.57 -2.71
CA GLY A 633 -28.66 4.56 -2.70
C GLY A 633 -28.26 3.19 -3.20
N VAL A 634 -27.00 3.00 -3.56
CA VAL A 634 -26.55 1.76 -4.21
C VAL A 634 -26.40 0.67 -3.15
N PRO A 635 -26.87 -0.55 -3.39
CA PRO A 635 -26.69 -1.63 -2.41
C PRO A 635 -25.25 -2.07 -2.25
N TRP A 636 -24.87 -2.31 -0.99
CA TRP A 636 -23.54 -2.74 -0.55
C TRP A 636 -22.45 -1.77 -0.96
N SER A 637 -22.74 -0.47 -0.95
CA SER A 637 -21.78 0.53 -1.38
C SER A 637 -20.74 0.85 -0.32
N ASN A 638 -20.87 0.29 0.87
CA ASN A 638 -19.92 0.54 1.95
C ASN A 638 -19.54 -0.73 2.70
N SER A 639 -19.94 -1.90 2.22
CA SER A 639 -19.68 -3.16 2.89
C SER A 639 -19.54 -4.24 1.84
N PHE A 640 -19.13 -5.43 2.28
CA PHE A 640 -18.93 -6.53 1.33
C PHE A 640 -20.29 -7.09 0.94
N PRO A 641 -20.47 -7.54 -0.30
CA PRO A 641 -21.72 -8.19 -0.69
C PRO A 641 -21.91 -9.52 0.03
N GLU A 642 -23.08 -9.70 0.62
CA GLU A 642 -23.40 -10.93 1.33
C GLU A 642 -24.90 -11.07 1.44
N PHE A 643 -25.37 -12.31 1.47
CA PHE A 643 -26.75 -12.59 1.83
C PHE A 643 -26.86 -13.08 3.27
N LYS A 644 -26.19 -14.19 3.60
CA LYS A 644 -25.98 -14.58 4.98
C LYS A 644 -24.53 -14.88 5.31
N PHE A 645 -23.71 -15.25 4.33
CA PHE A 645 -22.32 -15.64 4.56
C PHE A 645 -21.30 -14.71 3.92
N GLY A 646 -21.54 -14.30 2.69
CA GLY A 646 -20.51 -13.64 1.92
C GLY A 646 -20.41 -14.31 0.56
N PHE A 647 -20.35 -13.53 -0.51
CA PHE A 647 -20.30 -14.15 -1.84
C PHE A 647 -18.94 -14.76 -2.10
N THR A 648 -17.90 -14.22 -1.47
CA THR A 648 -16.54 -14.67 -1.73
C THR A 648 -16.27 -16.05 -1.12
N THR A 649 -16.89 -16.36 0.03
CA THR A 649 -16.70 -17.67 0.62
C THR A 649 -17.50 -18.74 -0.11
N MET A 650 -18.69 -18.38 -0.59
CA MET A 650 -19.48 -19.31 -1.39
C MET A 650 -18.80 -19.63 -2.71
N LEU A 651 -18.23 -18.63 -3.37
CA LEU A 651 -17.53 -18.87 -4.62
C LEU A 651 -16.21 -19.61 -4.41
N LEU A 652 -15.55 -19.39 -3.27
CA LEU A 652 -14.36 -20.17 -2.95
C LEU A 652 -14.69 -21.63 -2.69
N GLY A 653 -15.81 -21.90 -2.02
CA GLY A 653 -16.24 -23.27 -1.83
C GLY A 653 -16.59 -23.97 -3.13
N LEU A 654 -17.23 -23.24 -4.05
CA LEU A 654 -17.51 -23.83 -5.37
C LEU A 654 -16.23 -24.07 -6.16
N SER A 655 -15.22 -23.22 -6.00
CA SER A 655 -13.94 -23.43 -6.67
C SER A 655 -13.22 -24.67 -6.16
N VAL A 656 -13.25 -24.89 -4.85
CA VAL A 656 -12.64 -26.08 -4.27
C VAL A 656 -13.39 -27.34 -4.70
N LEU A 657 -14.72 -27.25 -4.80
CA LEU A 657 -15.51 -28.39 -5.27
C LEU A 657 -15.21 -28.72 -6.73
N ALA A 658 -14.99 -27.69 -7.56
CA ALA A 658 -14.64 -27.93 -8.95
C ALA A 658 -13.25 -28.57 -9.07
N LEU A 659 -12.33 -28.20 -8.19
CA LEU A 659 -11.02 -28.87 -8.18
C LEU A 659 -11.15 -30.34 -7.77
N LEU A 660 -12.06 -30.66 -6.84
CA LEU A 660 -12.25 -32.05 -6.46
C LEU A 660 -12.87 -32.86 -7.59
N VAL A 661 -13.79 -32.27 -8.35
CA VAL A 661 -14.35 -32.95 -9.51
C VAL A 661 -13.28 -33.18 -10.57
N ALA A 662 -12.38 -32.21 -10.77
CA ALA A 662 -11.28 -32.38 -11.72
C ALA A 662 -10.32 -33.47 -11.29
N ALA A 663 -10.09 -33.59 -9.97
CA ALA A 663 -9.23 -34.66 -9.47
C ALA A 663 -9.87 -36.04 -9.63
N TRP A 664 -11.19 -36.12 -9.51
CA TRP A 664 -11.86 -37.39 -9.78
C TRP A 664 -11.79 -37.74 -11.26
N PHE A 665 -11.91 -36.74 -12.14
CA PHE A 665 -11.71 -36.95 -13.57
C PHE A 665 -10.30 -37.44 -13.88
N HIS A 666 -9.31 -36.93 -13.15
CA HIS A 666 -7.93 -37.35 -13.34
C HIS A 666 -7.74 -38.81 -12.92
N PHE A 667 -8.14 -39.14 -11.70
CA PHE A 667 -7.80 -40.45 -11.13
C PHE A 667 -8.72 -41.56 -11.62
N SER A 668 -9.90 -41.25 -12.13
CA SER A 668 -10.76 -42.29 -12.66
C SER A 668 -10.43 -42.67 -14.10
N GLY A 669 -9.73 -41.81 -14.84
CA GLY A 669 -9.42 -42.08 -16.22
C GLY A 669 -10.64 -42.06 -17.11
N ARG A 670 -11.37 -40.94 -17.11
CA ARG A 670 -12.64 -40.82 -17.82
C ARG A 670 -12.63 -39.60 -18.74
N ASP A 671 -13.41 -39.70 -19.81
CA ASP A 671 -13.60 -38.62 -20.78
C ASP A 671 -15.08 -38.44 -21.06
N VAL A 672 -15.39 -37.66 -22.10
CA VAL A 672 -16.75 -37.17 -22.32
C VAL A 672 -17.30 -37.53 -23.70
N SER A 673 -16.45 -37.86 -24.66
CA SER A 673 -16.85 -37.90 -26.07
C SER A 673 -17.83 -39.02 -26.44
N PRO A 674 -17.86 -40.20 -25.82
CA PRO A 674 -19.05 -41.07 -25.98
C PRO A 674 -20.11 -40.92 -24.89
N ASP A 675 -20.02 -39.91 -24.03
CA ASP A 675 -20.87 -39.84 -22.83
C ASP A 675 -21.89 -38.70 -22.89
N ARG A 676 -21.45 -37.47 -23.13
CA ARG A 676 -22.34 -36.31 -23.09
C ARG A 676 -22.34 -35.63 -24.46
N PRO A 677 -23.24 -36.01 -25.38
CA PRO A 677 -23.31 -35.33 -26.68
C PRO A 677 -23.75 -33.88 -26.60
N GLN A 678 -24.95 -33.65 -26.04
CA GLN A 678 -25.56 -32.34 -25.95
C GLN A 678 -26.74 -32.39 -25.00
N ARG A 679 -26.78 -31.45 -24.06
CA ARG A 679 -27.94 -31.18 -23.22
C ARG A 679 -28.11 -29.67 -23.19
N ARG A 680 -28.93 -29.16 -22.28
CA ARG A 680 -29.10 -27.71 -22.21
C ARG A 680 -28.18 -27.09 -21.16
N TRP A 681 -28.08 -27.68 -19.97
CA TRP A 681 -27.13 -27.20 -18.98
C TRP A 681 -25.72 -27.62 -19.34
N GLN A 682 -25.57 -28.70 -20.10
CA GLN A 682 -24.25 -29.05 -20.64
C GLN A 682 -23.83 -28.05 -21.71
N ARG A 683 -24.81 -27.51 -22.44
CA ARG A 683 -24.49 -26.46 -23.41
C ARG A 683 -24.19 -25.14 -22.71
N LEU A 684 -24.83 -24.88 -21.57
CA LEU A 684 -24.53 -23.67 -20.82
C LEU A 684 -23.20 -23.76 -20.09
N LEU A 685 -22.81 -24.97 -19.68
CA LEU A 685 -21.67 -25.16 -18.80
C LEU A 685 -20.33 -25.04 -19.52
N VAL A 686 -20.31 -25.20 -20.84
CA VAL A 686 -19.04 -25.22 -21.58
C VAL A 686 -18.48 -23.82 -21.86
N ALA A 687 -19.20 -22.76 -21.53
CA ALA A 687 -18.75 -21.39 -21.75
C ALA A 687 -18.67 -20.69 -20.41
N PRO A 688 -17.56 -20.86 -19.67
CA PRO A 688 -17.50 -20.26 -18.33
C PRO A 688 -17.35 -18.75 -18.35
N LEU A 689 -16.59 -18.21 -19.32
CA LEU A 689 -16.35 -16.79 -19.38
C LEU A 689 -17.60 -16.02 -19.77
N ALA A 690 -18.44 -16.59 -20.64
CA ALA A 690 -19.67 -15.94 -21.03
C ALA A 690 -20.63 -15.81 -19.85
N VAL A 691 -20.74 -16.88 -19.06
CA VAL A 691 -21.63 -16.86 -17.89
C VAL A 691 -21.10 -15.89 -16.83
N ALA A 692 -19.79 -15.92 -16.58
CA ALA A 692 -19.23 -15.07 -15.53
C ALA A 692 -19.31 -13.59 -15.90
N THR A 693 -18.96 -13.26 -17.15
CA THR A 693 -18.97 -11.86 -17.59
C THR A 693 -20.39 -11.32 -17.69
N TRP A 694 -21.35 -12.10 -18.20
CA TRP A 694 -22.71 -11.58 -18.24
C TRP A 694 -23.35 -11.52 -16.87
N ALA A 695 -22.94 -12.38 -15.92
CA ALA A 695 -23.44 -12.28 -14.57
C ALA A 695 -22.96 -11.00 -13.90
N LEU A 696 -21.69 -10.64 -14.10
CA LEU A 696 -21.20 -9.39 -13.50
C LEU A 696 -21.78 -8.16 -14.18
N VAL A 697 -22.04 -8.22 -15.50
CA VAL A 697 -22.64 -7.08 -16.20
C VAL A 697 -24.06 -6.83 -15.70
N ILE A 698 -24.83 -7.90 -15.53
CA ILE A 698 -26.18 -7.77 -14.99
C ILE A 698 -26.16 -7.28 -13.55
N PHE A 699 -25.16 -7.70 -12.76
CA PHE A 699 -25.01 -7.22 -11.38
C PHE A 699 -24.80 -5.71 -11.33
N GLU A 700 -23.92 -5.18 -12.18
CA GLU A 700 -23.63 -3.74 -12.19
C GLU A 700 -24.85 -2.92 -12.62
N VAL A 701 -25.51 -3.35 -13.70
CA VAL A 701 -26.64 -2.60 -14.25
C VAL A 701 -27.81 -2.60 -13.27
N VAL A 702 -28.10 -3.75 -12.65
CA VAL A 702 -29.18 -3.83 -11.68
C VAL A 702 -28.85 -3.07 -10.41
N SER A 703 -27.56 -2.98 -10.03
CA SER A 703 -27.21 -2.25 -8.82
C SER A 703 -27.41 -0.74 -8.98
N LEU A 704 -27.06 -0.19 -10.15
CA LEU A 704 -27.36 1.25 -10.31
C LEU A 704 -28.82 1.54 -10.63
N THR A 705 -29.56 0.60 -11.20
CA THR A 705 -31.00 0.81 -11.35
C THR A 705 -31.71 0.78 -10.00
N LEU A 706 -31.27 -0.10 -9.09
CA LEU A 706 -31.84 -0.10 -7.74
C LEU A 706 -31.40 1.11 -6.94
N GLY A 707 -30.21 1.63 -7.18
CA GLY A 707 -29.81 2.88 -6.57
C GLY A 707 -30.68 4.05 -7.02
N MET A 708 -31.12 4.03 -8.28
CA MET A 708 -32.04 5.06 -8.75
C MET A 708 -33.45 4.85 -8.20
N ILE A 709 -33.82 3.60 -7.90
CA ILE A 709 -35.18 3.35 -7.42
C ILE A 709 -35.32 3.57 -5.91
N ASN A 710 -34.28 3.33 -5.12
CA ASN A 710 -34.36 3.52 -3.68
C ASN A 710 -34.57 4.97 -3.30
N GLN A 711 -33.91 5.89 -4.00
CA GLN A 711 -34.14 7.33 -3.68
C GLN A 711 -35.03 7.93 -4.77
N TYR A 712 -36.32 7.57 -4.84
CA TYR A 712 -37.07 8.17 -5.94
C TYR A 712 -37.40 9.65 -5.69
N PRO A 713 -38.06 10.08 -4.59
CA PRO A 713 -38.32 11.52 -4.48
C PRO A 713 -37.06 12.32 -4.28
N ALA A 714 -36.02 11.73 -3.73
CA ALA A 714 -34.72 12.38 -3.62
C ALA A 714 -34.02 12.36 -4.98
N TRP A 715 -32.90 13.04 -5.06
CA TRP A 715 -32.15 13.17 -6.29
C TRP A 715 -31.28 11.94 -6.50
N SER A 716 -31.20 11.49 -7.74
CA SER A 716 -30.21 10.51 -8.14
C SER A 716 -29.73 10.86 -9.54
N VAL A 717 -28.62 10.24 -9.94
CA VAL A 717 -28.01 10.50 -11.24
C VAL A 717 -28.97 10.15 -12.37
N GLY A 718 -29.60 8.98 -12.27
CA GLY A 718 -30.48 8.53 -13.32
C GLY A 718 -31.76 9.32 -13.41
N ARG A 719 -32.26 9.82 -12.28
CA ARG A 719 -33.48 10.60 -12.30
C ARG A 719 -33.23 11.96 -12.94
N SER A 720 -32.04 12.53 -12.76
CA SER A 720 -31.72 13.78 -13.41
C SER A 720 -31.51 13.59 -14.90
N ASN A 721 -30.84 12.49 -15.29
CA ASN A 721 -30.66 12.22 -16.72
C ASN A 721 -31.97 11.89 -17.42
N LEU A 722 -32.95 11.33 -16.70
CA LEU A 722 -34.25 11.11 -17.31
C LEU A 722 -35.15 12.32 -17.25
N ASN A 723 -34.94 13.22 -16.28
CA ASN A 723 -35.62 14.51 -16.30
C ASN A 723 -35.14 15.39 -17.42
N ALA A 724 -33.87 15.26 -17.82
CA ALA A 724 -33.27 16.10 -18.86
C ALA A 724 -33.92 15.93 -20.23
N LEU A 725 -34.73 14.88 -20.43
CA LEU A 725 -35.48 14.73 -21.66
C LEU A 725 -36.68 15.67 -21.76
N THR A 726 -37.04 16.37 -20.68
CA THR A 726 -38.21 17.26 -20.64
C THR A 726 -37.85 18.60 -20.00
N GLY A 727 -36.76 19.22 -20.45
CA GLY A 727 -36.26 20.39 -19.76
C GLY A 727 -35.50 19.95 -18.53
N LYS A 728 -35.34 20.87 -17.57
CA LYS A 728 -34.74 20.61 -16.26
C LYS A 728 -33.33 20.03 -16.37
N THR A 729 -32.45 20.78 -17.02
CA THR A 729 -31.09 20.33 -17.29
C THR A 729 -30.07 20.92 -16.33
N CYS A 730 -30.53 21.33 -15.15
CA CYS A 730 -29.65 22.01 -14.15
C CYS A 730 -28.86 21.02 -13.28
N GLY A 731 -29.35 19.78 -13.13
CA GLY A 731 -28.63 18.85 -12.28
C GLY A 731 -29.10 18.88 -10.84
N LEU A 732 -28.12 18.91 -9.93
CA LEU A 732 -28.37 18.86 -8.50
C LEU A 732 -28.77 20.22 -7.93
N ALA A 733 -28.72 21.28 -8.73
CA ALA A 733 -29.01 22.61 -8.24
C ALA A 733 -30.49 22.87 -8.01
N ASN A 734 -31.37 22.02 -8.52
CA ASN A 734 -32.80 22.15 -8.23
C ASN A 734 -33.23 21.44 -6.97
N ASP A 735 -32.39 20.55 -6.45
CA ASP A 735 -32.75 19.70 -5.32
C ASP A 735 -31.91 19.97 -4.09
N VAL A 736 -31.27 21.13 -4.05
CA VAL A 736 -30.55 21.61 -2.87
C VAL A 736 -31.25 22.87 -2.40
N LEU A 737 -31.69 22.86 -1.15
CA LEU A 737 -32.41 23.98 -0.57
C LEU A 737 -31.44 24.85 0.23
N VAL A 738 -31.58 26.16 0.11
CA VAL A 738 -30.61 27.12 0.63
C VAL A 738 -31.36 28.20 1.40
N GLU A 739 -30.99 28.42 2.66
CA GLU A 739 -31.46 29.58 3.40
C GLU A 739 -30.39 30.67 3.37
N GLN A 740 -30.78 31.84 2.88
CA GLN A 740 -29.86 32.97 2.85
C GLN A 740 -29.73 33.58 4.23
N ASN A 741 -30.83 34.04 4.80
CA ASN A 741 -30.84 34.69 6.10
C ASN A 741 -31.19 33.65 7.16
N ALA A 742 -30.23 33.35 8.03
CA ALA A 742 -30.43 32.36 9.09
C ALA A 742 -31.10 32.93 10.33
N ASN A 743 -31.61 34.17 10.26
CA ASN A 743 -32.29 34.80 11.39
C ASN A 743 -33.78 34.97 11.13
N ALA A 744 -34.32 34.28 10.12
CA ALA A 744 -35.65 34.57 9.65
C ALA A 744 -36.72 33.80 10.43
N GLY A 745 -36.67 32.48 10.38
CA GLY A 745 -37.77 31.69 10.93
C GLY A 745 -37.61 31.25 12.36
N MET A 746 -37.17 32.13 13.24
CA MET A 746 -37.07 31.82 14.66
C MET A 746 -38.47 31.75 15.27
N LEU A 747 -38.71 30.72 16.07
CA LEU A 747 -40.02 30.56 16.69
C LEU A 747 -40.18 31.55 17.85
N THR A 748 -41.42 31.72 18.30
CA THR A 748 -41.64 32.63 19.41
C THR A 748 -42.04 31.86 20.66
N PRO A 749 -41.59 32.29 21.84
CA PRO A 749 -41.97 31.61 23.07
C PRO A 749 -43.27 32.17 23.66
N ILE A 750 -43.88 31.36 24.53
CA ILE A 750 -45.17 31.73 25.09
C ILE A 750 -45.00 32.61 26.35
N GLY A 751 -44.00 32.33 27.17
CA GLY A 751 -43.83 33.07 28.41
C GLY A 751 -42.87 34.23 28.33
N GLU A 752 -41.67 34.05 28.89
CA GLU A 752 -40.69 35.12 28.96
C GLU A 752 -40.12 35.41 27.57
N PRO A 753 -39.60 36.64 27.33
CA PRO A 753 -39.08 36.97 25.99
C PRO A 753 -37.80 36.25 25.60
N ALA A 754 -37.22 36.64 24.46
CA ALA A 754 -36.20 35.93 23.68
C ALA A 754 -34.83 35.85 24.35
N GLY A 755 -34.68 36.15 25.63
CA GLY A 755 -33.40 36.07 26.30
C GLY A 755 -33.24 34.72 26.95
N GLN A 756 -33.50 34.64 28.25
CA GLN A 756 -33.37 33.42 29.05
C GLN A 756 -34.48 32.31 28.69
N ALA A 757 -35.30 32.48 27.64
CA ALA A 757 -36.34 31.51 27.31
C ALA A 757 -35.77 30.22 26.71
N LEU A 758 -34.49 30.18 26.36
CA LEU A 758 -33.88 28.92 25.99
C LEU A 758 -33.70 28.02 27.21
N GLY A 759 -33.05 28.54 28.24
CA GLY A 759 -32.98 27.84 29.51
C GLY A 759 -34.00 28.33 30.52
N ALA A 760 -35.29 28.15 30.21
CA ALA A 760 -36.32 28.84 30.97
C ALA A 760 -36.60 28.16 32.30
N VAL A 761 -37.08 26.92 32.26
CA VAL A 761 -37.62 26.29 33.46
C VAL A 761 -36.61 25.39 34.17
N THR A 762 -35.59 24.90 33.47
CA THR A 762 -34.57 24.07 34.11
C THR A 762 -33.26 24.26 33.37
N SER A 763 -32.24 24.75 34.07
CA SER A 763 -30.92 24.92 33.46
C SER A 763 -29.89 24.86 34.60
N LEU A 764 -29.21 23.72 34.70
CA LEU A 764 -28.06 23.56 35.59
C LEU A 764 -26.85 23.18 34.76
N GLY A 765 -25.73 23.82 35.04
CA GLY A 765 -24.56 23.68 34.19
C GLY A 765 -24.62 24.46 32.90
N PHE A 766 -25.54 25.41 32.77
CA PHE A 766 -25.67 26.19 31.56
C PHE A 766 -24.49 27.15 31.41
N GLY A 767 -23.84 27.08 30.26
CA GLY A 767 -22.71 27.91 29.90
C GLY A 767 -23.09 29.01 28.93
N PRO A 768 -23.47 30.22 29.39
CA PRO A 768 -23.57 31.37 28.48
C PRO A 768 -22.24 31.84 27.90
N ASN A 769 -21.12 31.59 28.58
CA ASN A 769 -19.82 31.66 27.94
C ASN A 769 -19.09 30.32 28.08
N GLY A 770 -19.84 29.24 28.35
CA GLY A 770 -19.26 27.94 28.58
C GLY A 770 -19.19 27.06 27.34
N ILE A 771 -18.45 27.52 26.33
CA ILE A 771 -18.04 26.69 25.21
C ILE A 771 -16.54 26.91 25.02
N PRO A 772 -15.78 25.89 24.60
CA PRO A 772 -14.37 26.11 24.25
C PRO A 772 -14.21 27.03 23.06
N SER A 773 -13.44 28.10 23.23
CA SER A 773 -13.26 29.09 22.18
C SER A 773 -12.26 28.66 21.11
N ASP A 774 -11.55 27.56 21.32
CA ASP A 774 -10.45 27.18 20.43
C ASP A 774 -10.88 26.19 19.35
N VAL A 775 -11.66 25.17 19.72
CA VAL A 775 -12.02 24.14 18.77
C VAL A 775 -13.24 24.57 17.95
N SER A 776 -14.20 25.21 18.61
CA SER A 776 -15.42 25.65 17.96
C SER A 776 -15.13 26.87 17.08
N ALA A 777 -14.94 26.63 15.79
CA ALA A 777 -14.68 27.68 14.83
C ALA A 777 -15.11 27.20 13.45
N ASP A 778 -15.78 28.07 12.70
CA ASP A 778 -16.30 27.76 11.37
C ASP A 778 -16.03 28.92 10.43
N PRO A 779 -16.11 28.69 9.10
CA PRO A 779 -16.17 29.84 8.19
C PRO A 779 -17.43 30.69 8.36
N ALA A 811 -17.59 40.44 22.99
CA ALA A 811 -18.41 41.64 23.10
C ALA A 811 -19.52 41.44 24.13
N ALA A 812 -20.77 41.60 23.70
CA ALA A 812 -21.93 41.46 24.58
C ALA A 812 -23.06 40.80 23.82
N GLY A 813 -23.84 39.98 24.52
CA GLY A 813 -24.92 39.22 23.92
C GLY A 813 -26.24 39.42 24.65
N ILE A 814 -27.29 38.83 24.08
CA ILE A 814 -28.60 38.91 24.70
C ILE A 814 -28.69 37.95 25.89
N ASN A 815 -27.81 36.96 25.94
CA ASN A 815 -27.68 36.08 27.08
C ASN A 815 -26.47 36.46 27.93
N GLY A 816 -25.86 37.60 27.63
CA GLY A 816 -24.56 37.89 28.22
C GLY A 816 -23.43 37.09 27.62
N SER A 817 -23.62 36.56 26.42
CA SER A 817 -22.65 35.69 25.78
C SER A 817 -21.60 36.51 25.03
N ARG A 818 -20.41 35.91 24.89
CA ARG A 818 -19.32 36.53 24.15
C ARG A 818 -18.81 35.61 23.05
N ALA A 819 -19.64 34.68 22.59
CA ALA A 819 -19.20 33.64 21.67
C ALA A 819 -19.41 34.06 20.22
N ARG A 820 -18.67 33.41 19.33
CA ARG A 820 -18.82 33.64 17.90
C ARG A 820 -19.95 32.77 17.37
N LEU A 821 -20.85 33.37 16.61
CA LEU A 821 -21.93 32.54 16.10
C LEU A 821 -21.71 32.19 14.64
N PRO A 822 -22.06 30.96 14.27
CA PRO A 822 -21.90 30.54 12.86
C PRO A 822 -23.10 30.95 12.03
N TYR A 823 -22.96 30.80 10.71
CA TYR A 823 -24.02 30.93 9.73
C TYR A 823 -24.69 32.30 9.71
N GLY A 824 -24.03 33.32 10.24
CA GLY A 824 -24.58 34.65 10.24
C GLY A 824 -25.70 34.87 11.24
N LEU A 825 -25.61 34.23 12.40
CA LEU A 825 -26.63 34.41 13.43
C LEU A 825 -26.33 35.67 14.23
N ASN A 826 -27.35 36.48 14.46
CA ASN A 826 -27.21 37.74 15.15
C ASN A 826 -26.98 37.51 16.64
N PRO A 827 -25.86 37.97 17.21
CA PRO A 827 -25.63 37.76 18.65
C PRO A 827 -26.55 38.56 19.54
N ALA A 828 -27.13 39.64 19.04
CA ALA A 828 -28.04 40.47 19.83
C ALA A 828 -29.45 39.92 19.91
N THR A 829 -29.74 38.78 19.24
CA THR A 829 -31.09 38.24 19.26
C THR A 829 -31.08 36.75 19.57
N THR A 830 -29.93 36.09 19.42
CA THR A 830 -29.84 34.64 19.61
C THR A 830 -29.14 34.32 20.92
N PRO A 831 -29.84 33.76 21.91
CA PRO A 831 -29.17 33.33 23.13
C PRO A 831 -28.41 32.03 22.92
N VAL A 832 -27.35 31.85 23.70
CA VAL A 832 -26.52 30.66 23.64
C VAL A 832 -26.37 30.11 25.05
N LEU A 833 -26.59 28.81 25.20
CA LEU A 833 -26.26 28.09 26.41
C LEU A 833 -25.15 27.08 26.09
N GLY A 834 -24.80 26.26 27.07
CA GLY A 834 -23.67 25.37 26.88
C GLY A 834 -23.59 24.37 28.02
N SER A 835 -22.63 23.46 27.87
CA SER A 835 -22.41 22.41 28.87
C SER A 835 -20.94 22.11 29.10
N TRP A 836 -20.08 23.11 28.97
CA TRP A 836 -18.64 22.93 29.11
C TRP A 836 -18.13 23.76 30.29
N ARG A 837 -17.13 23.23 30.98
CA ARG A 837 -16.47 23.93 32.09
C ARG A 837 -15.06 23.37 32.28
N SER A 838 -14.19 24.15 32.90
CA SER A 838 -12.78 23.80 33.02
C SER A 838 -12.42 23.21 34.38
N GLY A 839 -13.41 22.84 35.20
CA GLY A 839 -13.12 22.24 36.48
C GLY A 839 -13.62 20.82 36.60
N THR A 840 -14.25 20.50 37.72
CA THR A 840 -14.90 19.19 37.87
C THR A 840 -16.30 19.25 37.29
N GLN A 841 -16.72 18.14 36.68
CA GLN A 841 -17.94 18.11 35.88
C GLN A 841 -19.11 17.54 36.68
N GLN A 842 -20.19 18.29 36.74
CA GLN A 842 -21.46 17.85 37.29
C GLN A 842 -22.45 17.61 36.14
N PRO A 843 -23.41 16.71 36.30
CA PRO A 843 -24.36 16.44 35.21
C PRO A 843 -25.30 17.61 34.98
N ALA A 844 -25.69 17.78 33.72
CA ALA A 844 -26.46 18.93 33.27
C ALA A 844 -27.77 18.48 32.62
N VAL A 845 -28.84 19.18 32.94
CA VAL A 845 -30.16 18.92 32.37
C VAL A 845 -30.77 20.25 31.96
N LEU A 846 -31.10 20.38 30.68
CA LEU A 846 -31.70 21.59 30.13
C LEU A 846 -33.11 21.30 29.64
N ARG A 847 -34.02 22.23 29.94
CA ARG A 847 -35.43 22.07 29.57
C ARG A 847 -35.96 23.45 29.22
N SER A 848 -36.45 23.61 28.00
CA SER A 848 -36.71 24.94 27.46
C SER A 848 -38.09 25.45 27.86
N ALA A 849 -38.50 26.54 27.20
CA ALA A 849 -39.85 27.06 27.32
C ALA A 849 -40.72 26.46 26.22
N TRP A 850 -41.99 26.86 26.18
CA TRP A 850 -42.89 26.38 25.14
C TRP A 850 -42.83 27.35 23.97
N TYR A 851 -42.60 26.83 22.77
CA TYR A 851 -42.52 27.62 21.55
C TYR A 851 -43.74 27.37 20.69
N ARG A 852 -44.36 28.46 20.23
CA ARG A 852 -45.53 28.36 19.37
C ARG A 852 -45.15 27.84 17.99
N LEU A 853 -45.95 26.91 17.46
CA LEU A 853 -45.77 26.38 16.11
C LEU A 853 -46.65 27.12 15.12
N PRO A 854 -46.19 27.30 13.88
CA PRO A 854 -46.95 28.09 12.89
C PRO A 854 -48.07 27.27 12.27
N ASP A 855 -48.73 27.88 11.28
CA ASP A 855 -49.70 27.18 10.46
C ASP A 855 -48.97 26.19 9.56
N ARG A 856 -49.70 25.17 9.10
CA ARG A 856 -49.10 24.06 8.38
C ARG A 856 -49.01 24.29 6.88
N ASP A 857 -49.27 25.51 6.41
CA ASP A 857 -49.00 25.90 5.03
C ASP A 857 -47.87 26.89 4.92
N GLN A 858 -47.76 27.83 5.86
CA GLN A 858 -46.62 28.74 5.93
C GLN A 858 -45.54 28.20 6.87
N ALA A 859 -45.19 26.93 6.67
CA ALA A 859 -44.12 26.29 7.42
C ALA A 859 -43.30 25.44 6.46
N GLY A 860 -41.99 25.51 6.61
CA GLY A 860 -41.09 24.75 5.80
C GLY A 860 -41.07 23.29 6.19
N PRO A 861 -40.30 22.50 5.47
CA PRO A 861 -40.27 21.06 5.73
C PRO A 861 -39.34 20.65 6.86
N LEU A 862 -38.74 21.61 7.56
CA LEU A 862 -37.68 21.30 8.52
C LEU A 862 -37.86 22.12 9.77
N LEU A 863 -37.48 21.54 10.90
CA LEU A 863 -37.28 22.24 12.16
C LEU A 863 -35.82 22.09 12.54
N VAL A 864 -35.12 23.20 12.69
CA VAL A 864 -33.66 23.18 12.83
C VAL A 864 -33.25 23.87 14.12
N VAL A 865 -32.39 23.20 14.89
CA VAL A 865 -31.61 23.84 15.94
C VAL A 865 -30.13 23.71 15.57
N SER A 866 -29.32 24.64 16.04
CA SER A 866 -27.88 24.59 15.81
C SER A 866 -27.21 24.12 17.09
N ALA A 867 -26.14 23.34 16.94
CA ALA A 867 -25.52 22.74 18.11
C ALA A 867 -24.05 22.50 17.86
N ALA A 868 -23.26 22.62 18.93
CA ALA A 868 -21.83 22.34 18.91
C ALA A 868 -21.51 21.24 19.90
N GLY A 869 -20.25 20.80 19.88
CA GLY A 869 -19.79 19.84 20.86
C GLY A 869 -20.04 18.40 20.49
N ARG A 870 -19.30 17.49 21.10
CA ARG A 870 -19.41 16.07 20.83
C ARG A 870 -20.45 15.46 21.75
N PHE A 871 -21.45 14.80 21.17
CA PHE A 871 -22.49 14.14 21.95
C PHE A 871 -23.11 13.01 21.14
N ASP A 872 -24.02 12.27 21.77
CA ASP A 872 -24.55 11.02 21.25
C ASP A 872 -25.84 11.30 20.48
N GLN A 873 -26.54 10.23 20.08
CA GLN A 873 -27.67 10.38 19.16
C GLN A 873 -28.89 10.93 19.88
N GLY A 874 -29.33 10.28 20.95
CA GLY A 874 -30.57 10.66 21.60
C GLY A 874 -30.41 11.60 22.77
N GLU A 875 -29.41 12.49 22.69
CA GLU A 875 -29.13 13.45 23.80
C GLU A 875 -30.11 14.63 23.75
N VAL A 876 -30.34 15.19 22.56
CA VAL A 876 -31.22 16.33 22.37
C VAL A 876 -32.51 15.84 21.75
N GLU A 877 -33.65 16.24 22.33
CA GLU A 877 -34.95 15.79 21.86
C GLU A 877 -35.91 16.97 21.80
N VAL A 878 -37.05 16.75 21.15
CA VAL A 878 -38.14 17.72 21.08
C VAL A 878 -39.29 17.14 21.87
N GLN A 879 -40.04 17.99 22.55
CA GLN A 879 -41.17 17.54 23.36
C GLN A 879 -42.39 18.36 22.97
N TRP A 880 -43.24 17.80 22.10
CA TRP A 880 -44.38 18.57 21.62
C TRP A 880 -45.61 18.32 22.46
N ALA A 881 -46.54 19.26 22.41
CA ALA A 881 -47.80 19.15 23.13
C ALA A 881 -48.85 20.01 22.46
N THR A 882 -50.08 19.84 22.91
CA THR A 882 -51.18 20.71 22.49
C THR A 882 -51.28 21.88 23.47
N ASP A 883 -52.39 22.61 23.43
CA ASP A 883 -52.63 23.68 24.40
C ASP A 883 -52.87 23.12 25.80
N GLU A 884 -53.79 22.17 25.91
CA GLU A 884 -54.17 21.64 27.22
C GLU A 884 -53.15 20.61 27.73
N GLN A 885 -52.32 20.06 26.84
CA GLN A 885 -51.29 19.14 27.30
C GLN A 885 -50.11 19.90 27.88
N ALA A 886 -49.87 21.12 27.42
CA ALA A 886 -48.85 21.97 28.01
C ALA A 886 -49.39 22.82 29.14
N ALA A 887 -50.71 22.96 29.23
CA ALA A 887 -51.29 23.54 30.45
C ALA A 887 -51.27 22.54 31.59
N ALA A 888 -51.15 21.25 31.29
CA ALA A 888 -51.05 20.21 32.31
C ALA A 888 -49.61 19.79 32.59
N ASN A 889 -48.66 20.25 31.78
CA ASN A 889 -47.22 19.99 31.90
C ASN A 889 -46.93 18.49 31.85
N GLU A 890 -47.29 17.91 30.70
CA GLU A 890 -47.09 16.50 30.43
C GLU A 890 -46.30 16.37 29.14
N PRO A 891 -45.58 15.23 28.92
CA PRO A 891 -44.75 15.12 27.71
C PRO A 891 -45.49 15.23 26.39
N GLY A 892 -46.41 14.32 26.09
CA GLY A 892 -47.15 14.37 24.85
C GLY A 892 -46.44 13.85 23.62
N GLY A 893 -45.12 13.71 23.64
CA GLY A 893 -44.43 13.16 22.49
C GLY A 893 -42.95 13.49 22.53
N SER A 894 -42.20 12.75 21.72
CA SER A 894 -40.75 12.91 21.66
C SER A 894 -40.21 12.42 20.33
N ILE A 895 -39.49 13.29 19.62
CA ILE A 895 -38.68 12.91 18.46
C ILE A 895 -37.25 13.34 18.71
N THR A 896 -36.34 12.76 17.93
CA THR A 896 -34.92 12.96 18.10
C THR A 896 -34.33 13.59 16.83
N PHE A 897 -33.44 14.55 17.01
CA PHE A 897 -32.74 15.12 15.88
C PHE A 897 -31.72 14.15 15.31
N GLY A 898 -31.46 14.29 14.01
CA GLY A 898 -30.36 13.59 13.39
C GLY A 898 -29.30 14.59 12.99
N ASP A 899 -28.08 14.11 12.73
CA ASP A 899 -26.97 15.03 12.51
C ASP A 899 -26.05 14.56 11.39
N VAL A 900 -25.62 15.59 10.69
CA VAL A 900 -24.65 15.56 9.55
C VAL A 900 -23.63 16.60 9.98
N GLY A 901 -22.35 16.27 10.06
CA GLY A 901 -21.41 17.32 10.46
C GLY A 901 -20.15 16.76 11.06
N ALA A 902 -19.15 17.60 11.25
CA ALA A 902 -17.94 17.19 11.87
C ALA A 902 -18.01 17.76 13.27
N ALA A 903 -17.73 16.93 14.26
CA ALA A 903 -17.81 17.35 15.63
C ALA A 903 -16.46 17.58 16.24
N PRO A 904 -16.26 18.73 16.86
CA PRO A 904 -17.33 19.31 17.65
C PRO A 904 -17.89 20.62 17.17
N ALA A 905 -17.63 21.04 15.94
CA ALA A 905 -18.05 22.35 15.48
C ALA A 905 -19.48 22.63 15.25
N TRP A 906 -19.85 23.89 15.30
CA TRP A 906 -21.28 24.17 15.06
C TRP A 906 -21.83 23.45 13.83
N ARG A 907 -23.03 22.91 13.96
CA ARG A 907 -23.71 22.20 12.88
C ARG A 907 -25.22 22.40 13.05
N ASN A 908 -25.98 21.88 12.10
CA ASN A 908 -27.43 22.00 12.14
C ASN A 908 -28.03 20.64 12.45
N LEU A 909 -28.86 20.58 13.49
CA LEU A 909 -29.65 19.40 13.82
C LEU A 909 -31.04 19.59 13.23
N ARG A 910 -31.54 18.55 12.57
CA ARG A 910 -32.73 18.70 11.76
C ARG A 910 -33.71 17.55 11.98
N ALA A 911 -34.99 17.84 11.82
CA ALA A 911 -36.04 16.87 11.98
C ALA A 911 -37.20 17.38 11.15
N PRO A 912 -37.83 16.54 10.34
CA PRO A 912 -38.97 17.01 9.54
C PRO A 912 -40.19 17.28 10.40
N LEU A 913 -41.07 18.13 9.90
CA LEU A 913 -42.32 18.37 10.60
C LEU A 913 -43.36 17.29 10.31
N SER A 914 -43.07 16.36 9.41
CA SER A 914 -43.93 15.19 9.27
C SER A 914 -43.78 14.22 10.42
N SER A 915 -42.66 14.29 11.15
CA SER A 915 -42.49 13.51 12.38
C SER A 915 -43.31 14.06 13.53
N ILE A 916 -43.71 15.33 13.47
CA ILE A 916 -44.56 15.94 14.48
C ILE A 916 -46.01 15.79 14.04
N PRO A 917 -46.89 15.23 14.86
CA PRO A 917 -48.26 14.98 14.43
C PRO A 917 -49.02 16.27 14.25
N PRO A 918 -50.05 16.29 13.38
CA PRO A 918 -50.68 17.56 13.01
C PRO A 918 -51.58 18.20 14.06
N GLU A 919 -51.63 17.65 15.27
CA GLU A 919 -52.38 18.27 16.35
C GLU A 919 -51.49 18.98 17.35
N ALA A 920 -50.17 18.90 17.19
CA ALA A 920 -49.26 19.58 18.11
C ALA A 920 -49.26 21.07 17.84
N THR A 921 -49.08 21.84 18.91
CA THR A 921 -49.18 23.29 18.80
C THR A 921 -47.94 23.94 19.40
N GLN A 922 -47.38 23.33 20.44
CA GLN A 922 -46.29 23.90 21.20
C GLN A 922 -45.20 22.86 21.38
N ILE A 923 -43.94 23.26 21.21
CA ILE A 923 -42.81 22.36 21.38
C ILE A 923 -41.89 22.89 22.47
N ARG A 924 -40.90 22.07 22.83
CA ARG A 924 -40.00 22.39 23.92
C ARG A 924 -38.74 21.55 23.77
N LEU A 925 -37.59 22.18 23.94
CA LEU A 925 -36.32 21.44 23.79
C LEU A 925 -36.03 20.69 25.08
N VAL A 926 -35.07 19.77 25.05
CA VAL A 926 -34.74 18.94 26.23
C VAL A 926 -33.31 18.47 26.01
N ALA A 927 -32.41 18.53 27.00
CA ALA A 927 -31.03 18.02 26.78
C ALA A 927 -30.43 17.43 28.08
N SER A 928 -29.44 16.53 27.92
CA SER A 928 -28.78 15.89 29.08
C SER A 928 -27.44 15.28 28.64
N ASP A 929 -26.38 15.53 29.41
CA ASP A 929 -25.02 15.01 29.08
C ASP A 929 -24.72 13.83 30.02
N ASP A 930 -24.43 12.66 29.44
CA ASP A 930 -24.14 11.43 30.23
C ASP A 930 -22.64 11.34 30.58
N ASP A 931 -22.17 12.22 31.48
CA ASP A 931 -20.75 12.18 31.94
C ASP A 931 -19.80 12.29 30.74
N LEU A 932 -18.91 11.30 30.59
CA LEU A 932 -17.87 11.17 29.53
C LEU A 932 -16.88 12.32 29.69
N ALA A 933 -16.56 12.67 30.95
CA ALA A 933 -15.53 13.65 31.37
C ALA A 933 -15.63 15.01 30.67
N PRO A 934 -14.69 15.94 30.98
CA PRO A 934 -14.74 17.34 30.49
C PRO A 934 -14.83 17.49 28.97
N GLN A 935 -14.14 16.64 28.21
CA GLN A 935 -14.11 16.76 26.73
C GLN A 935 -15.54 16.65 26.16
N HIS A 936 -16.35 15.71 26.66
CA HIS A 936 -17.74 15.58 26.16
C HIS A 936 -18.53 16.82 26.60
N TRP A 937 -19.33 17.40 25.70
CA TRP A 937 -20.17 18.58 26.02
C TRP A 937 -21.32 18.75 25.01
N ILE A 938 -22.03 19.86 25.08
CA ILE A 938 -23.19 20.17 24.21
C ILE A 938 -23.38 21.68 24.22
N ALA A 939 -23.68 22.35 23.11
CA ALA A 939 -23.99 23.81 23.06
C ALA A 939 -25.37 23.97 22.38
N LEU A 940 -26.15 25.02 22.65
CA LEU A 940 -27.50 24.98 22.03
C LEU A 940 -28.06 26.37 21.73
N THR A 941 -28.82 26.47 20.63
CA THR A 941 -29.45 27.76 20.28
C THR A 941 -30.96 27.55 20.16
N PRO A 942 -31.83 28.56 20.14
CA PRO A 942 -33.25 28.29 20.06
C PRO A 942 -33.78 27.72 18.72
N PRO A 943 -34.94 27.05 18.69
CA PRO A 943 -35.53 26.45 17.50
C PRO A 943 -35.86 27.43 16.38
N ARG A 944 -35.93 26.88 15.18
CA ARG A 944 -36.01 27.65 13.96
C ARG A 944 -36.69 26.81 12.88
N ILE A 945 -37.64 27.40 12.17
CA ILE A 945 -38.14 26.79 10.95
C ILE A 945 -37.62 27.61 9.76
N PRO A 946 -36.65 27.09 9.03
CA PRO A 946 -36.00 27.89 7.99
C PRO A 946 -36.89 28.10 6.77
N GLU A 947 -36.68 29.22 6.10
CA GLU A 947 -37.36 29.56 4.85
C GLU A 947 -36.39 29.32 3.71
N LEU A 948 -36.66 28.30 2.90
CA LEU A 948 -35.68 27.73 2.00
C LEU A 948 -35.98 28.09 0.55
N ARG A 949 -34.93 28.33 -0.23
CA ARG A 949 -35.00 28.50 -1.67
C ARG A 949 -34.00 27.55 -2.30
N THR A 950 -34.14 27.32 -3.60
CA THR A 950 -33.22 26.39 -4.24
C THR A 950 -31.90 27.08 -4.55
N LEU A 951 -30.87 26.28 -4.80
CA LEU A 951 -29.56 26.81 -5.10
C LEU A 951 -29.50 27.47 -6.47
N GLN A 952 -30.38 27.09 -7.39
CA GLN A 952 -30.41 27.72 -8.70
C GLN A 952 -30.99 29.13 -8.63
N GLU A 953 -31.84 29.41 -7.65
CA GLU A 953 -32.39 30.74 -7.48
C GLU A 953 -31.52 31.66 -6.64
N VAL A 954 -30.68 31.09 -5.77
CA VAL A 954 -29.76 31.87 -4.96
C VAL A 954 -28.48 32.12 -5.74
N VAL A 955 -27.79 31.04 -6.10
CA VAL A 955 -26.61 31.08 -6.95
C VAL A 955 -27.12 30.97 -8.38
N GLY A 956 -27.20 32.08 -9.10
CA GLY A 956 -27.79 32.02 -10.42
C GLY A 956 -26.93 31.41 -11.50
N SER A 957 -27.22 31.72 -12.75
CA SER A 957 -26.40 31.27 -13.87
C SER A 957 -25.53 32.39 -14.43
N SER A 958 -25.32 33.45 -13.66
CA SER A 958 -24.53 34.60 -14.10
C SER A 958 -23.35 34.92 -13.21
N ASP A 959 -23.43 34.62 -11.92
CA ASP A 959 -22.33 34.94 -11.02
C ASP A 959 -21.17 33.97 -11.23
N PRO A 960 -19.93 34.42 -11.09
CA PRO A 960 -18.80 33.49 -11.16
C PRO A 960 -18.71 32.63 -9.91
N VAL A 961 -18.62 31.32 -10.11
CA VAL A 961 -18.61 30.34 -9.05
C VAL A 961 -17.28 29.61 -9.10
N MET A 962 -16.70 29.35 -7.93
CA MET A 962 -15.53 28.49 -7.85
C MET A 962 -16.00 27.06 -7.63
N LEU A 963 -16.05 26.28 -8.69
CA LEU A 963 -16.38 24.88 -8.61
C LEU A 963 -15.12 24.08 -8.31
N ASP A 964 -15.28 22.99 -7.56
CA ASP A 964 -14.18 22.08 -7.40
C ASP A 964 -14.12 21.12 -8.57
N TRP A 965 -13.08 20.30 -8.63
CA TRP A 965 -12.89 19.47 -9.81
C TRP A 965 -13.73 18.21 -9.80
N LEU A 966 -14.47 17.95 -8.73
CA LEU A 966 -15.49 16.91 -8.70
C LEU A 966 -16.87 17.45 -9.02
N VAL A 967 -17.22 18.61 -8.47
CA VAL A 967 -18.60 19.12 -8.59
C VAL A 967 -18.65 19.93 -9.89
N GLY A 968 -18.66 19.20 -11.00
CA GLY A 968 -18.72 19.92 -12.26
C GLY A 968 -19.80 19.43 -13.20
N LEU A 969 -20.14 18.15 -13.07
CA LEU A 969 -21.12 17.53 -13.94
C LEU A 969 -22.47 17.40 -13.24
N ALA A 970 -22.51 17.57 -11.92
CA ALA A 970 -23.76 17.68 -11.18
C ALA A 970 -24.27 19.10 -11.12
N PHE A 971 -23.40 20.10 -11.34
CA PHE A 971 -23.77 21.51 -11.36
C PHE A 971 -23.42 22.10 -12.71
N PRO A 972 -24.20 21.82 -13.76
CA PRO A 972 -23.81 22.27 -15.09
C PRO A 972 -24.35 23.63 -15.51
N CYS A 973 -25.30 24.18 -14.75
CA CYS A 973 -25.92 25.49 -15.09
C CYS A 973 -25.08 26.64 -14.52
N GLN A 974 -24.28 26.37 -13.48
CA GLN A 974 -23.45 27.38 -12.83
C GLN A 974 -22.13 27.53 -13.55
N ARG A 975 -21.70 28.79 -13.73
CA ARG A 975 -20.54 28.95 -14.60
C ARG A 975 -19.28 29.22 -13.79
N PRO A 976 -18.14 28.68 -14.20
CA PRO A 976 -16.89 28.95 -13.49
C PRO A 976 -16.34 30.33 -13.85
N PHE A 977 -15.33 30.74 -13.09
CA PHE A 977 -14.75 32.05 -13.32
C PHE A 977 -13.72 32.00 -14.43
N ASP A 978 -13.55 33.14 -15.11
CA ASP A 978 -12.72 33.26 -16.28
C ASP A 978 -11.30 33.72 -15.93
N HIS A 979 -10.44 33.77 -16.94
CA HIS A 979 -9.14 34.40 -16.89
C HIS A 979 -8.78 34.73 -18.33
N ARG A 980 -8.21 35.91 -18.56
CA ARG A 980 -7.90 36.24 -19.96
C ARG A 980 -6.44 36.51 -20.22
N TYR A 981 -5.83 37.46 -19.53
CA TYR A 981 -4.44 37.82 -19.80
C TYR A 981 -3.56 37.60 -18.58
N GLY A 982 -3.71 36.44 -17.94
CA GLY A 982 -3.02 36.19 -16.71
C GLY A 982 -3.75 36.63 -15.47
N VAL A 983 -4.77 37.46 -15.60
CA VAL A 983 -5.56 37.96 -14.49
C VAL A 983 -6.88 37.20 -14.45
N VAL A 984 -7.27 36.73 -13.26
CA VAL A 984 -8.48 35.92 -13.13
C VAL A 984 -9.63 36.79 -12.67
N GLU A 985 -10.84 36.23 -12.76
CA GLU A 985 -12.06 36.91 -12.32
C GLU A 985 -12.38 36.43 -10.91
N VAL A 986 -12.75 37.35 -10.04
CA VAL A 986 -12.93 37.06 -8.62
C VAL A 986 -14.27 36.37 -8.42
N PRO A 987 -14.29 35.15 -7.89
CA PRO A 987 -15.56 34.44 -7.70
C PRO A 987 -16.35 34.98 -6.53
N LYS A 988 -17.62 34.55 -6.46
CA LYS A 988 -18.51 34.96 -5.39
C LYS A 988 -19.03 33.82 -4.54
N TRP A 989 -18.89 32.58 -5.00
CA TRP A 989 -19.42 31.41 -4.33
C TRP A 989 -18.38 30.31 -4.41
N ARG A 990 -18.60 29.23 -3.67
CA ARG A 990 -17.77 28.05 -3.78
C ARG A 990 -18.60 26.82 -3.45
N ILE A 991 -18.47 25.77 -4.24
CA ILE A 991 -19.19 24.52 -4.03
C ILE A 991 -18.18 23.42 -3.77
N LEU A 992 -18.37 22.68 -2.69
CA LEU A 992 -17.44 21.66 -2.23
C LEU A 992 -18.09 20.29 -2.31
N PRO A 993 -17.29 19.20 -2.28
CA PRO A 993 -17.87 17.88 -2.04
C PRO A 993 -18.16 17.65 -0.57
N ASP A 994 -18.51 16.42 -0.19
CA ASP A 994 -18.68 16.09 1.22
C ASP A 994 -17.32 16.09 1.93
N ARG A 995 -17.36 15.89 3.25
CA ARG A 995 -16.20 16.14 4.08
C ARG A 995 -15.07 15.15 3.82
N PHE A 996 -15.41 13.87 3.62
CA PHE A 996 -14.42 12.86 3.27
C PHE A 996 -13.83 13.13 1.89
N GLY A 997 -14.66 13.61 0.97
CA GLY A 997 -14.16 13.90 -0.36
C GLY A 997 -13.40 15.20 -0.43
N ALA A 998 -13.75 16.16 0.43
CA ALA A 998 -13.08 17.44 0.41
C ALA A 998 -11.72 17.36 1.10
N GLU A 999 -11.60 16.53 2.14
CA GLU A 999 -10.32 16.50 2.84
C GLU A 999 -9.27 15.67 2.11
N ALA A 1000 -9.66 14.90 1.09
CA ALA A 1000 -8.72 14.07 0.37
C ALA A 1000 -8.41 14.56 -1.04
N ASN A 1001 -9.18 15.52 -1.56
CA ASN A 1001 -9.04 15.94 -2.94
C ASN A 1001 -8.70 17.42 -3.11
N SER A 1002 -8.94 18.24 -2.10
CA SER A 1002 -8.47 19.62 -2.09
C SER A 1002 -6.96 19.86 -2.21
N PRO A 1003 -6.05 18.94 -1.86
CA PRO A 1003 -4.62 19.18 -2.21
C PRO A 1003 -4.29 19.17 -3.70
N VAL A 1004 -5.23 18.96 -4.60
CA VAL A 1004 -4.96 19.19 -6.02
C VAL A 1004 -4.88 20.68 -6.30
N MET A 1005 -5.71 21.48 -5.62
CA MET A 1005 -5.88 22.88 -5.95
C MET A 1005 -5.13 23.82 -5.00
N ASP A 1006 -4.27 23.29 -4.13
CA ASP A 1006 -3.69 24.13 -3.08
C ASP A 1006 -2.54 24.97 -3.61
N TYR A 1007 -1.85 25.64 -2.69
CA TYR A 1007 -0.75 26.54 -3.04
C TYR A 1007 0.47 25.83 -3.58
N LEU A 1008 0.76 24.62 -3.11
CA LEU A 1008 1.99 23.94 -3.45
C LEU A 1008 1.99 23.34 -4.85
N GLY A 1009 0.93 23.51 -5.63
CA GLY A 1009 0.92 22.92 -6.94
C GLY A 1009 0.40 23.83 -8.02
N GLY A 1010 -0.03 25.03 -7.66
CA GLY A 1010 -0.68 25.90 -8.61
C GLY A 1010 -1.98 26.34 -8.02
N GLY A 1011 -3.09 26.10 -8.70
CA GLY A 1011 -4.37 26.08 -8.04
C GLY A 1011 -4.99 27.42 -7.76
N PRO A 1012 -6.31 27.51 -7.91
CA PRO A 1012 -7.01 28.74 -7.53
C PRO A 1012 -7.29 28.87 -6.05
N LEU A 1013 -6.97 27.87 -5.24
CA LEU A 1013 -7.03 28.01 -3.78
C LEU A 1013 -5.76 28.59 -3.19
N GLY A 1014 -4.86 29.10 -4.02
CA GLY A 1014 -3.71 29.83 -3.53
C GLY A 1014 -3.91 31.29 -3.78
N ILE A 1015 -4.95 31.63 -4.52
CA ILE A 1015 -5.32 33.01 -4.80
C ILE A 1015 -6.47 33.47 -3.92
N THR A 1016 -7.50 32.65 -3.79
CA THR A 1016 -8.64 32.98 -2.94
C THR A 1016 -8.32 32.81 -1.46
N GLU A 1017 -7.22 32.14 -1.14
CA GLU A 1017 -6.76 32.05 0.24
C GLU A 1017 -6.27 33.39 0.76
N LEU A 1018 -5.79 34.26 -0.11
CA LEU A 1018 -5.27 35.56 0.25
C LEU A 1018 -6.22 36.71 -0.04
N LEU A 1019 -7.10 36.56 -1.01
CA LEU A 1019 -7.90 37.68 -1.47
C LEU A 1019 -9.26 37.74 -0.81
N LEU A 1020 -9.84 36.59 -0.47
CA LEU A 1020 -11.23 36.47 -0.06
C LEU A 1020 -11.30 35.74 1.28
N ARG A 1021 -12.37 36.00 2.01
CA ARG A 1021 -12.67 35.25 3.23
C ARG A 1021 -13.94 34.42 3.05
N PRO A 1022 -13.99 33.19 3.54
CA PRO A 1022 -15.17 32.35 3.31
C PRO A 1022 -16.20 32.48 4.42
N SER A 1023 -17.39 31.95 4.13
CA SER A 1023 -18.53 31.98 5.04
C SER A 1023 -19.54 30.90 4.66
N SER A 1024 -19.83 29.98 5.57
CA SER A 1024 -20.73 28.87 5.27
C SER A 1024 -22.18 29.30 5.19
N VAL A 1025 -22.95 28.59 4.37
CA VAL A 1025 -24.37 28.80 4.18
C VAL A 1025 -25.07 27.49 4.52
N PRO A 1026 -26.19 27.52 5.26
CA PRO A 1026 -26.95 26.30 5.58
C PRO A 1026 -27.54 25.78 4.26
N THR A 1027 -27.47 24.47 4.02
CA THR A 1027 -27.98 23.88 2.77
C THR A 1027 -28.42 22.46 3.07
N TYR A 1028 -29.58 22.02 2.58
CA TYR A 1028 -30.13 20.67 2.84
C TYR A 1028 -30.53 19.97 1.55
N LEU A 1029 -30.33 18.67 1.36
CA LEU A 1029 -30.75 17.96 0.12
C LEU A 1029 -32.26 17.79 0.14
N LYS A 1030 -32.94 18.21 -0.89
CA LYS A 1030 -34.40 18.29 -0.89
C LYS A 1030 -35.24 17.15 -0.38
N ASP A 1031 -34.87 15.88 -0.32
CA ASP A 1031 -35.86 14.95 0.30
C ASP A 1031 -35.18 13.84 1.06
N ASP A 1032 -33.88 13.89 1.10
CA ASP A 1032 -33.01 12.89 1.73
C ASP A 1032 -32.22 13.73 2.70
N TRP A 1033 -32.91 14.26 3.68
CA TRP A 1033 -32.48 15.30 4.60
C TRP A 1033 -31.22 14.98 5.40
N TYR A 1034 -30.96 13.72 5.70
CA TYR A 1034 -29.82 13.33 6.52
C TYR A 1034 -28.62 12.87 5.71
N ARG A 1035 -28.44 13.42 4.50
CA ARG A 1035 -27.32 13.05 3.66
C ARG A 1035 -26.39 14.24 3.47
N ASP A 1036 -25.09 13.97 3.50
CA ASP A 1036 -24.04 14.96 3.25
C ASP A 1036 -23.77 15.00 1.75
N TRP A 1037 -24.39 15.95 1.06
CA TRP A 1037 -24.15 16.11 -0.36
C TRP A 1037 -22.90 16.91 -0.66
N GLY A 1038 -22.47 17.76 0.24
CA GLY A 1038 -21.43 18.73 0.03
C GLY A 1038 -21.73 19.96 0.85
N SER A 1039 -21.19 21.11 0.42
CA SER A 1039 -21.44 22.36 1.13
C SER A 1039 -21.24 23.54 0.19
N LEU A 1040 -21.77 24.69 0.61
CA LEU A 1040 -21.73 25.93 -0.14
C LEU A 1040 -21.14 27.03 0.74
N GLN A 1041 -20.38 27.95 0.12
CA GLN A 1041 -19.77 29.06 0.84
C GLN A 1041 -19.98 30.36 0.10
N ARG A 1042 -20.00 31.46 0.85
CA ARG A 1042 -19.90 32.81 0.31
C ARG A 1042 -18.45 33.22 0.35
N LEU A 1043 -18.01 33.98 -0.65
CA LEU A 1043 -16.66 34.52 -0.67
C LEU A 1043 -16.74 36.04 -0.62
N THR A 1044 -16.18 36.63 0.42
CA THR A 1044 -16.28 38.05 0.68
C THR A 1044 -14.90 38.69 0.61
N PRO A 1045 -14.73 39.81 -0.08
CA PRO A 1045 -13.41 40.44 -0.13
C PRO A 1045 -13.05 41.09 1.18
N TRP A 1046 -11.74 41.16 1.45
CA TRP A 1046 -11.29 41.92 2.62
C TRP A 1046 -11.46 43.41 2.40
N TYR A 1047 -11.11 43.90 1.21
CA TYR A 1047 -11.34 45.31 0.91
C TYR A 1047 -12.52 45.42 -0.06
N PRO A 1048 -13.70 45.86 0.38
CA PRO A 1048 -14.85 45.91 -0.53
C PRO A 1048 -14.79 47.02 -1.56
N ASP A 1049 -13.98 48.05 -1.34
CA ASP A 1049 -13.85 49.18 -2.25
C ASP A 1049 -12.74 49.00 -3.30
N ALA A 1050 -12.41 47.76 -3.63
CA ALA A 1050 -11.35 47.45 -4.58
C ALA A 1050 -11.97 47.11 -5.92
N GLN A 1051 -11.90 48.05 -6.85
CA GLN A 1051 -12.40 47.82 -8.20
C GLN A 1051 -11.47 46.88 -8.95
N PRO A 1052 -11.91 46.29 -10.05
CA PRO A 1052 -10.96 45.59 -10.93
C PRO A 1052 -10.02 46.56 -11.60
N ALA A 1053 -8.87 46.04 -12.01
CA ALA A 1053 -7.85 46.85 -12.65
C ALA A 1053 -8.12 46.91 -14.15
N ARG A 1054 -7.42 47.80 -14.84
CA ARG A 1054 -7.46 47.82 -16.30
C ARG A 1054 -6.01 47.67 -16.78
N LEU A 1055 -5.83 46.92 -17.85
CA LEU A 1055 -4.49 46.59 -18.29
C LEU A 1055 -4.17 47.33 -19.59
N ASP A 1056 -2.91 47.71 -19.73
CA ASP A 1056 -2.42 48.42 -20.90
C ASP A 1056 -1.86 47.41 -21.88
N LEU A 1057 -2.57 47.19 -22.98
CA LEU A 1057 -2.27 46.11 -23.92
C LEU A 1057 -1.38 46.58 -25.05
N GLY A 1058 -0.61 45.64 -25.59
CA GLY A 1058 0.26 45.89 -26.72
C GLY A 1058 0.38 44.68 -27.63
N THR A 1059 1.28 44.73 -28.60
CA THR A 1059 1.48 43.60 -29.51
C THR A 1059 2.96 43.49 -29.82
N ALA A 1060 3.51 42.29 -29.64
CA ALA A 1060 4.92 42.04 -29.91
C ALA A 1060 5.08 40.75 -30.70
N THR A 1061 5.95 40.77 -31.69
CA THR A 1061 6.27 39.60 -32.49
C THR A 1061 7.44 38.86 -31.86
N ARG A 1062 7.21 37.61 -31.52
CA ARG A 1062 8.17 36.78 -30.81
C ARG A 1062 8.63 35.65 -31.72
N SER A 1063 9.67 34.95 -31.30
CA SER A 1063 10.20 33.86 -32.09
C SER A 1063 9.75 32.53 -31.49
N GLY A 1064 10.28 31.43 -32.01
CA GLY A 1064 9.87 30.12 -31.58
C GLY A 1064 10.66 29.51 -30.47
N TRP A 1065 11.73 30.18 -30.01
CA TRP A 1065 12.52 29.72 -28.88
C TRP A 1065 12.58 30.76 -27.78
N TRP A 1066 11.74 31.79 -27.84
CA TRP A 1066 11.77 32.89 -26.90
C TRP A 1066 11.18 32.47 -25.56
N SER A 1067 11.73 33.03 -24.47
CA SER A 1067 11.22 32.80 -23.13
C SER A 1067 11.57 33.99 -22.25
N PRO A 1068 10.59 34.61 -21.58
CA PRO A 1068 10.85 35.87 -20.86
C PRO A 1068 11.58 35.73 -19.53
N ALA A 1069 11.25 34.71 -18.76
CA ALA A 1069 11.66 34.60 -17.36
C ALA A 1069 11.47 33.16 -16.93
N PRO A 1070 12.19 32.71 -15.91
CA PRO A 1070 11.98 31.34 -15.42
C PRO A 1070 10.62 31.19 -14.76
N LEU A 1071 10.18 29.95 -14.65
CA LEU A 1071 8.93 29.61 -14.00
C LEU A 1071 9.21 29.31 -12.54
N ARG A 1072 8.66 30.13 -11.64
CA ARG A 1072 8.93 29.99 -10.22
C ARG A 1072 8.04 28.90 -9.63
N LEU A 1073 8.65 27.90 -9.03
CA LEU A 1073 7.91 26.82 -8.40
C LEU A 1073 7.89 27.05 -6.89
N SER A 1074 6.71 26.99 -6.30
CA SER A 1074 6.57 27.16 -4.87
C SER A 1074 7.02 25.88 -4.17
N HIS A 1075 8.04 25.98 -3.33
CA HIS A 1075 8.60 24.82 -2.69
C HIS A 1075 8.70 25.02 -1.18
N ASN B 11 8.74 -61.23 3.01
CA ASN B 11 7.68 -62.13 2.56
C ASN B 11 7.42 -63.14 3.66
N HIS B 12 6.51 -62.80 4.56
CA HIS B 12 6.15 -63.68 5.65
C HIS B 12 4.71 -63.39 6.04
N ARG B 13 4.05 -64.39 6.62
CA ARG B 13 2.67 -64.26 7.06
C ARG B 13 2.56 -63.55 8.41
N THR B 14 3.58 -63.62 9.25
CA THR B 14 3.58 -62.96 10.55
C THR B 14 3.64 -61.44 10.42
N ALA B 15 4.45 -60.93 9.48
CA ALA B 15 4.56 -59.48 9.29
C ALA B 15 3.26 -58.88 8.79
N ARG B 16 2.45 -59.67 8.08
CA ARG B 16 1.19 -59.15 7.56
C ARG B 16 0.16 -58.98 8.69
N LEU B 17 0.33 -59.73 9.78
CA LEU B 17 -0.53 -59.54 10.95
C LEU B 17 0.00 -58.43 11.84
N VAL B 18 1.33 -58.38 11.99
CA VAL B 18 1.97 -57.38 12.85
C VAL B 18 1.71 -55.97 12.32
N ALA B 19 1.72 -55.81 10.99
CA ALA B 19 1.47 -54.51 10.39
C ALA B 19 0.06 -54.02 10.68
N ILE B 20 -0.93 -54.90 10.54
CA ILE B 20 -2.33 -54.54 10.77
C ILE B 20 -2.57 -54.20 12.24
N ILE B 21 -2.10 -55.06 13.14
CA ILE B 21 -2.38 -54.89 14.56
C ILE B 21 -1.68 -53.65 15.12
N ALA B 22 -0.39 -53.50 14.81
CA ALA B 22 0.35 -52.34 15.31
C ALA B 22 -0.14 -51.04 14.69
N GLY B 23 -0.57 -51.06 13.42
CA GLY B 23 -1.04 -49.84 12.80
C GLY B 23 -2.37 -49.37 13.36
N LEU B 24 -3.29 -50.32 13.58
CA LEU B 24 -4.58 -49.95 14.15
C LEU B 24 -4.45 -49.50 15.61
N LEU B 25 -3.56 -50.14 16.38
CA LEU B 25 -3.36 -49.73 17.77
C LEU B 25 -2.69 -48.36 17.87
N GLY B 26 -1.73 -48.07 17.00
CA GLY B 26 -1.13 -46.75 16.97
C GLY B 26 -2.11 -45.65 16.60
N THR B 27 -2.96 -45.93 15.61
CA THR B 27 -3.97 -44.96 15.21
C THR B 27 -4.98 -44.70 16.32
N LEU B 28 -5.39 -45.76 17.02
CA LEU B 28 -6.36 -45.60 18.11
C LEU B 28 -5.78 -44.85 19.31
N MET B 29 -4.52 -45.13 19.67
CA MET B 29 -3.90 -44.40 20.77
C MET B 29 -3.67 -42.93 20.40
N ALA B 30 -3.38 -42.66 19.13
CA ALA B 30 -3.18 -41.28 18.71
C ALA B 30 -4.49 -40.50 18.65
N ILE B 31 -5.59 -41.14 18.28
CA ILE B 31 -6.88 -40.47 18.36
C ILE B 31 -7.29 -40.27 19.83
N ALA B 32 -6.97 -41.21 20.71
CA ALA B 32 -7.41 -41.10 22.09
C ALA B 32 -6.61 -40.11 22.92
N THR B 33 -5.32 -39.88 22.60
CA THR B 33 -4.48 -39.09 23.51
C THR B 33 -4.77 -37.60 23.78
N PRO B 34 -5.47 -36.81 22.95
CA PRO B 34 -5.75 -35.42 23.39
C PRO B 34 -6.84 -35.31 24.44
N LEU B 35 -7.60 -36.37 24.71
CA LEU B 35 -8.77 -36.31 25.57
C LEU B 35 -8.55 -37.01 26.90
N LEU B 36 -7.33 -37.35 27.22
CA LEU B 36 -6.96 -38.04 28.44
C LEU B 36 -6.71 -37.03 29.55
N PRO B 37 -6.82 -37.43 30.82
CA PRO B 37 -6.71 -36.45 31.93
C PRO B 37 -5.32 -35.84 32.07
N VAL B 38 -5.28 -34.75 32.84
CA VAL B 38 -4.06 -34.06 33.23
C VAL B 38 -4.13 -33.76 34.72
N GLU B 39 -3.15 -33.03 35.23
CA GLU B 39 -3.08 -32.63 36.63
C GLU B 39 -2.78 -31.13 36.70
N GLN B 40 -3.79 -30.33 37.00
CA GLN B 40 -3.63 -28.90 37.14
C GLN B 40 -2.97 -28.59 38.49
N THR B 41 -2.22 -27.49 38.54
CA THR B 41 -1.71 -26.93 39.79
C THR B 41 -2.53 -25.69 40.09
N THR B 42 -3.37 -25.76 41.12
CA THR B 42 -4.26 -24.67 41.48
C THR B 42 -3.55 -23.70 42.40
N ALA B 43 -3.79 -22.40 42.19
CA ALA B 43 -3.09 -21.35 42.92
C ALA B 43 -4.04 -20.20 43.18
N GLU B 44 -4.25 -19.86 44.46
CA GLU B 44 -5.09 -18.74 44.81
C GLU B 44 -4.33 -17.76 45.71
N LEU B 45 -4.85 -16.54 45.76
CA LEU B 45 -4.26 -15.43 46.50
C LEU B 45 -5.19 -15.01 47.63
N ASN B 46 -4.82 -15.33 48.86
CA ASN B 46 -5.53 -14.87 50.05
C ASN B 46 -4.73 -13.74 50.66
N TRP B 47 -5.32 -12.53 50.72
CA TRP B 47 -4.48 -11.33 50.83
C TRP B 47 -3.87 -11.08 52.19
N PRO B 48 -4.62 -11.04 53.33
CA PRO B 48 -3.93 -10.65 54.58
C PRO B 48 -3.01 -11.75 55.05
N GLN B 49 -1.72 -11.56 54.79
CA GLN B 49 -0.76 -12.64 54.92
C GLN B 49 -0.40 -12.88 56.38
N ASN B 50 0.15 -11.86 57.03
CA ASN B 50 0.62 -11.99 58.40
C ASN B 50 -0.30 -11.30 59.40
N GLY B 51 -1.51 -10.91 58.98
CA GLY B 51 -2.45 -10.31 59.89
C GLY B 51 -2.32 -8.82 60.06
N VAL B 52 -1.61 -8.14 59.16
CA VAL B 52 -1.45 -6.70 59.22
C VAL B 52 -1.79 -6.10 57.87
N TRP B 53 -2.10 -4.82 57.88
CA TRP B 53 -2.34 -4.06 56.66
C TRP B 53 -1.02 -3.86 55.94
N GLN B 54 -0.78 -4.66 54.90
CA GLN B 54 0.47 -4.58 54.16
C GLN B 54 0.17 -4.83 52.70
N SER B 55 0.60 -3.93 51.83
CA SER B 55 0.39 -4.11 50.41
C SER B 55 1.30 -5.21 49.87
N VAL B 56 0.77 -6.02 48.97
CA VAL B 56 1.55 -7.07 48.33
C VAL B 56 1.62 -6.76 46.84
N ASP B 57 2.31 -7.60 46.08
CA ASP B 57 2.56 -7.33 44.68
C ASP B 57 2.51 -8.64 43.91
N ALA B 58 1.41 -8.86 43.18
CA ALA B 58 1.16 -10.12 42.48
C ALA B 58 0.62 -9.83 41.09
N PRO B 59 1.48 -9.53 40.13
CA PRO B 59 0.99 -9.12 38.80
C PRO B 59 0.61 -10.33 37.96
N LEU B 60 -0.67 -10.42 37.63
CA LEU B 60 -1.20 -11.55 36.88
C LEU B 60 -0.90 -11.39 35.40
N ILE B 61 -0.58 -12.49 34.73
CA ILE B 61 -0.22 -12.41 33.31
C ILE B 61 -1.45 -12.54 32.42
N GLY B 62 -2.51 -13.20 32.88
CA GLY B 62 -3.74 -13.27 32.14
C GLY B 62 -4.65 -12.08 32.30
N TYR B 63 -4.22 -11.12 33.13
CA TYR B 63 -4.95 -9.84 33.32
C TYR B 63 -6.23 -9.97 34.14
N VAL B 64 -6.55 -11.15 34.69
CA VAL B 64 -7.77 -11.29 35.48
C VAL B 64 -7.78 -12.67 36.12
N ALA B 65 -8.42 -12.75 37.28
CA ALA B 65 -8.64 -14.01 37.95
C ALA B 65 -9.97 -14.59 37.49
N THR B 66 -10.14 -15.89 37.67
CA THR B 66 -11.41 -16.51 37.31
C THR B 66 -12.49 -16.30 38.36
N ASP B 67 -12.16 -15.66 39.48
CA ASP B 67 -13.01 -15.54 40.65
C ASP B 67 -12.39 -14.50 41.56
N LEU B 68 -13.23 -13.72 42.24
CA LEU B 68 -12.74 -12.70 43.15
C LEU B 68 -13.80 -12.45 44.21
N THR B 69 -13.38 -12.33 45.47
CA THR B 69 -14.33 -12.20 46.57
C THR B 69 -13.64 -11.43 47.70
N VAL B 70 -14.13 -10.23 48.00
CA VAL B 70 -13.61 -9.43 49.08
C VAL B 70 -14.76 -9.11 50.04
N THR B 71 -14.46 -9.05 51.33
CA THR B 71 -15.49 -8.87 52.37
C THR B 71 -14.90 -8.02 53.48
N VAL B 72 -15.20 -6.73 53.49
CA VAL B 72 -14.61 -5.79 54.44
C VAL B 72 -15.60 -5.53 55.57
N PRO B 73 -15.17 -5.54 56.84
CA PRO B 73 -16.08 -5.15 57.91
C PRO B 73 -16.31 -3.65 58.01
N CYS B 74 -17.01 -3.20 59.05
CA CYS B 74 -17.35 -1.79 59.23
C CYS B 74 -16.22 -0.98 59.86
N GLN B 75 -15.66 -1.47 60.97
CA GLN B 75 -14.64 -0.74 61.71
C GLN B 75 -13.26 -0.79 61.05
N ALA B 76 -13.12 -1.45 59.90
CA ALA B 76 -11.87 -1.37 59.15
C ALA B 76 -11.66 0.04 58.60
N ALA B 77 -12.73 0.70 58.18
CA ALA B 77 -12.64 2.05 57.63
C ALA B 77 -12.72 3.13 58.71
N ALA B 78 -12.42 2.80 59.95
CA ALA B 78 -12.41 3.82 61.00
C ALA B 78 -11.21 4.74 60.86
N GLY B 79 -10.09 4.20 60.37
CA GLY B 79 -8.89 4.99 60.16
C GLY B 79 -8.80 5.58 58.77
N LEU B 80 -9.95 6.00 58.24
CA LEU B 80 -10.04 6.59 56.91
C LEU B 80 -10.53 8.02 56.93
N VAL B 81 -11.24 8.42 57.99
CA VAL B 81 -11.68 9.80 58.16
C VAL B 81 -11.25 10.28 59.53
N GLY B 82 -11.10 11.59 59.66
CA GLY B 82 -10.72 12.21 60.91
C GLY B 82 -10.39 13.67 60.69
N PRO B 83 -9.23 14.10 61.18
CA PRO B 83 -8.79 15.47 60.93
C PRO B 83 -8.29 15.63 59.50
N GLU B 84 -7.77 16.83 59.22
CA GLU B 84 -7.27 17.14 57.88
C GLU B 84 -5.88 16.58 57.60
N ASN B 85 -5.33 15.77 58.51
CA ASN B 85 -4.09 15.04 58.31
C ASN B 85 -4.28 13.71 57.61
N ARG B 86 -5.45 13.45 57.03
CA ARG B 86 -5.75 12.19 56.37
C ARG B 86 -5.71 12.40 54.86
N ASN B 87 -4.56 12.08 54.27
CA ASN B 87 -4.46 11.87 52.82
C ASN B 87 -4.70 10.42 52.44
N ARG B 88 -5.14 9.59 53.38
CA ARG B 88 -5.37 8.17 53.16
C ARG B 88 -6.72 8.00 52.46
N SER B 89 -6.69 7.73 51.16
CA SER B 89 -7.95 7.66 50.42
C SER B 89 -8.46 6.23 50.26
N VAL B 90 -7.65 5.34 49.70
CA VAL B 90 -8.15 4.02 49.36
C VAL B 90 -8.10 3.11 50.58
N LEU B 91 -9.15 2.31 50.72
CA LEU B 91 -9.19 1.24 51.71
C LEU B 91 -8.62 -0.06 51.16
N LEU B 92 -8.79 -0.29 49.86
CA LEU B 92 -8.37 -1.50 49.19
C LEU B 92 -8.37 -1.22 47.70
N SER B 93 -7.52 -1.91 46.98
CA SER B 93 -7.37 -1.68 45.54
C SER B 93 -6.71 -2.90 44.93
N THR B 94 -6.83 -3.02 43.61
CA THR B 94 -6.03 -3.98 42.87
C THR B 94 -5.05 -3.30 41.92
N VAL B 95 -5.04 -1.97 41.89
CA VAL B 95 -4.08 -1.18 41.13
C VAL B 95 -3.59 -0.03 41.98
N PRO B 96 -2.37 0.46 41.72
CA PRO B 96 -1.90 1.64 42.49
C PRO B 96 -2.65 2.87 42.03
N LYS B 97 -3.17 3.65 42.99
CA LYS B 97 -4.03 4.78 42.68
C LYS B 97 -3.31 5.92 41.95
N GLN B 98 -1.97 5.94 41.96
CA GLN B 98 -1.22 7.00 41.32
C GLN B 98 -1.12 6.83 39.81
N ALA B 99 -1.45 5.65 39.29
CA ALA B 99 -1.31 5.40 37.87
C ALA B 99 -2.38 6.17 37.09
N PRO B 100 -2.08 6.55 35.84
CA PRO B 100 -3.08 7.28 35.05
C PRO B 100 -4.26 6.42 34.64
N LYS B 101 -4.02 5.15 34.31
CA LYS B 101 -5.05 4.24 33.85
C LYS B 101 -5.57 3.34 34.96
N ALA B 102 -5.33 3.69 36.21
CA ALA B 102 -5.76 2.84 37.31
C ALA B 102 -7.24 2.92 37.57
N ILE B 103 -7.87 4.01 37.19
CA ILE B 103 -9.29 4.21 37.44
C ILE B 103 -10.17 3.46 36.44
N ASP B 104 -9.71 3.29 35.20
CA ASP B 104 -10.52 2.67 34.17
C ASP B 104 -10.07 1.25 33.83
N ARG B 105 -9.28 0.61 34.71
CA ARG B 105 -8.88 -0.77 34.50
C ARG B 105 -8.99 -1.67 35.72
N GLY B 106 -9.12 -1.13 36.93
CA GLY B 106 -9.12 -1.99 38.09
C GLY B 106 -10.23 -1.73 39.08
N LEU B 107 -9.98 -2.09 40.33
CA LEU B 107 -10.95 -1.97 41.40
C LEU B 107 -10.44 -1.01 42.46
N LEU B 108 -11.36 -0.28 43.09
CA LEU B 108 -11.03 0.66 44.14
C LEU B 108 -12.19 0.73 45.13
N ILE B 109 -11.87 0.80 46.41
CA ILE B 109 -12.86 1.05 47.46
C ILE B 109 -12.43 2.39 48.06
N GLU B 110 -11.97 3.28 47.17
CA GLU B 110 -11.53 4.64 47.48
C GLU B 110 -12.64 5.42 48.16
N ARG B 111 -12.28 6.37 49.02
CA ARG B 111 -13.23 7.26 49.66
C ARG B 111 -13.29 8.57 48.91
N ILE B 112 -14.34 8.75 48.09
CA ILE B 112 -14.68 10.08 47.64
C ILE B 112 -15.23 10.86 48.83
N ASN B 113 -15.12 12.20 48.77
CA ASN B 113 -15.06 13.14 49.89
C ASN B 113 -15.90 12.83 51.13
N ASN B 114 -17.13 12.36 50.96
CA ASN B 114 -17.93 11.92 52.09
C ASN B 114 -18.61 10.57 51.88
N ASP B 115 -18.40 9.89 50.76
CA ASP B 115 -19.05 8.63 50.47
C ASP B 115 -18.01 7.54 50.19
N LEU B 116 -18.21 6.38 50.79
CA LEU B 116 -17.37 5.22 50.55
C LEU B 116 -17.95 4.46 49.37
N THR B 117 -17.24 4.48 48.24
CA THR B 117 -17.74 3.94 46.99
C THR B 117 -17.03 2.63 46.66
N VAL B 118 -17.44 1.97 45.59
CA VAL B 118 -16.77 0.76 45.04
C VAL B 118 -16.77 1.01 43.55
N ILE B 119 -15.65 1.02 42.84
CA ILE B 119 -15.72 1.44 41.42
C ILE B 119 -15.07 0.40 40.51
N VAL B 120 -15.67 -0.77 40.30
CA VAL B 120 -14.98 -1.77 39.43
C VAL B 120 -14.96 -1.37 37.94
N ARG B 121 -13.80 -1.11 37.35
CA ARG B 121 -13.73 -0.86 35.89
C ARG B 121 -14.54 0.36 35.42
N ASN B 122 -14.32 1.52 36.05
CA ASN B 122 -14.86 2.87 35.70
C ASN B 122 -16.37 3.04 35.91
N THR B 123 -17.05 2.13 36.55
CA THR B 123 -18.50 2.33 36.71
C THR B 123 -18.85 2.07 38.15
N PRO B 124 -19.53 2.92 38.93
CA PRO B 124 -19.74 2.60 40.33
C PRO B 124 -20.64 1.39 40.55
N VAL B 125 -20.39 0.63 41.62
CA VAL B 125 -21.25 -0.52 41.96
C VAL B 125 -22.10 -0.13 43.17
N VAL B 126 -21.60 -0.05 44.37
CA VAL B 126 -22.47 0.39 45.50
C VAL B 126 -21.91 1.67 46.13
N SER B 127 -22.66 2.45 46.93
CA SER B 127 -22.14 3.60 47.67
C SER B 127 -22.98 3.79 48.91
N ALA B 128 -22.40 4.47 49.90
CA ALA B 128 -23.09 4.74 51.17
C ALA B 128 -22.44 5.92 51.88
N PRO B 129 -23.20 6.72 52.61
CA PRO B 129 -22.60 7.81 53.39
C PRO B 129 -21.74 7.28 54.52
N LEU B 130 -20.68 8.02 54.83
CA LEU B 130 -19.60 7.49 55.65
C LEU B 130 -19.97 7.45 57.13
N GLU B 131 -20.76 8.42 57.59
CA GLU B 131 -21.27 8.35 58.96
C GLU B 131 -22.34 7.28 59.10
N GLN B 132 -22.90 6.82 57.99
CA GLN B 132 -23.85 5.72 58.03
C GLN B 132 -23.13 4.37 57.97
N VAL B 133 -21.93 4.34 57.39
CA VAL B 133 -21.11 3.13 57.41
C VAL B 133 -20.53 2.89 58.80
N LEU B 134 -20.09 3.95 59.47
CA LEU B 134 -19.54 3.86 60.83
C LEU B 134 -20.62 3.71 61.91
N SER B 135 -21.88 3.51 61.53
CA SER B 135 -22.96 3.22 62.44
C SER B 135 -22.77 1.81 63.03
N PRO B 136 -23.51 1.44 64.08
CA PRO B 136 -23.46 0.04 64.54
C PRO B 136 -24.06 -0.98 63.58
N ASP B 137 -24.71 -0.54 62.51
CA ASP B 137 -25.12 -1.41 61.43
C ASP B 137 -23.99 -1.52 60.40
N CYS B 138 -24.31 -2.02 59.20
CA CYS B 138 -23.39 -2.17 58.07
C CYS B 138 -22.26 -3.13 58.42
N ARG B 139 -22.63 -4.38 58.69
CA ARG B 139 -21.69 -5.35 59.21
C ARG B 139 -20.70 -5.87 58.17
N TYR B 140 -20.92 -5.65 56.88
CA TYR B 140 -20.02 -6.18 55.88
C TYR B 140 -19.97 -5.23 54.69
N LEU B 141 -19.07 -5.54 53.77
CA LEU B 141 -18.96 -4.91 52.46
C LEU B 141 -18.72 -6.03 51.44
N THR B 142 -19.62 -7.00 51.44
CA THR B 142 -19.55 -8.16 50.55
C THR B 142 -19.48 -7.71 49.09
N PHE B 143 -18.56 -8.33 48.34
CA PHE B 143 -18.35 -8.03 46.93
C PHE B 143 -17.93 -9.31 46.23
N THR B 144 -18.36 -9.48 44.98
CA THR B 144 -18.08 -10.68 44.21
C THR B 144 -17.95 -10.29 42.74
N ALA B 145 -17.00 -10.90 42.04
CA ALA B 145 -16.81 -10.64 40.63
C ALA B 145 -16.67 -11.95 39.86
N HIS B 146 -17.37 -12.06 38.74
CA HIS B 146 -17.31 -13.22 37.87
C HIS B 146 -17.31 -12.76 36.42
N ALA B 147 -17.36 -13.72 35.51
CA ALA B 147 -17.34 -13.41 34.08
C ALA B 147 -18.67 -12.94 33.54
N ASP B 148 -19.73 -12.98 34.34
CA ASP B 148 -21.06 -12.59 33.89
C ASP B 148 -21.65 -11.45 34.71
N LYS B 149 -21.35 -11.38 36.01
CA LYS B 149 -21.89 -10.31 36.83
C LYS B 149 -20.94 -9.97 37.98
N VAL B 150 -20.90 -8.69 38.33
CA VAL B 150 -20.26 -8.20 39.55
C VAL B 150 -21.35 -7.69 40.47
N THR B 151 -21.08 -7.67 41.76
CA THR B 151 -22.13 -7.37 42.74
C THR B 151 -21.52 -6.91 44.05
N GLY B 152 -21.99 -5.77 44.56
CA GLY B 152 -21.59 -5.30 45.87
C GLY B 152 -22.78 -5.12 46.79
N GLU B 153 -22.51 -5.13 48.09
CA GLU B 153 -23.59 -5.03 49.08
C GLU B 153 -23.14 -4.56 50.44
N PHE B 154 -23.70 -3.46 50.94
CA PHE B 154 -23.52 -3.03 52.33
C PHE B 154 -24.53 -3.81 53.17
N VAL B 155 -24.04 -4.79 53.93
CA VAL B 155 -24.91 -5.71 54.65
C VAL B 155 -25.28 -5.09 55.99
N GLY B 156 -26.50 -4.55 56.09
CA GLY B 156 -26.97 -4.01 57.34
C GLY B 156 -27.82 -2.76 57.22
N LEU B 157 -27.66 -2.00 56.15
CA LEU B 157 -28.38 -0.75 55.98
C LEU B 157 -29.15 -0.74 54.67
N THR B 158 -30.12 0.17 54.59
CA THR B 158 -30.99 0.35 53.44
C THR B 158 -30.85 1.78 52.92
N GLN B 159 -31.61 2.09 51.87
CA GLN B 159 -31.58 3.43 51.31
C GLN B 159 -32.30 4.43 52.21
N GLY B 160 -32.23 5.70 51.81
CA GLY B 160 -32.92 6.75 52.51
C GLY B 160 -33.88 7.49 51.61
N PRO B 161 -34.09 8.77 51.87
CA PRO B 161 -34.93 9.57 50.97
C PRO B 161 -34.22 9.97 49.68
N ASP B 162 -34.17 9.06 48.73
CA ASP B 162 -33.52 9.28 47.45
C ASP B 162 -34.39 8.69 46.35
N ASP B 163 -33.79 8.49 45.16
CA ASP B 163 -34.52 7.98 44.01
C ASP B 163 -35.05 6.57 44.23
N ASP B 164 -34.35 5.76 45.02
CA ASP B 164 -34.83 4.42 45.35
C ASP B 164 -35.71 4.50 46.59
N ASP B 165 -36.66 3.57 46.68
CA ASP B 165 -37.50 3.52 47.86
C ASP B 165 -36.68 2.98 49.04
N PRO B 166 -36.77 3.60 50.21
CA PRO B 166 -36.00 3.11 51.36
C PRO B 166 -36.55 1.79 51.89
N GLY B 167 -35.65 0.91 52.27
CA GLY B 167 -36.02 -0.42 52.72
C GLY B 167 -35.87 -1.46 51.64
N GLU B 168 -34.75 -1.40 50.91
CA GLU B 168 -34.49 -2.34 49.83
C GLU B 168 -33.13 -3.02 49.94
N ALA B 169 -32.39 -2.80 51.04
CA ALA B 169 -31.15 -3.51 51.38
C ALA B 169 -30.09 -3.34 50.29
N VAL B 170 -29.55 -2.12 50.22
CA VAL B 170 -28.79 -1.54 49.10
C VAL B 170 -27.73 -2.44 48.48
N ARG B 171 -27.84 -2.62 47.17
CA ARG B 171 -26.95 -3.48 46.40
C ARG B 171 -26.61 -2.76 45.10
N GLY B 172 -25.92 -3.47 44.22
CA GLY B 172 -25.64 -2.97 42.90
C GLY B 172 -25.04 -4.05 42.05
N GLU B 173 -25.57 -4.27 40.86
CA GLU B 173 -25.11 -5.33 39.98
C GLU B 173 -24.86 -4.76 38.60
N ARG B 174 -23.90 -5.34 37.89
CA ARG B 174 -23.60 -4.98 36.51
C ARG B 174 -23.47 -6.27 35.72
N SER B 175 -24.34 -6.46 34.73
CA SER B 175 -24.36 -7.67 33.93
C SER B 175 -24.38 -7.32 32.45
N GLY B 176 -24.21 -8.35 31.62
CA GLY B 176 -24.21 -8.16 30.19
C GLY B 176 -22.88 -7.75 29.60
N TYR B 177 -21.82 -7.78 30.40
CA TYR B 177 -20.49 -7.40 29.98
C TYR B 177 -19.51 -7.98 30.99
N ASP B 178 -18.26 -8.16 30.57
CA ASP B 178 -17.25 -8.78 31.40
C ASP B 178 -16.56 -7.68 32.21
N PHE B 179 -17.01 -7.49 33.44
CA PHE B 179 -16.50 -6.43 34.30
C PHE B 179 -15.46 -6.92 35.30
N ARG B 180 -14.65 -7.90 34.92
CA ARG B 180 -13.63 -8.37 35.84
C ARG B 180 -12.51 -7.35 35.93
N PRO B 181 -12.04 -7.00 37.12
CA PRO B 181 -10.97 -6.02 37.25
C PRO B 181 -9.59 -6.62 37.03
N GLN B 182 -8.68 -5.79 36.55
CA GLN B 182 -7.29 -6.19 36.39
C GLN B 182 -6.55 -6.08 37.70
N ILE B 183 -5.75 -7.11 38.02
CA ILE B 183 -5.03 -7.22 39.28
C ILE B 183 -3.55 -7.16 39.00
N VAL B 184 -2.86 -6.22 39.67
CA VAL B 184 -1.40 -6.14 39.64
C VAL B 184 -0.88 -6.20 41.07
N GLY B 185 -1.72 -6.61 41.99
CA GLY B 185 -1.36 -6.66 43.39
C GLY B 185 -2.53 -6.25 44.23
N VAL B 186 -2.40 -6.19 45.55
CA VAL B 186 -3.47 -5.70 46.41
C VAL B 186 -2.88 -4.61 47.28
N PHE B 187 -3.29 -3.37 47.06
CA PHE B 187 -2.69 -2.20 47.67
C PHE B 187 -3.67 -1.56 48.63
N THR B 188 -3.15 -0.81 49.59
CA THR B 188 -3.98 -0.18 50.62
C THR B 188 -3.26 1.05 51.16
N ASP B 189 -3.95 1.80 52.02
CA ASP B 189 -3.38 2.97 52.68
C ASP B 189 -3.50 2.93 54.19
N LEU B 190 -3.68 1.76 54.80
CA LEU B 190 -3.74 1.66 56.25
C LEU B 190 -2.47 0.99 56.76
N SER B 191 -2.31 1.00 58.09
CA SER B 191 -1.08 0.48 58.66
C SER B 191 -1.23 -0.34 59.92
N GLY B 192 -2.42 -0.50 60.47
CA GLY B 192 -2.58 -1.16 61.74
C GLY B 192 -2.58 -2.67 61.66
N PRO B 193 -2.95 -3.34 62.76
CA PRO B 193 -3.28 -4.76 62.68
C PRO B 193 -4.67 -4.95 62.09
N ALA B 194 -4.80 -5.92 61.19
CA ALA B 194 -6.05 -6.10 60.46
C ALA B 194 -7.12 -6.71 61.38
N PRO B 195 -8.36 -6.29 61.25
CA PRO B 195 -9.44 -6.82 62.09
C PRO B 195 -9.89 -8.19 61.59
N GLU B 196 -10.91 -8.72 62.26
CA GLU B 196 -11.48 -9.99 61.85
C GLU B 196 -12.40 -9.81 60.64
N GLY B 197 -12.74 -10.90 60.00
CA GLY B 197 -13.25 -10.79 58.65
C GLY B 197 -12.10 -10.40 57.76
N LEU B 198 -12.38 -9.54 56.78
CA LEU B 198 -11.39 -8.93 55.88
C LEU B 198 -10.59 -9.99 55.13
N GLN B 199 -11.28 -10.68 54.23
CA GLN B 199 -10.69 -11.81 53.52
C GLN B 199 -10.90 -11.58 52.02
N LEU B 200 -9.85 -11.14 51.34
CA LEU B 200 -9.84 -11.15 49.89
C LEU B 200 -9.38 -12.52 49.40
N SER B 201 -9.97 -12.98 48.30
CA SER B 201 -9.58 -14.24 47.70
C SER B 201 -9.70 -14.12 46.19
N ALA B 202 -8.80 -14.77 45.46
CA ALA B 202 -8.84 -14.74 44.01
C ALA B 202 -8.15 -15.99 43.49
N THR B 203 -8.86 -16.79 42.68
CA THR B 203 -8.27 -17.97 42.09
C THR B 203 -7.62 -17.58 40.77
N ILE B 204 -6.31 -17.77 40.69
CA ILE B 204 -5.56 -17.36 39.51
C ILE B 204 -5.79 -18.37 38.39
N ASP B 205 -5.88 -17.87 37.16
CA ASP B 205 -6.10 -18.72 35.99
C ASP B 205 -4.80 -19.44 35.62
N THR B 206 -4.54 -20.53 36.31
CA THR B 206 -3.43 -21.42 35.95
C THR B 206 -3.94 -22.62 35.18
N ARG B 207 -4.53 -22.37 34.01
CA ARG B 207 -5.10 -23.48 33.26
C ARG B 207 -4.09 -24.13 32.34
N TYR B 208 -2.93 -23.52 32.14
CA TYR B 208 -1.88 -24.08 31.31
C TYR B 208 -0.75 -24.68 32.12
N SER B 209 -0.86 -24.67 33.45
CA SER B 209 0.14 -25.24 34.33
C SER B 209 -0.19 -26.70 34.65
N THR B 210 -0.37 -27.48 33.60
CA THR B 210 -0.78 -28.86 33.72
C THR B 210 0.44 -29.79 33.68
N SER B 211 0.17 -31.08 33.76
CA SER B 211 1.16 -32.14 33.73
C SER B 211 0.44 -33.43 33.36
N PRO B 212 1.06 -34.33 32.60
CA PRO B 212 0.38 -35.57 32.22
C PRO B 212 0.15 -36.47 33.43
N THR B 213 -0.93 -37.24 33.37
CA THR B 213 -1.20 -38.24 34.38
C THR B 213 -0.58 -39.56 33.93
N LEU B 214 -0.83 -40.64 34.68
CA LEU B 214 -0.23 -41.93 34.34
C LEU B 214 -0.82 -42.51 33.06
N LEU B 215 -2.14 -42.36 32.88
CA LEU B 215 -2.84 -42.97 31.75
C LEU B 215 -2.44 -42.31 30.44
N LYS B 216 -2.32 -40.98 30.43
CA LYS B 216 -1.90 -40.25 29.23
C LYS B 216 -0.45 -40.57 28.86
N LEU B 217 0.40 -40.76 29.86
CA LEU B 217 1.80 -41.04 29.61
C LEU B 217 1.98 -42.46 29.06
N LEU B 218 1.25 -43.43 29.62
CA LEU B 218 1.30 -44.79 29.09
C LEU B 218 0.70 -44.87 27.68
N ALA B 219 -0.34 -44.08 27.40
CA ALA B 219 -0.90 -44.09 26.05
C ALA B 219 0.08 -43.51 25.04
N MET B 220 0.83 -42.46 25.43
CA MET B 220 1.82 -41.91 24.50
C MET B 220 2.98 -42.87 24.24
N ILE B 221 3.45 -43.53 25.30
CA ILE B 221 4.54 -44.50 25.15
C ILE B 221 4.13 -45.69 24.27
N VAL B 222 2.97 -46.28 24.56
CA VAL B 222 2.52 -47.45 23.81
C VAL B 222 2.18 -47.07 22.36
N GLY B 223 1.68 -45.85 22.13
CA GLY B 223 1.41 -45.45 20.75
C GLY B 223 2.65 -45.26 19.91
N VAL B 224 3.71 -44.67 20.50
CA VAL B 224 4.95 -44.51 19.74
C VAL B 224 5.61 -45.86 19.48
N ALA B 225 5.54 -46.77 20.47
CA ALA B 225 6.11 -48.11 20.28
C ALA B 225 5.37 -48.89 19.19
N MET B 226 4.03 -48.78 19.16
CA MET B 226 3.27 -49.49 18.14
C MET B 226 3.50 -48.89 16.74
N THR B 227 3.75 -47.58 16.67
CA THR B 227 4.06 -46.97 15.37
C THR B 227 5.40 -47.47 14.83
N VAL B 228 6.40 -47.58 15.71
CA VAL B 228 7.71 -48.10 15.29
C VAL B 228 7.60 -49.56 14.84
N ILE B 229 6.84 -50.37 15.57
CA ILE B 229 6.69 -51.78 15.19
C ILE B 229 5.91 -51.93 13.88
N ALA B 230 4.94 -51.05 13.64
CA ALA B 230 4.18 -51.09 12.38
C ALA B 230 5.06 -50.74 11.19
N LEU B 231 5.92 -49.73 11.31
CA LEU B 231 6.79 -49.40 10.18
C LEU B 231 7.90 -50.43 9.99
N GLY B 232 8.34 -51.10 11.05
CA GLY B 232 9.26 -52.21 10.88
C GLY B 232 8.64 -53.37 10.11
N ALA B 233 7.38 -53.69 10.42
CA ALA B 233 6.68 -54.73 9.67
C ALA B 233 6.43 -54.31 8.23
N LEU B 234 6.22 -53.02 7.99
CA LEU B 234 6.08 -52.52 6.63
C LEU B 234 7.37 -52.69 5.84
N HIS B 235 8.52 -52.49 6.49
CA HIS B 235 9.79 -52.74 5.80
C HIS B 235 10.01 -54.22 5.53
N VAL B 236 9.56 -55.09 6.44
CA VAL B 236 9.66 -56.52 6.19
C VAL B 236 8.78 -56.93 5.01
N LEU B 237 7.63 -56.28 4.85
CA LEU B 237 6.80 -56.55 3.68
C LEU B 237 7.41 -56.01 2.40
N ASP B 238 8.17 -54.90 2.48
CA ASP B 238 8.70 -54.30 1.26
C ASP B 238 9.84 -55.10 0.65
N CYS B 239 10.52 -55.93 1.43
CA CYS B 239 11.64 -56.71 0.88
C CYS B 239 11.21 -58.08 0.39
N ALA B 240 9.94 -58.26 0.01
CA ALA B 240 9.49 -59.54 -0.52
C ALA B 240 10.14 -59.83 -1.85
N ASP B 241 10.25 -58.83 -2.72
CA ASP B 241 11.09 -58.95 -3.90
C ASP B 241 12.55 -59.02 -3.50
N GLY B 242 13.29 -59.98 -4.06
CA GLY B 242 14.66 -60.15 -3.62
C GLY B 242 15.60 -59.06 -4.10
N ARG B 243 15.91 -58.13 -3.20
CA ARG B 243 16.79 -56.98 -3.39
C ARG B 243 17.26 -56.55 -2.01
N ARG B 244 18.53 -56.21 -1.87
CA ARG B 244 19.08 -55.91 -0.56
C ARG B 244 19.36 -54.41 -0.45
N HIS B 245 20.00 -54.00 0.65
CA HIS B 245 20.13 -52.59 0.99
C HIS B 245 21.26 -51.90 0.25
N LYS B 246 22.50 -52.35 0.49
CA LYS B 246 23.77 -52.01 -0.15
C LYS B 246 24.26 -50.57 0.06
N ARG B 247 23.42 -49.68 0.62
CA ARG B 247 23.74 -48.33 1.10
C ARG B 247 22.45 -47.64 1.51
N PHE B 248 22.61 -46.46 2.10
CA PHE B 248 21.52 -45.56 2.49
C PHE B 248 21.63 -44.19 1.85
N LEU B 249 22.80 -43.61 1.84
CA LEU B 249 23.18 -42.30 1.33
C LEU B 249 23.41 -42.35 -0.17
N PRO B 250 23.42 -41.20 -0.87
CA PRO B 250 23.86 -41.19 -2.27
C PRO B 250 25.31 -41.57 -2.49
N SER B 251 25.74 -41.58 -3.75
CA SER B 251 26.99 -42.22 -4.13
C SER B 251 28.18 -41.32 -3.77
N ARG B 252 28.23 -40.12 -4.32
CA ARG B 252 29.37 -39.24 -4.10
C ARG B 252 29.14 -38.27 -2.94
N TRP B 253 28.90 -38.88 -1.77
CA TRP B 253 28.58 -38.10 -0.57
C TRP B 253 29.78 -37.63 0.23
N TRP B 254 30.82 -38.46 0.36
CA TRP B 254 32.00 -38.12 1.15
C TRP B 254 33.13 -37.68 0.23
N SER B 255 33.00 -36.46 -0.31
CA SER B 255 33.97 -35.89 -1.24
C SER B 255 33.69 -34.40 -1.33
N MET B 256 34.66 -33.63 -1.80
CA MET B 256 34.46 -32.20 -2.02
C MET B 256 34.93 -31.80 -3.40
N THR B 257 34.31 -30.75 -3.92
CA THR B 257 34.64 -30.12 -5.19
C THR B 257 34.96 -28.66 -4.90
N PRO B 258 35.48 -27.92 -5.89
CA PRO B 258 35.65 -26.46 -5.68
C PRO B 258 34.36 -25.68 -5.43
N LEU B 259 33.25 -26.05 -6.07
CA LEU B 259 32.01 -25.31 -5.87
C LEU B 259 31.44 -25.56 -4.48
N ASP B 260 31.65 -26.76 -3.94
CA ASP B 260 31.21 -27.06 -2.58
C ASP B 260 32.02 -26.26 -1.57
N GLY B 261 33.32 -26.11 -1.81
CA GLY B 261 34.15 -25.29 -0.94
C GLY B 261 33.79 -23.82 -1.01
N LEU B 262 33.40 -23.34 -2.18
CA LEU B 262 32.98 -21.95 -2.30
C LEU B 262 31.68 -21.68 -1.56
N VAL B 263 30.69 -22.57 -1.72
CA VAL B 263 29.40 -22.39 -1.04
C VAL B 263 29.57 -22.51 0.46
N SER B 264 30.43 -23.43 0.92
CA SER B 264 30.70 -23.57 2.34
C SER B 264 31.40 -22.35 2.92
N ALA B 265 32.33 -21.76 2.17
CA ALA B 265 33.01 -20.56 2.64
C ALA B 265 32.07 -19.37 2.74
N MET B 266 31.17 -19.22 1.77
CA MET B 266 30.20 -18.12 1.83
C MET B 266 29.24 -18.29 3.00
N LEU B 267 28.83 -19.53 3.30
CA LEU B 267 27.94 -19.77 4.42
C LEU B 267 28.60 -19.51 5.76
N VAL B 268 29.86 -19.94 5.94
CA VAL B 268 30.54 -19.72 7.21
C VAL B 268 30.84 -18.24 7.43
N TRP B 269 31.28 -17.55 6.38
CA TRP B 269 31.60 -16.14 6.53
C TRP B 269 30.34 -15.29 6.69
N TRP B 270 29.21 -15.71 6.13
CA TRP B 270 27.98 -15.02 6.44
C TRP B 270 27.48 -15.36 7.84
N HIS B 271 27.86 -16.52 8.37
CA HIS B 271 27.52 -16.84 9.75
C HIS B 271 28.21 -15.90 10.72
N PHE B 272 29.39 -15.40 10.38
CA PHE B 272 30.00 -14.43 11.29
C PHE B 272 29.61 -12.97 11.02
N VAL B 273 29.98 -12.42 9.87
CA VAL B 273 29.62 -11.02 9.53
C VAL B 273 28.31 -11.06 8.74
N GLY B 274 27.19 -11.19 9.44
CA GLY B 274 25.95 -11.45 8.73
C GLY B 274 24.78 -10.80 9.41
N ALA B 275 23.81 -10.39 8.61
CA ALA B 275 22.60 -9.80 9.14
C ALA B 275 21.67 -10.88 9.66
N ASN B 276 20.98 -10.55 10.74
CA ASN B 276 20.04 -11.45 11.38
C ASN B 276 18.62 -11.02 11.06
N THR B 277 17.68 -11.93 11.25
CA THR B 277 16.29 -11.63 10.96
C THR B 277 15.68 -10.81 12.10
N ALA B 278 14.41 -10.45 11.94
CA ALA B 278 13.74 -9.63 12.94
C ALA B 278 13.44 -10.43 14.21
N ASP B 279 12.98 -11.67 14.06
CA ASP B 279 12.48 -12.46 15.18
C ASP B 279 13.54 -13.44 15.65
N ASP B 280 14.54 -12.91 16.35
CA ASP B 280 15.50 -13.75 17.02
C ASP B 280 15.51 -13.54 18.53
N GLY B 281 15.39 -12.29 18.97
CA GLY B 281 15.26 -12.04 20.39
C GLY B 281 13.92 -12.48 20.93
N TYR B 282 12.91 -12.46 20.06
CA TYR B 282 11.57 -12.97 20.37
C TYR B 282 11.63 -14.44 20.76
N ILE B 283 12.16 -15.27 19.87
CA ILE B 283 12.26 -16.70 20.08
C ILE B 283 13.26 -17.05 21.16
N LEU B 284 14.34 -16.28 21.27
CA LEU B 284 15.33 -16.57 22.31
C LEU B 284 14.78 -16.27 23.71
N THR B 285 13.98 -15.21 23.84
CA THR B 285 13.40 -14.89 25.14
C THR B 285 12.30 -15.87 25.53
N MET B 286 11.48 -16.27 24.55
CA MET B 286 10.48 -17.33 24.77
C MET B 286 11.14 -18.63 25.23
N ALA B 287 12.17 -19.08 24.51
CA ALA B 287 12.85 -20.32 24.85
C ALA B 287 13.60 -20.22 26.16
N ARG B 288 13.99 -19.02 26.57
CA ARG B 288 14.73 -18.92 27.83
C ARG B 288 13.79 -18.96 29.03
N VAL B 289 12.60 -18.36 28.92
CA VAL B 289 11.69 -18.35 30.07
C VAL B 289 10.80 -19.59 30.17
N SER B 290 10.69 -20.39 29.11
CA SER B 290 9.75 -21.51 29.12
C SER B 290 10.11 -22.64 30.06
N GLU B 291 11.35 -22.72 30.54
CA GLU B 291 11.69 -23.81 31.44
C GLU B 291 11.18 -23.55 32.85
N HIS B 292 11.32 -22.32 33.32
CA HIS B 292 10.80 -21.97 34.64
C HIS B 292 9.29 -21.86 34.61
N ALA B 293 8.70 -21.42 33.48
CA ALA B 293 7.25 -21.30 33.42
C ALA B 293 6.55 -22.65 33.49
N GLY B 294 7.17 -23.70 32.98
CA GLY B 294 6.57 -25.01 32.93
C GLY B 294 5.83 -25.31 31.65
N TYR B 295 5.72 -24.34 30.74
CA TYR B 295 5.05 -24.53 29.47
C TYR B 295 5.57 -23.47 28.51
N MET B 296 5.27 -23.64 27.23
CA MET B 296 5.82 -22.79 26.18
C MET B 296 4.82 -21.68 25.89
N ALA B 297 4.88 -20.60 26.67
CA ALA B 297 4.00 -19.46 26.47
C ALA B 297 4.52 -18.55 25.38
N ASN B 298 3.61 -17.91 24.67
CA ASN B 298 3.97 -16.75 23.88
C ASN B 298 4.06 -15.57 24.83
N TYR B 299 5.20 -14.90 24.82
CA TYR B 299 5.60 -14.13 25.99
C TYR B 299 5.23 -12.67 25.83
N TYR B 300 5.26 -12.16 24.61
CA TYR B 300 5.06 -10.74 24.36
C TYR B 300 3.63 -10.40 23.99
N ARG B 301 2.75 -11.37 23.78
CA ARG B 301 1.41 -11.05 23.30
C ARG B 301 0.47 -12.17 23.72
N TRP B 302 -0.81 -11.82 23.80
CA TRP B 302 -1.96 -12.73 23.96
C TRP B 302 -2.00 -13.43 25.31
N PHE B 303 -1.78 -12.68 26.40
CA PHE B 303 -2.29 -13.01 27.73
C PHE B 303 -1.68 -14.28 28.32
N GLY B 304 -0.54 -14.72 27.82
CA GLY B 304 0.07 -15.92 28.35
C GLY B 304 -0.45 -17.21 27.76
N THR B 305 -1.19 -17.14 26.67
CA THR B 305 -1.63 -18.35 25.99
C THR B 305 -0.45 -18.99 25.27
N PRO B 306 -0.37 -20.32 25.22
CA PRO B 306 0.80 -20.99 24.69
C PRO B 306 0.84 -20.95 23.16
N GLU B 307 2.01 -21.31 22.62
CA GLU B 307 2.17 -21.69 21.22
C GLU B 307 1.55 -23.07 21.08
N SER B 308 0.29 -23.09 20.66
CA SER B 308 -0.54 -24.22 21.04
C SER B 308 -0.27 -25.48 20.20
N PRO B 309 -0.38 -25.51 18.82
CA PRO B 309 0.15 -26.70 18.15
C PRO B 309 1.55 -26.50 17.58
N PHE B 310 2.04 -25.26 17.53
CA PHE B 310 3.24 -24.95 16.79
C PHE B 310 4.42 -24.75 17.72
N GLY B 311 5.61 -24.98 17.20
CA GLY B 311 6.82 -24.79 17.96
C GLY B 311 7.20 -25.98 18.81
N TRP B 312 7.37 -27.14 18.20
CA TRP B 312 7.87 -28.30 18.91
C TRP B 312 9.36 -28.24 19.16
N TYR B 313 10.09 -27.38 18.45
CA TYR B 313 11.53 -27.34 18.50
C TYR B 313 12.06 -26.21 19.38
N TYR B 314 11.17 -25.38 19.93
CA TYR B 314 11.58 -24.36 20.89
C TYR B 314 12.08 -25.00 22.19
N ASP B 315 11.60 -26.20 22.50
CA ASP B 315 12.12 -26.92 23.65
C ASP B 315 13.52 -27.46 23.38
N LEU B 316 13.80 -27.81 22.14
CA LEU B 316 15.15 -28.18 21.76
C LEU B 316 16.09 -26.98 21.83
N LEU B 317 15.60 -25.80 21.43
CA LEU B 317 16.41 -24.58 21.61
C LEU B 317 16.62 -24.25 23.08
N ALA B 318 15.63 -24.53 23.92
CA ALA B 318 15.78 -24.30 25.35
C ALA B 318 16.79 -25.24 25.98
N LEU B 319 16.91 -26.46 25.45
CA LEU B 319 17.98 -27.36 25.90
C LEU B 319 19.32 -26.94 25.33
N TRP B 320 19.33 -26.43 24.10
CA TRP B 320 20.56 -26.05 23.42
C TRP B 320 21.20 -24.83 24.07
N ALA B 321 20.38 -23.94 24.60
CA ALA B 321 20.85 -22.73 25.27
C ALA B 321 21.42 -22.97 26.63
N HIS B 322 21.68 -24.18 27.12
CA HIS B 322 22.33 -24.33 28.41
C HIS B 322 23.84 -24.24 28.33
N VAL B 323 24.41 -24.40 27.14
CA VAL B 323 25.85 -24.26 26.98
C VAL B 323 26.25 -22.80 27.06
N SER B 324 25.73 -21.98 26.15
CA SER B 324 25.85 -20.53 26.20
C SER B 324 24.76 -19.93 25.34
N THR B 325 24.33 -18.72 25.73
CA THR B 325 23.48 -17.89 24.88
C THR B 325 24.35 -16.84 24.22
N ALA B 326 25.09 -17.26 23.21
CA ALA B 326 25.81 -16.37 22.31
C ALA B 326 25.19 -16.53 20.94
N SER B 327 25.35 -15.53 20.08
CA SER B 327 24.64 -15.54 18.81
C SER B 327 25.20 -16.58 17.86
N VAL B 328 26.51 -16.80 17.88
CA VAL B 328 27.12 -17.81 17.03
C VAL B 328 26.74 -19.21 17.47
N TRP B 329 26.72 -19.44 18.79
CA TRP B 329 26.30 -20.74 19.30
C TRP B 329 24.81 -20.99 19.09
N MET B 330 23.99 -19.97 19.24
CA MET B 330 22.56 -20.19 19.09
C MET B 330 22.15 -20.34 17.64
N ARG B 331 22.92 -19.78 16.70
CA ARG B 331 22.57 -19.92 15.29
C ARG B 331 23.38 -20.99 14.57
N PHE B 332 24.25 -21.72 15.27
CA PHE B 332 24.95 -22.86 14.68
C PHE B 332 24.09 -23.98 14.07
N PRO B 333 22.94 -24.41 14.65
CA PRO B 333 22.13 -25.41 13.94
C PRO B 333 21.56 -24.95 12.61
N THR B 334 21.30 -23.66 12.44
CA THR B 334 20.87 -23.13 11.16
C THR B 334 21.98 -23.21 10.12
N LEU B 335 23.23 -23.04 10.55
CA LEU B 335 24.37 -23.25 9.67
C LEU B 335 24.48 -24.70 9.23
N LEU B 336 24.24 -25.64 10.16
CA LEU B 336 24.27 -27.05 9.78
C LEU B 336 23.12 -27.42 8.84
N MET B 337 21.96 -26.78 9.01
CA MET B 337 20.85 -27.01 8.10
C MET B 337 21.13 -26.47 6.71
N GLY B 338 21.82 -25.33 6.61
CA GLY B 338 22.19 -24.81 5.30
C GLY B 338 23.20 -25.68 4.58
N LEU B 339 24.19 -26.19 5.32
CA LEU B 339 25.14 -27.13 4.73
C LEU B 339 24.45 -28.41 4.25
N ALA B 340 23.60 -29.00 5.10
CA ALA B 340 22.91 -30.23 4.72
C ALA B 340 21.95 -29.99 3.56
N CYS B 341 21.37 -28.81 3.46
CA CYS B 341 20.46 -28.50 2.38
C CYS B 341 21.19 -28.44 1.04
N TRP B 342 22.37 -27.81 1.00
CA TRP B 342 23.11 -27.78 -0.26
C TRP B 342 23.69 -29.14 -0.63
N TRP B 343 24.09 -29.95 0.35
CA TRP B 343 24.64 -31.27 0.02
C TRP B 343 23.53 -32.21 -0.46
N VAL B 344 22.30 -32.05 0.05
CA VAL B 344 21.15 -32.77 -0.47
C VAL B 344 20.83 -32.33 -1.89
N ILE B 345 20.87 -31.02 -2.17
CA ILE B 345 20.58 -30.51 -3.52
C ILE B 345 21.60 -31.02 -4.53
N SER B 346 22.88 -30.93 -4.20
CA SER B 346 23.90 -31.28 -5.19
C SER B 346 24.16 -32.78 -5.31
N ARG B 347 23.80 -33.60 -4.31
CA ARG B 347 24.05 -35.02 -4.42
C ARG B 347 22.82 -35.86 -4.68
N GLU B 348 21.62 -35.37 -4.40
CA GLU B 348 20.43 -36.17 -4.57
C GLU B 348 19.51 -35.62 -5.66
N VAL B 349 19.37 -34.31 -5.77
CA VAL B 349 18.37 -33.76 -6.69
C VAL B 349 18.93 -33.62 -8.09
N ILE B 350 20.07 -32.97 -8.26
CA ILE B 350 20.63 -32.68 -9.58
C ILE B 350 21.03 -33.94 -10.37
N PRO B 351 21.65 -35.00 -9.82
CA PRO B 351 21.80 -36.23 -10.61
C PRO B 351 20.51 -37.01 -10.83
N ARG B 352 19.40 -36.61 -10.24
CA ARG B 352 18.12 -37.25 -10.48
C ARG B 352 17.38 -36.63 -11.66
N LEU B 353 17.57 -35.35 -11.90
CA LEU B 353 16.88 -34.61 -12.95
C LEU B 353 17.36 -34.93 -14.34
N GLY B 354 18.20 -35.91 -14.65
CA GLY B 354 18.50 -36.21 -16.03
C GLY B 354 19.98 -36.28 -16.26
N ALA B 355 20.36 -36.40 -17.53
CA ALA B 355 21.76 -36.43 -17.91
C ALA B 355 22.27 -35.06 -18.31
N ALA B 356 21.42 -34.25 -18.93
CA ALA B 356 21.84 -32.91 -19.33
C ALA B 356 21.91 -31.98 -18.13
N ALA B 357 21.23 -32.29 -17.05
CA ALA B 357 21.38 -31.55 -15.81
C ALA B 357 22.53 -32.05 -14.96
N LYS B 358 22.96 -33.28 -15.18
CA LYS B 358 24.01 -33.89 -14.38
C LYS B 358 25.39 -33.65 -14.96
N HIS B 359 25.53 -33.57 -16.27
CA HIS B 359 26.84 -33.39 -16.87
C HIS B 359 27.18 -31.94 -17.19
N SER B 360 26.23 -31.01 -17.05
CA SER B 360 26.50 -29.62 -17.37
C SER B 360 27.01 -28.89 -16.14
N ARG B 361 27.88 -27.92 -16.37
CA ARG B 361 28.46 -27.17 -15.26
C ARG B 361 27.74 -25.88 -14.96
N ALA B 362 27.00 -25.31 -15.91
CA ALA B 362 26.29 -24.07 -15.64
C ALA B 362 25.09 -24.29 -14.74
N ALA B 363 24.52 -25.49 -14.77
CA ALA B 363 23.39 -25.80 -13.89
C ALA B 363 23.80 -25.83 -12.43
N ALA B 364 25.00 -26.35 -12.14
CA ALA B 364 25.51 -26.38 -10.78
C ALA B 364 25.78 -24.98 -10.24
N TRP B 365 26.35 -24.12 -11.08
CA TRP B 365 26.67 -22.76 -10.62
C TRP B 365 25.41 -21.92 -10.43
N THR B 366 24.41 -22.08 -11.29
CA THR B 366 23.21 -21.30 -11.04
C THR B 366 22.33 -21.90 -9.93
N ALA B 367 22.43 -23.21 -9.67
CA ALA B 367 21.73 -23.78 -8.54
C ALA B 367 22.34 -23.30 -7.23
N ALA B 368 23.68 -23.27 -7.16
CA ALA B 368 24.37 -22.70 -6.01
C ALA B 368 24.06 -21.23 -5.83
N GLY B 369 23.89 -20.50 -6.93
CA GLY B 369 23.59 -19.07 -6.85
C GLY B 369 22.19 -18.77 -6.35
N LEU B 370 21.18 -19.47 -6.86
CA LEU B 370 19.82 -19.25 -6.34
C LEU B 370 19.65 -19.78 -4.92
N PHE B 371 20.38 -20.84 -4.56
CA PHE B 371 20.39 -21.29 -3.18
C PHE B 371 20.96 -20.23 -2.24
N LEU B 372 22.10 -19.64 -2.58
CA LEU B 372 22.67 -18.61 -1.71
C LEU B 372 21.84 -17.33 -1.72
N ALA B 373 21.25 -16.98 -2.86
CA ALA B 373 20.45 -15.77 -2.96
C ALA B 373 19.16 -15.86 -2.16
N PHE B 374 18.64 -17.07 -1.98
CA PHE B 374 17.54 -17.23 -1.03
C PHE B 374 17.99 -17.44 0.42
N TRP B 375 19.12 -18.11 0.65
CA TRP B 375 19.51 -18.44 2.01
C TRP B 375 20.02 -17.22 2.77
N LEU B 376 20.83 -16.37 2.13
CA LEU B 376 21.56 -15.37 2.90
C LEU B 376 20.67 -14.23 3.43
N PRO B 377 19.80 -13.58 2.65
CA PRO B 377 18.98 -12.53 3.27
C PRO B 377 17.80 -13.02 4.11
N LEU B 378 17.47 -14.31 4.10
CA LEU B 378 16.20 -14.75 4.65
C LEU B 378 16.29 -15.84 5.71
N ASN B 379 17.41 -16.54 5.85
CA ASN B 379 17.46 -17.70 6.75
C ASN B 379 18.64 -17.63 7.72
N ASN B 380 19.06 -16.45 8.15
CA ASN B 380 20.14 -16.37 9.13
C ASN B 380 19.57 -16.05 10.53
N GLY B 381 18.82 -16.99 11.07
CA GLY B 381 18.21 -16.75 12.35
C GLY B 381 17.66 -18.00 12.98
N LEU B 382 16.73 -17.79 13.91
CA LEU B 382 16.13 -18.86 14.70
C LEU B 382 14.72 -19.22 14.27
N ARG B 383 14.25 -18.64 13.16
CA ARG B 383 12.90 -18.88 12.67
C ARG B 383 12.75 -20.32 12.14
N PRO B 384 11.53 -20.81 11.92
CA PRO B 384 11.37 -22.17 11.41
C PRO B 384 11.62 -22.33 9.92
N GLU B 385 12.01 -21.29 9.21
CA GLU B 385 12.20 -21.27 7.77
C GLU B 385 13.25 -22.26 7.24
N PRO B 386 14.46 -22.41 7.86
CA PRO B 386 15.34 -23.49 7.39
C PRO B 386 14.81 -24.90 7.66
N ILE B 387 14.08 -25.08 8.77
CA ILE B 387 13.48 -26.38 9.08
C ILE B 387 12.47 -26.75 8.02
N ILE B 388 11.65 -25.78 7.61
CA ILE B 388 10.61 -26.03 6.62
C ILE B 388 11.22 -26.26 5.24
N ALA B 389 12.28 -25.53 4.91
CA ALA B 389 12.95 -25.72 3.61
C ALA B 389 13.59 -27.10 3.50
N LEU B 390 14.34 -27.50 4.53
CA LEU B 390 14.96 -28.82 4.53
C LEU B 390 13.92 -29.93 4.60
N GLY B 391 12.78 -29.68 5.26
CA GLY B 391 11.74 -30.69 5.30
C GLY B 391 11.03 -30.89 3.98
N ILE B 392 10.84 -29.81 3.21
CA ILE B 392 10.25 -29.94 1.88
C ILE B 392 11.18 -30.72 0.95
N LEU B 393 12.49 -30.46 1.03
CA LEU B 393 13.44 -31.24 0.24
C LEU B 393 13.45 -32.72 0.64
N LEU B 394 13.46 -33.01 1.93
CA LEU B 394 13.50 -34.41 2.34
C LEU B 394 12.20 -35.14 2.05
N THR B 395 11.08 -34.42 2.06
CA THR B 395 9.80 -35.02 1.66
C THR B 395 9.81 -35.40 0.18
N TRP B 396 10.27 -34.49 -0.68
CA TRP B 396 10.33 -34.79 -2.11
C TRP B 396 11.33 -35.90 -2.42
N CYS B 397 12.45 -35.93 -1.70
CA CYS B 397 13.46 -36.97 -1.96
C CYS B 397 12.98 -38.34 -1.50
N SER B 398 12.28 -38.42 -0.37
CA SER B 398 11.73 -39.70 0.09
C SER B 398 10.66 -40.21 -0.85
N VAL B 399 9.78 -39.31 -1.32
CA VAL B 399 8.74 -39.71 -2.27
C VAL B 399 9.33 -40.19 -3.58
N GLU B 400 10.36 -39.49 -4.08
CA GLU B 400 11.00 -39.87 -5.33
C GLU B 400 11.71 -41.22 -5.23
N ARG B 401 12.31 -41.49 -4.08
CA ARG B 401 12.94 -42.80 -3.87
C ARG B 401 11.91 -43.90 -3.69
N GLY B 402 10.73 -43.57 -3.18
CA GLY B 402 9.67 -44.56 -3.13
C GLY B 402 9.10 -44.87 -4.51
N VAL B 403 9.06 -43.86 -5.39
CA VAL B 403 8.59 -44.07 -6.76
C VAL B 403 9.57 -44.93 -7.53
N ALA B 404 10.87 -44.65 -7.38
CA ALA B 404 11.89 -45.34 -8.16
C ALA B 404 11.98 -46.83 -7.81
N THR B 405 12.19 -47.14 -6.52
CA THR B 405 12.37 -48.52 -6.12
C THR B 405 11.07 -49.29 -5.94
N SER B 406 9.92 -48.61 -6.03
CA SER B 406 8.58 -49.19 -5.85
C SER B 406 8.42 -49.84 -4.47
N ARG B 407 8.59 -49.02 -3.44
CA ARG B 407 8.51 -49.46 -2.06
C ARG B 407 7.72 -48.43 -1.25
N LEU B 408 7.10 -48.88 -0.17
CA LEU B 408 6.16 -48.04 0.58
C LEU B 408 6.73 -47.42 1.84
N LEU B 409 7.88 -47.88 2.32
CA LEU B 409 8.44 -47.30 3.54
C LEU B 409 8.93 -45.85 3.38
N PRO B 410 9.66 -45.44 2.31
CA PRO B 410 10.00 -44.01 2.22
C PRO B 410 8.81 -43.09 1.98
N VAL B 411 7.69 -43.60 1.50
CA VAL B 411 6.49 -42.76 1.42
C VAL B 411 5.93 -42.49 2.83
N ALA B 412 5.99 -43.48 3.72
CA ALA B 412 5.55 -43.28 5.09
C ALA B 412 6.51 -42.38 5.86
N VAL B 413 7.81 -42.50 5.57
CA VAL B 413 8.80 -41.59 6.14
C VAL B 413 8.56 -40.17 5.66
N ALA B 414 8.15 -40.01 4.40
CA ALA B 414 7.81 -38.69 3.87
C ALA B 414 6.56 -38.12 4.53
N ILE B 415 5.61 -38.97 4.88
CA ILE B 415 4.41 -38.51 5.61
C ILE B 415 4.78 -38.01 7.00
N ILE B 416 5.68 -38.73 7.68
CA ILE B 416 6.15 -38.32 9.01
C ILE B 416 6.88 -36.98 8.94
N ILE B 417 7.81 -36.84 7.99
CA ILE B 417 8.57 -35.60 7.84
C ILE B 417 7.65 -34.45 7.42
N GLY B 418 6.65 -34.73 6.59
CA GLY B 418 5.75 -33.69 6.13
C GLY B 418 4.85 -33.16 7.23
N ALA B 419 4.34 -34.04 8.10
CA ALA B 419 3.56 -33.57 9.24
C ALA B 419 4.45 -32.83 10.24
N LEU B 420 5.68 -33.33 10.42
CA LEU B 420 6.60 -32.76 11.40
C LEU B 420 7.03 -31.36 11.02
N THR B 421 7.14 -31.09 9.72
CA THR B 421 7.41 -29.72 9.29
C THR B 421 6.14 -28.92 9.03
N LEU B 422 4.99 -29.58 8.97
CA LEU B 422 3.73 -28.85 8.94
C LEU B 422 3.47 -28.18 10.28
N PHE B 423 3.88 -28.79 11.39
CA PHE B 423 3.65 -28.19 12.70
C PHE B 423 4.88 -27.51 13.27
N SER B 424 5.73 -26.93 12.43
CA SER B 424 6.86 -26.13 12.90
C SER B 424 6.45 -24.68 13.13
N GLY B 425 5.77 -24.09 12.17
CA GLY B 425 5.22 -22.77 12.30
C GLY B 425 4.01 -22.67 11.39
N PRO B 426 3.30 -21.54 11.45
CA PRO B 426 2.13 -21.37 10.58
C PRO B 426 2.46 -21.28 9.10
N THR B 427 3.71 -20.96 8.76
CA THR B 427 4.18 -20.96 7.39
C THR B 427 4.52 -22.35 6.88
N GLY B 428 4.41 -23.37 7.72
CA GLY B 428 4.67 -24.74 7.33
C GLY B 428 3.62 -25.36 6.45
N ILE B 429 2.57 -24.62 6.10
CA ILE B 429 1.51 -25.10 5.21
C ILE B 429 1.99 -25.24 3.77
N ALA B 430 3.19 -24.75 3.45
CA ALA B 430 3.75 -24.96 2.12
C ALA B 430 4.18 -26.39 1.86
N ALA B 431 4.25 -27.24 2.90
CA ALA B 431 4.57 -28.65 2.70
C ALA B 431 3.40 -29.46 2.15
N VAL B 432 2.21 -28.87 2.05
CA VAL B 432 1.09 -29.60 1.48
C VAL B 432 1.24 -29.77 -0.03
N GLY B 433 2.12 -28.99 -0.66
CA GLY B 433 2.42 -29.25 -2.06
C GLY B 433 3.14 -30.57 -2.26
N ALA B 434 4.20 -30.79 -1.48
CA ALA B 434 4.92 -32.05 -1.53
C ALA B 434 4.08 -33.20 -0.98
N LEU B 435 3.09 -32.91 -0.14
CA LEU B 435 2.16 -33.97 0.26
C LEU B 435 1.13 -34.31 -0.81
N LEU B 436 0.59 -33.31 -1.53
CA LEU B 436 -0.48 -33.56 -2.49
C LEU B 436 0.04 -34.09 -3.81
N VAL B 437 1.28 -33.76 -4.18
CA VAL B 437 1.87 -34.34 -5.37
C VAL B 437 2.15 -35.83 -5.17
N ALA B 438 2.30 -36.27 -3.91
CA ALA B 438 2.62 -37.64 -3.57
C ALA B 438 1.39 -38.53 -3.42
N ILE B 439 0.28 -38.22 -4.07
CA ILE B 439 -0.93 -39.05 -4.01
C ILE B 439 -1.00 -40.02 -5.18
N GLY B 440 -0.85 -39.52 -6.40
CA GLY B 440 -0.73 -40.34 -7.59
C GLY B 440 0.33 -41.42 -7.56
N PRO B 441 1.57 -41.05 -7.20
CA PRO B 441 2.60 -42.08 -6.91
C PRO B 441 2.22 -43.12 -5.87
N LEU B 442 1.58 -42.72 -4.78
CA LEU B 442 1.15 -43.68 -3.77
C LEU B 442 0.10 -44.64 -4.33
N LYS B 443 -0.78 -44.14 -5.21
CA LYS B 443 -1.74 -45.01 -5.86
C LYS B 443 -1.05 -46.00 -6.79
N THR B 444 0.00 -45.56 -7.48
CA THR B 444 0.74 -46.44 -8.38
C THR B 444 1.48 -47.54 -7.61
N ILE B 445 2.03 -47.19 -6.44
CA ILE B 445 2.77 -48.18 -5.65
C ILE B 445 1.81 -49.15 -4.94
N VAL B 446 0.72 -48.64 -4.39
CA VAL B 446 -0.22 -49.50 -3.67
C VAL B 446 -0.95 -50.44 -4.62
N ALA B 447 -1.27 -49.95 -5.82
CA ALA B 447 -1.98 -50.77 -6.80
C ALA B 447 -1.16 -51.91 -7.38
N ALA B 448 0.16 -51.93 -7.15
CA ALA B 448 1.01 -53.01 -7.62
C ALA B 448 1.24 -54.09 -6.59
N HIS B 449 1.22 -53.76 -5.29
CA HIS B 449 1.49 -54.71 -4.23
C HIS B 449 0.25 -55.34 -3.65
N VAL B 450 -0.94 -54.90 -4.04
CA VAL B 450 -2.16 -55.30 -3.35
C VAL B 450 -2.57 -56.73 -3.70
N SER B 451 -1.99 -57.30 -4.75
CA SER B 451 -2.39 -58.64 -5.15
C SER B 451 -1.73 -59.74 -4.34
N ARG B 452 -0.86 -59.40 -3.39
CA ARG B 452 -0.28 -60.44 -2.54
C ARG B 452 -0.14 -60.04 -1.07
N PHE B 453 -0.65 -58.87 -0.65
CA PHE B 453 -0.63 -58.56 0.77
C PHE B 453 -2.00 -58.11 1.28
N GLY B 454 -2.74 -57.35 0.48
CA GLY B 454 -4.05 -56.88 0.87
C GLY B 454 -4.08 -55.36 1.01
N TYR B 455 -5.22 -54.88 1.52
CA TYR B 455 -5.44 -53.45 1.73
C TYR B 455 -5.12 -53.00 3.14
N TRP B 456 -5.51 -53.78 4.15
CA TRP B 456 -5.24 -53.41 5.53
C TRP B 456 -3.76 -53.42 5.84
N ALA B 457 -3.04 -54.44 5.33
CA ALA B 457 -1.62 -54.58 5.61
C ALA B 457 -0.78 -53.50 4.93
N LEU B 458 -1.31 -52.88 3.88
CA LEU B 458 -0.59 -51.81 3.21
C LEU B 458 -1.08 -50.43 3.61
N LEU B 459 -2.23 -50.31 4.26
CA LEU B 459 -2.76 -48.99 4.56
C LEU B 459 -2.95 -48.70 6.04
N ALA B 460 -2.67 -49.65 6.92
CA ALA B 460 -2.66 -49.33 8.35
C ALA B 460 -1.36 -48.66 8.84
N PRO B 461 -0.14 -49.07 8.42
CA PRO B 461 1.03 -48.26 8.80
C PRO B 461 1.05 -46.87 8.21
N ILE B 462 0.37 -46.64 7.09
CA ILE B 462 0.25 -45.29 6.56
C ILE B 462 -0.55 -44.40 7.51
N ALA B 463 -1.63 -44.95 8.08
CA ALA B 463 -2.42 -44.20 9.04
C ALA B 463 -1.67 -43.98 10.35
N ALA B 464 -0.91 -44.98 10.80
CA ALA B 464 -0.13 -44.83 12.02
C ALA B 464 0.97 -43.77 11.85
N ALA B 465 1.66 -43.80 10.72
CA ALA B 465 2.68 -42.78 10.45
C ALA B 465 2.07 -41.41 10.24
N GLY B 466 0.84 -41.34 9.74
CA GLY B 466 0.19 -40.05 9.62
C GLY B 466 -0.23 -39.46 10.95
N THR B 467 -0.63 -40.31 11.90
CA THR B 467 -1.12 -39.81 13.18
C THR B 467 -0.07 -39.82 14.30
N VAL B 468 1.18 -40.18 14.02
CA VAL B 468 2.22 -40.15 15.06
C VAL B 468 2.54 -38.75 15.58
N THR B 469 2.16 -37.68 14.87
CA THR B 469 2.53 -36.34 15.28
C THR B 469 1.64 -35.79 16.40
N ILE B 470 0.46 -36.38 16.59
CA ILE B 470 -0.45 -35.97 17.65
C ILE B 470 0.13 -36.24 19.03
N PHE B 471 1.01 -37.24 19.15
CA PHE B 471 1.74 -37.46 20.39
C PHE B 471 2.74 -36.34 20.67
N LEU B 472 3.17 -35.60 19.66
CA LEU B 472 4.11 -34.52 19.86
C LEU B 472 3.40 -33.19 20.08
N ILE B 473 2.26 -33.00 19.43
CA ILE B 473 1.50 -31.76 19.60
C ILE B 473 0.87 -31.72 20.98
N PHE B 474 0.21 -32.80 21.38
CA PHE B 474 -0.59 -32.85 22.60
C PHE B 474 0.13 -33.57 23.73
N ARG B 475 1.44 -33.40 23.85
CA ARG B 475 2.15 -34.06 24.93
C ARG B 475 2.10 -33.27 26.22
N ASP B 476 1.69 -32.01 26.17
CA ASP B 476 1.68 -31.17 27.36
C ASP B 476 0.35 -30.48 27.60
N GLN B 477 -0.37 -30.12 26.55
CA GLN B 477 -1.66 -29.44 26.70
C GLN B 477 -2.81 -30.40 26.43
N THR B 478 -4.02 -29.95 26.74
CA THR B 478 -5.23 -30.70 26.46
C THR B 478 -5.82 -30.26 25.12
N LEU B 479 -6.99 -30.78 24.78
CA LEU B 479 -7.62 -30.40 23.52
C LEU B 479 -8.30 -29.04 23.63
N ALA B 480 -9.04 -28.85 24.72
CA ALA B 480 -9.84 -27.63 24.90
C ALA B 480 -8.95 -26.41 25.01
N ALA B 481 -7.79 -26.56 25.65
CA ALA B 481 -6.85 -25.46 25.81
C ALA B 481 -6.35 -24.96 24.47
N GLU B 482 -5.96 -25.87 23.57
CA GLU B 482 -5.42 -25.45 22.29
C GLU B 482 -6.45 -24.91 21.32
N LEU B 483 -7.66 -25.50 21.29
CA LEU B 483 -8.72 -24.96 20.44
C LEU B 483 -9.19 -23.58 20.88
N GLN B 484 -9.42 -23.41 22.18
CA GLN B 484 -9.92 -22.14 22.68
C GLN B 484 -8.82 -21.10 22.59
N ALA B 485 -7.55 -21.48 22.77
CA ALA B 485 -6.46 -20.54 22.60
C ALA B 485 -6.29 -20.13 21.14
N SER B 486 -6.49 -21.05 20.20
CA SER B 486 -6.37 -20.69 18.79
C SER B 486 -7.50 -19.79 18.34
N SER B 487 -8.73 -20.08 18.79
CA SER B 487 -9.87 -19.21 18.50
C SER B 487 -9.68 -17.82 19.11
N PHE B 488 -9.09 -17.77 20.30
CA PHE B 488 -8.87 -16.49 20.97
C PHE B 488 -7.77 -15.68 20.32
N LYS B 489 -6.69 -16.33 19.87
CA LYS B 489 -5.63 -15.61 19.14
C LYS B 489 -6.14 -15.09 17.81
N SER B 490 -7.01 -15.84 17.15
CA SER B 490 -7.61 -15.35 15.91
C SER B 490 -8.54 -14.17 16.18
N ALA B 491 -9.24 -14.19 17.31
CA ALA B 491 -10.15 -13.09 17.63
C ALA B 491 -9.41 -11.83 18.00
N VAL B 492 -8.30 -11.95 18.74
CA VAL B 492 -7.57 -10.78 19.24
C VAL B 492 -6.64 -10.23 18.18
N GLY B 493 -5.70 -11.05 17.74
CA GLY B 493 -4.50 -10.54 17.12
C GLY B 493 -4.67 -10.20 15.67
N PRO B 494 -3.56 -9.78 15.05
CA PRO B 494 -3.58 -9.50 13.61
C PRO B 494 -3.68 -10.79 12.82
N SER B 495 -4.81 -10.96 12.14
CA SER B 495 -5.05 -12.15 11.32
C SER B 495 -5.74 -11.70 10.06
N LEU B 496 -5.01 -11.72 8.95
CA LEU B 496 -5.54 -11.36 7.65
C LEU B 496 -6.14 -12.59 6.97
N ALA B 497 -7.08 -12.34 6.07
CA ALA B 497 -7.78 -13.42 5.40
C ALA B 497 -7.03 -13.82 4.13
N TRP B 498 -7.59 -14.77 3.39
CA TRP B 498 -6.90 -15.30 2.22
C TRP B 498 -6.89 -14.33 1.06
N PHE B 499 -7.81 -13.38 1.02
CA PHE B 499 -7.85 -12.38 -0.03
C PHE B 499 -6.95 -11.18 0.25
N ASP B 500 -6.25 -11.18 1.37
CA ASP B 500 -5.28 -10.14 1.70
C ASP B 500 -3.86 -10.55 1.32
N GLU B 501 -3.73 -11.48 0.38
CA GLU B 501 -2.42 -11.98 -0.04
C GLU B 501 -1.61 -10.95 -0.82
N HIS B 502 -2.26 -9.91 -1.36
CA HIS B 502 -1.53 -8.85 -2.05
C HIS B 502 -0.68 -8.01 -1.11
N ILE B 503 -0.93 -8.07 0.21
CA ILE B 503 -0.21 -7.26 1.17
C ILE B 503 1.23 -7.71 1.31
N ARG B 504 1.51 -9.00 1.12
CA ARG B 504 2.88 -9.50 1.16
C ARG B 504 3.71 -8.92 0.02
N TYR B 505 3.13 -8.80 -1.17
CA TYR B 505 3.84 -8.24 -2.30
C TYR B 505 3.89 -6.72 -2.25
N SER B 506 2.86 -6.09 -1.67
CA SER B 506 2.90 -4.66 -1.44
C SER B 506 4.00 -4.28 -0.44
N ARG B 507 4.26 -5.15 0.54
CA ARG B 507 5.39 -4.94 1.44
C ARG B 507 6.71 -5.26 0.76
N LEU B 508 6.73 -6.21 -0.17
CA LEU B 508 7.94 -6.49 -0.93
C LEU B 508 8.35 -5.31 -1.81
N PHE B 509 7.40 -4.50 -2.27
CA PHE B 509 7.74 -3.35 -3.10
C PHE B 509 7.71 -2.03 -2.34
N THR B 510 8.08 -2.02 -1.08
CA THR B 510 8.26 -0.78 -0.35
C THR B 510 9.71 -0.32 -0.44
N THR B 511 10.07 0.67 0.36
CA THR B 511 11.44 1.18 0.47
C THR B 511 11.76 1.12 1.95
N SER B 512 12.21 -0.04 2.41
CA SER B 512 12.30 -0.39 3.82
C SER B 512 13.16 -1.64 3.92
N PRO B 513 13.48 -2.15 5.11
CA PRO B 513 14.12 -3.48 5.18
C PRO B 513 13.24 -4.64 4.72
N ASP B 514 11.92 -4.48 4.65
CA ASP B 514 11.09 -5.52 4.06
C ASP B 514 11.23 -5.59 2.55
N GLY B 515 11.47 -4.46 1.90
CA GLY B 515 11.55 -4.41 0.46
C GLY B 515 12.91 -4.02 -0.04
N SER B 516 13.97 -4.59 0.52
CA SER B 516 15.32 -4.20 0.17
C SER B 516 15.75 -4.89 -1.12
N VAL B 517 17.02 -4.74 -1.48
CA VAL B 517 17.53 -5.22 -2.77
C VAL B 517 17.55 -6.74 -2.81
N ALA B 518 18.00 -7.36 -1.72
CA ALA B 518 18.27 -8.81 -1.70
C ALA B 518 16.99 -9.62 -1.79
N ARG B 519 15.99 -9.25 -0.98
CA ARG B 519 14.73 -9.98 -0.95
C ARG B 519 13.97 -9.83 -2.27
N ARG B 520 13.99 -8.62 -2.82
CA ARG B 520 13.27 -8.36 -4.06
C ARG B 520 13.91 -9.13 -5.22
N PHE B 521 15.24 -9.19 -5.22
CA PHE B 521 15.96 -9.95 -6.25
C PHE B 521 15.67 -11.44 -6.16
N ALA B 522 15.63 -11.97 -4.94
CA ALA B 522 15.39 -13.40 -4.75
C ALA B 522 14.00 -13.80 -5.26
N VAL B 523 12.98 -13.02 -4.91
CA VAL B 523 11.62 -13.37 -5.32
C VAL B 523 11.44 -13.21 -6.84
N LEU B 524 11.98 -12.14 -7.43
CA LEU B 524 11.78 -11.94 -8.86
C LEU B 524 12.57 -12.94 -9.69
N THR B 525 13.75 -13.35 -9.23
CA THR B 525 14.51 -14.36 -9.94
C THR B 525 13.84 -15.73 -9.87
N LEU B 526 13.22 -16.05 -8.73
CA LEU B 526 12.45 -17.29 -8.62
C LEU B 526 11.27 -17.31 -9.58
N LEU B 527 10.56 -16.19 -9.70
CA LEU B 527 9.42 -16.13 -10.61
C LEU B 527 9.86 -16.22 -12.07
N LEU B 528 11.00 -15.62 -12.41
CA LEU B 528 11.53 -15.71 -13.77
C LEU B 528 11.91 -17.14 -14.14
N ALA B 529 12.62 -17.83 -13.24
CA ALA B 529 13.04 -19.21 -13.52
C ALA B 529 11.84 -20.15 -13.60
N LEU B 530 10.82 -19.93 -12.77
CA LEU B 530 9.61 -20.75 -12.82
C LEU B 530 8.86 -20.54 -14.12
N ALA B 531 8.78 -19.29 -14.60
CA ALA B 531 8.07 -19.02 -15.85
C ALA B 531 8.78 -19.62 -17.05
N VAL B 532 10.11 -19.60 -17.06
CA VAL B 532 10.85 -20.19 -18.18
C VAL B 532 10.71 -21.72 -18.18
N SER B 533 10.69 -22.32 -16.99
CA SER B 533 10.50 -23.77 -16.91
C SER B 533 9.11 -24.19 -17.37
N ILE B 534 8.07 -23.43 -16.98
CA ILE B 534 6.71 -23.72 -17.42
C ILE B 534 6.56 -23.54 -18.92
N ALA B 535 7.19 -22.50 -19.49
CA ALA B 535 7.07 -22.25 -20.91
C ALA B 535 7.78 -23.32 -21.73
N MET B 536 8.92 -23.82 -21.26
CA MET B 536 9.60 -24.87 -22.00
C MET B 536 8.91 -26.22 -21.81
N THR B 537 8.22 -26.43 -20.70
CA THR B 537 7.42 -27.64 -20.53
C THR B 537 6.17 -27.62 -21.41
N LEU B 538 5.55 -26.45 -21.60
CA LEU B 538 4.40 -26.37 -22.50
C LEU B 538 4.81 -26.49 -23.95
N ARG B 539 5.86 -25.76 -24.36
CA ARG B 539 6.22 -25.64 -25.77
C ARG B 539 6.63 -26.98 -26.37
N LYS B 540 7.68 -27.58 -25.84
CA LYS B 540 8.04 -28.93 -26.21
C LYS B 540 7.24 -29.91 -25.35
N GLY B 541 7.56 -31.18 -25.45
CA GLY B 541 6.93 -32.13 -24.55
C GLY B 541 7.45 -31.98 -23.14
N ARG B 542 8.74 -31.66 -23.01
CA ARG B 542 9.45 -31.56 -21.76
C ARG B 542 10.76 -30.84 -22.03
N ILE B 543 11.47 -30.51 -20.97
CA ILE B 543 12.84 -30.00 -21.14
C ILE B 543 13.71 -31.14 -21.63
N PRO B 544 14.42 -31.00 -22.78
CA PRO B 544 14.84 -32.16 -23.59
C PRO B 544 15.76 -33.20 -22.95
N GLY B 545 16.81 -32.79 -22.27
CA GLY B 545 17.72 -33.77 -21.73
C GLY B 545 17.45 -34.16 -20.30
N THR B 546 16.20 -34.07 -19.86
CA THR B 546 15.85 -34.29 -18.46
C THR B 546 14.82 -35.40 -18.35
N ALA B 547 14.75 -35.98 -17.16
CA ALA B 547 13.73 -36.95 -16.86
C ALA B 547 12.36 -36.27 -16.74
N LEU B 548 11.32 -37.04 -17.04
CA LEU B 548 9.97 -36.50 -17.18
C LEU B 548 9.30 -36.27 -15.83
N GLY B 549 9.13 -37.34 -15.06
CA GLY B 549 8.50 -37.34 -13.76
C GLY B 549 9.03 -36.35 -12.73
N PRO B 550 10.34 -36.38 -12.42
CA PRO B 550 10.90 -35.40 -11.48
C PRO B 550 10.77 -33.95 -11.90
N SER B 551 10.87 -33.65 -13.18
CA SER B 551 10.72 -32.28 -13.64
C SER B 551 9.28 -31.79 -13.44
N ARG B 552 8.31 -32.64 -13.83
CA ARG B 552 6.91 -32.35 -13.59
C ARG B 552 6.61 -32.13 -12.11
N ARG B 553 7.21 -32.96 -11.25
CA ARG B 553 6.89 -32.88 -9.83
C ARG B 553 7.53 -31.68 -9.14
N ILE B 554 8.73 -31.26 -9.60
CA ILE B 554 9.34 -30.03 -9.11
C ILE B 554 8.47 -28.81 -9.43
N ILE B 555 8.01 -28.72 -10.69
CA ILE B 555 7.20 -27.56 -11.09
C ILE B 555 5.86 -27.55 -10.36
N GLY B 556 5.26 -28.74 -10.18
CA GLY B 556 3.99 -28.81 -9.46
C GLY B 556 4.11 -28.45 -8.00
N ILE B 557 5.18 -28.90 -7.33
CA ILE B 557 5.37 -28.57 -5.91
C ILE B 557 5.61 -27.08 -5.73
N THR B 558 6.31 -26.43 -6.66
CA THR B 558 6.54 -24.99 -6.53
C THR B 558 5.26 -24.19 -6.73
N ILE B 559 4.41 -24.60 -7.68
CA ILE B 559 3.14 -23.89 -7.90
C ILE B 559 2.18 -24.09 -6.72
N ILE B 560 2.11 -25.32 -6.19
CA ILE B 560 1.20 -25.55 -5.06
C ILE B 560 1.74 -24.90 -3.79
N SER B 561 3.06 -24.70 -3.68
CA SER B 561 3.59 -23.96 -2.54
C SER B 561 3.22 -22.49 -2.60
N PHE B 562 3.32 -21.87 -3.79
CA PHE B 562 2.82 -20.50 -3.96
C PHE B 562 1.34 -20.37 -3.65
N LEU B 563 0.54 -21.37 -4.04
CA LEU B 563 -0.90 -21.24 -3.77
C LEU B 563 -1.22 -21.50 -2.31
N ALA B 564 -0.50 -22.41 -1.66
CA ALA B 564 -0.79 -22.71 -0.27
C ALA B 564 -0.30 -21.63 0.67
N MET B 565 0.68 -20.83 0.26
CA MET B 565 1.19 -19.77 1.11
C MET B 565 0.15 -18.61 1.34
N MET B 566 -1.00 -18.54 0.69
CA MET B 566 -1.94 -17.45 0.93
C MET B 566 -2.83 -17.69 2.16
N PHE B 567 -2.78 -18.87 2.76
CA PHE B 567 -3.62 -19.19 3.91
C PHE B 567 -2.86 -19.04 5.22
N THR B 568 -1.89 -18.20 5.27
CA THR B 568 -1.19 -17.90 6.50
C THR B 568 -1.80 -16.67 7.16
N PRO B 569 -1.82 -16.60 8.51
CA PRO B 569 -2.52 -15.49 9.16
C PRO B 569 -1.80 -14.16 9.04
N THR B 570 -0.48 -14.15 8.91
CA THR B 570 0.29 -12.93 8.78
C THR B 570 1.00 -12.92 7.44
N LYS B 571 1.07 -11.74 6.82
CA LYS B 571 1.62 -11.61 5.48
C LYS B 571 2.93 -10.83 5.60
N TRP B 572 4.01 -11.54 5.86
CA TRP B 572 5.33 -10.95 5.97
C TRP B 572 6.20 -11.37 4.80
N THR B 573 7.32 -10.68 4.66
CA THR B 573 8.22 -10.90 3.54
C THR B 573 9.24 -11.99 3.84
N HIS B 574 9.57 -12.21 5.10
CA HIS B 574 10.48 -13.30 5.45
C HIS B 574 9.85 -14.68 5.44
N HIS B 575 8.61 -14.80 4.99
CA HIS B 575 8.01 -16.12 4.77
C HIS B 575 8.40 -16.70 3.43
N PHE B 576 9.12 -15.97 2.59
CA PHE B 576 9.62 -16.52 1.34
C PHE B 576 10.85 -17.39 1.52
N GLY B 577 11.36 -17.52 2.74
CA GLY B 577 12.52 -18.34 3.00
C GLY B 577 12.30 -19.83 2.90
N VAL B 578 11.05 -20.28 2.72
CA VAL B 578 10.74 -21.69 2.53
C VAL B 578 11.10 -22.18 1.14
N PHE B 579 11.42 -21.29 0.22
CA PHE B 579 11.72 -21.66 -1.16
C PHE B 579 13.20 -21.86 -1.41
N ALA B 580 14.02 -21.87 -0.37
CA ALA B 580 15.47 -21.97 -0.54
C ALA B 580 15.91 -23.36 -0.97
N GLY B 581 15.09 -24.38 -0.77
CA GLY B 581 15.40 -25.71 -1.24
C GLY B 581 14.93 -25.93 -2.66
N LEU B 582 13.78 -25.34 -3.00
CA LEU B 582 13.22 -25.44 -4.35
C LEU B 582 13.92 -24.54 -5.33
N ALA B 583 14.62 -23.51 -4.85
CA ALA B 583 15.26 -22.56 -5.74
C ALA B 583 16.45 -23.17 -6.47
N GLY B 584 17.20 -24.04 -5.80
CA GLY B 584 18.31 -24.70 -6.49
C GLY B 584 17.82 -25.68 -7.55
N CYS B 585 16.69 -26.33 -7.29
CA CYS B 585 16.09 -27.24 -8.26
C CYS B 585 15.59 -26.48 -9.49
N LEU B 586 14.88 -25.38 -9.27
CA LEU B 586 14.47 -24.55 -10.41
C LEU B 586 15.64 -23.86 -11.09
N GLY B 587 16.75 -23.63 -10.38
CA GLY B 587 17.94 -23.12 -11.03
C GLY B 587 18.55 -24.11 -11.99
N ALA B 588 18.60 -25.39 -11.60
CA ALA B 588 19.09 -26.43 -12.51
C ALA B 588 18.17 -26.59 -13.72
N LEU B 589 16.85 -26.58 -13.50
CA LEU B 589 15.93 -26.72 -14.63
C LEU B 589 15.98 -25.51 -15.55
N ALA B 590 16.07 -24.30 -15.01
CA ALA B 590 16.12 -23.12 -15.85
C ALA B 590 17.48 -22.90 -16.47
N ALA B 591 18.51 -23.61 -16.03
CA ALA B 591 19.76 -23.58 -16.79
C ALA B 591 19.74 -24.57 -17.94
N VAL B 592 19.15 -25.74 -17.74
CA VAL B 592 19.05 -26.68 -18.84
C VAL B 592 18.07 -26.19 -19.90
N ALA B 593 17.04 -25.46 -19.49
CA ALA B 593 16.02 -24.98 -20.43
C ALA B 593 16.47 -23.80 -21.28
N VAL B 594 17.71 -23.33 -21.15
CA VAL B 594 18.16 -22.14 -21.86
C VAL B 594 19.28 -22.42 -22.84
N THR B 595 20.10 -23.45 -22.63
CA THR B 595 21.26 -23.80 -23.45
C THR B 595 20.95 -24.06 -24.92
N THR B 596 21.99 -24.07 -25.75
CA THR B 596 21.83 -24.17 -27.20
C THR B 596 21.23 -25.51 -27.63
N THR B 597 21.40 -26.55 -26.81
CA THR B 597 20.76 -27.83 -27.07
C THR B 597 19.24 -27.74 -26.92
N ALA B 598 18.74 -26.97 -25.96
CA ALA B 598 17.31 -26.88 -25.70
C ALA B 598 16.64 -25.75 -26.47
N MET B 599 17.18 -24.54 -26.37
CA MET B 599 16.60 -23.36 -27.00
C MET B 599 17.47 -22.99 -28.19
N LYS B 600 16.98 -23.26 -29.40
CA LYS B 600 17.80 -23.30 -30.60
C LYS B 600 18.03 -21.95 -31.26
N SER B 601 17.19 -20.96 -31.03
CA SER B 601 17.30 -19.67 -31.71
C SER B 601 17.90 -18.64 -30.78
N ARG B 602 18.87 -17.88 -31.29
CA ARG B 602 19.55 -16.89 -30.47
C ARG B 602 18.72 -15.63 -30.25
N ARG B 603 17.66 -15.46 -31.03
CA ARG B 603 16.66 -14.42 -30.77
C ARG B 603 16.03 -14.64 -29.39
N ASN B 604 15.63 -15.87 -29.10
CA ASN B 604 14.99 -16.19 -27.83
C ASN B 604 15.96 -16.10 -26.67
N ARG B 605 17.22 -16.48 -26.89
CA ARG B 605 18.21 -16.40 -25.84
C ARG B 605 18.56 -14.96 -25.51
N THR B 606 18.58 -14.08 -26.52
CA THR B 606 18.81 -12.66 -26.26
C THR B 606 17.62 -12.03 -25.53
N VAL B 607 16.40 -12.47 -25.85
CA VAL B 607 15.22 -11.98 -25.14
C VAL B 607 15.23 -12.42 -23.67
N PHE B 608 15.70 -13.63 -23.40
CA PHE B 608 15.81 -14.07 -22.01
C PHE B 608 16.89 -13.31 -21.25
N GLY B 609 18.01 -13.00 -21.91
CA GLY B 609 19.01 -12.16 -21.26
C GLY B 609 18.51 -10.77 -20.95
N ALA B 610 17.69 -10.20 -21.84
CA ALA B 610 17.08 -8.91 -21.59
C ALA B 610 16.09 -8.97 -20.42
N ALA B 611 15.38 -10.08 -20.27
CA ALA B 611 14.46 -10.23 -19.14
C ALA B 611 15.20 -10.34 -17.82
N VAL B 612 16.35 -11.02 -17.82
CA VAL B 612 17.22 -11.09 -16.64
C VAL B 612 17.69 -9.68 -16.26
N LEU B 613 18.15 -8.90 -17.25
CA LEU B 613 18.58 -7.52 -16.98
C LEU B 613 17.43 -6.64 -16.50
N PHE B 614 16.20 -6.91 -16.95
CA PHE B 614 15.08 -6.10 -16.50
C PHE B 614 14.71 -6.37 -15.05
N VAL B 615 14.70 -7.64 -14.63
CA VAL B 615 14.38 -7.87 -13.22
C VAL B 615 15.55 -7.47 -12.32
N THR B 616 16.78 -7.48 -12.84
CA THR B 616 17.90 -6.96 -12.05
C THR B 616 17.83 -5.45 -11.93
N ALA B 617 17.34 -4.76 -12.97
CA ALA B 617 17.07 -3.32 -12.87
C ALA B 617 15.97 -3.03 -11.86
N LEU B 618 14.93 -3.87 -11.83
CA LEU B 618 13.82 -3.63 -10.92
C LEU B 618 14.21 -3.92 -9.47
N SER B 619 15.23 -4.75 -9.25
CA SER B 619 15.67 -5.04 -7.89
C SER B 619 16.37 -3.85 -7.22
N PHE B 620 17.16 -3.08 -7.96
CA PHE B 620 17.97 -1.99 -7.40
C PHE B 620 17.22 -0.70 -7.21
N ALA B 621 15.89 -0.71 -7.25
CA ALA B 621 15.10 0.51 -7.11
C ALA B 621 14.65 0.73 -5.69
N THR B 622 15.50 0.37 -4.72
CA THR B 622 15.18 0.46 -3.30
C THR B 622 16.48 0.68 -2.54
N VAL B 623 16.43 0.53 -1.23
CA VAL B 623 17.58 0.78 -0.37
C VAL B 623 18.29 -0.52 -0.04
N ASN B 624 19.52 -0.41 0.43
CA ASN B 624 20.30 -1.54 0.92
C ASN B 624 20.08 -1.72 2.42
N GLY B 625 18.83 -1.82 2.83
CA GLY B 625 18.47 -1.77 4.22
C GLY B 625 18.37 -3.14 4.86
N TRP B 626 18.91 -3.25 6.07
CA TRP B 626 18.83 -4.45 6.89
C TRP B 626 18.13 -4.08 8.19
N TRP B 627 18.05 -5.03 9.11
CA TRP B 627 17.27 -4.87 10.32
C TRP B 627 18.07 -4.14 11.39
N TYR B 628 17.64 -4.26 12.65
CA TYR B 628 17.91 -3.35 13.76
C TYR B 628 19.36 -2.88 13.94
N VAL B 629 20.29 -3.77 14.28
CA VAL B 629 21.69 -3.38 14.39
C VAL B 629 22.56 -3.96 13.29
N SER B 630 21.97 -4.61 12.31
CA SER B 630 22.71 -5.04 11.13
C SER B 630 22.92 -3.91 10.14
N ASN B 631 22.38 -2.74 10.44
CA ASN B 631 22.34 -1.63 9.52
C ASN B 631 23.44 -0.62 9.81
N PHE B 632 24.28 -0.88 10.80
CA PHE B 632 25.32 0.07 11.22
C PHE B 632 26.45 0.05 10.21
N GLY B 633 26.65 1.16 9.49
CA GLY B 633 27.80 1.34 8.64
C GLY B 633 27.68 0.82 7.23
N VAL B 634 26.53 0.28 6.86
CA VAL B 634 26.35 -0.40 5.57
C VAL B 634 26.21 0.65 4.47
N PRO B 635 26.88 0.50 3.33
CA PRO B 635 26.72 1.46 2.24
C PRO B 635 25.35 1.43 1.59
N TRP B 636 24.83 2.62 1.30
CA TRP B 636 23.52 2.87 0.68
C TRP B 636 22.37 2.30 1.49
N SER B 637 22.47 2.33 2.80
CA SER B 637 21.46 1.74 3.67
C SER B 637 20.24 2.63 3.82
N ASN B 638 20.27 3.85 3.29
CA ASN B 638 19.15 4.77 3.40
C ASN B 638 18.85 5.48 2.08
N SER B 639 19.48 5.09 0.98
CA SER B 639 19.31 5.74 -0.30
C SER B 639 19.48 4.70 -1.39
N PHE B 640 19.18 5.09 -2.63
CA PHE B 640 19.28 4.15 -3.74
C PHE B 640 20.75 3.97 -4.10
N PRO B 641 21.17 2.77 -4.51
CA PRO B 641 22.54 2.59 -4.97
C PRO B 641 22.81 3.33 -6.27
N GLU B 642 23.90 4.11 -6.28
CA GLU B 642 24.28 4.88 -7.45
C GLU B 642 25.76 5.21 -7.36
N PHE B 643 26.39 5.32 -8.52
CA PHE B 643 27.73 5.89 -8.61
C PHE B 643 27.70 7.32 -9.09
N LYS B 644 27.14 7.57 -10.28
CA LYS B 644 26.79 8.92 -10.70
C LYS B 644 25.37 9.04 -11.20
N PHE B 645 24.76 7.97 -11.68
CA PHE B 645 23.43 8.01 -12.27
C PHE B 645 22.40 7.21 -11.50
N GLY B 646 22.74 6.01 -11.05
CA GLY B 646 21.75 5.08 -10.55
C GLY B 646 21.95 3.76 -11.23
N PHE B 647 21.94 2.66 -10.47
CA PHE B 647 22.17 1.36 -11.07
C PHE B 647 20.96 0.92 -11.88
N THR B 648 19.77 1.38 -11.49
CA THR B 648 18.55 0.94 -12.14
C THR B 648 18.39 1.53 -13.54
N THR B 649 18.87 2.76 -13.75
CA THR B 649 18.79 3.35 -15.08
C THR B 649 19.83 2.76 -16.03
N MET B 650 21.01 2.45 -15.50
CA MET B 650 22.04 1.79 -16.30
C MET B 650 21.61 0.39 -16.72
N LEU B 651 21.00 -0.36 -15.80
CA LEU B 651 20.53 -1.70 -16.14
C LEU B 651 19.32 -1.66 -17.06
N LEU B 652 18.47 -0.63 -16.95
CA LEU B 652 17.37 -0.47 -17.89
C LEU B 652 17.86 -0.14 -19.29
N GLY B 653 18.91 0.69 -19.39
CA GLY B 653 19.50 0.96 -20.70
C GLY B 653 20.12 -0.27 -21.33
N LEU B 654 20.78 -1.10 -20.52
CA LEU B 654 21.32 -2.35 -21.04
C LEU B 654 20.23 -3.31 -21.48
N SER B 655 19.09 -3.30 -20.78
CA SER B 655 17.96 -4.15 -21.17
C SER B 655 17.36 -3.73 -22.50
N VAL B 656 17.23 -2.41 -22.72
CA VAL B 656 16.72 -1.91 -23.99
C VAL B 656 17.70 -2.20 -25.13
N LEU B 657 18.99 -2.12 -24.84
CA LEU B 657 19.99 -2.45 -25.85
C LEU B 657 19.97 -3.93 -26.21
N ALA B 658 19.73 -4.80 -25.23
CA ALA B 658 19.62 -6.22 -25.53
C ALA B 658 18.37 -6.54 -26.35
N LEU B 659 17.27 -5.79 -26.12
CA LEU B 659 16.10 -5.94 -26.98
C LEU B 659 16.37 -5.51 -28.41
N LEU B 660 17.18 -4.45 -28.59
CA LEU B 660 17.50 -4.01 -29.95
C LEU B 660 18.38 -5.03 -30.67
N VAL B 661 19.31 -5.67 -29.94
CA VAL B 661 20.14 -6.72 -30.54
C VAL B 661 19.27 -7.93 -30.92
N ALA B 662 18.28 -8.26 -30.08
CA ALA B 662 17.37 -9.36 -30.39
C ALA B 662 16.52 -9.04 -31.63
N ALA B 663 16.12 -7.77 -31.78
CA ALA B 663 15.35 -7.38 -32.96
C ALA B 663 16.19 -7.42 -34.22
N TRP B 664 17.49 -7.10 -34.12
CA TRP B 664 18.36 -7.25 -35.28
C TRP B 664 18.56 -8.73 -35.64
N PHE B 665 18.65 -9.60 -34.63
CA PHE B 665 18.70 -11.04 -34.87
C PHE B 665 17.43 -11.53 -35.55
N HIS B 666 16.28 -10.97 -35.18
CA HIS B 666 15.02 -11.33 -35.80
C HIS B 666 14.97 -10.92 -37.26
N PHE B 667 15.24 -9.65 -37.54
CA PHE B 667 15.03 -9.12 -38.88
C PHE B 667 16.14 -9.44 -39.85
N SER B 668 17.33 -9.80 -39.37
CA SER B 668 18.40 -10.19 -40.28
C SER B 668 18.32 -11.66 -40.70
N GLY B 669 17.60 -12.49 -39.96
CA GLY B 669 17.53 -13.90 -40.26
C GLY B 669 18.84 -14.63 -40.06
N ARG B 670 19.39 -14.56 -38.85
CA ARG B 670 20.72 -15.08 -38.55
C ARG B 670 20.67 -16.02 -37.35
N ASP B 671 21.59 -16.99 -37.34
CA ASP B 671 21.76 -17.95 -36.25
C ASP B 671 23.24 -18.02 -35.87
N VAL B 672 23.58 -19.02 -35.05
CA VAL B 672 24.86 -19.06 -34.36
C VAL B 672 25.65 -20.34 -34.64
N SER B 673 25.00 -21.41 -35.10
CA SER B 673 25.60 -22.74 -35.06
C SER B 673 26.78 -22.96 -36.02
N PRO B 674 26.89 -22.32 -37.19
CA PRO B 674 28.21 -22.30 -37.85
C PRO B 674 29.05 -21.06 -37.57
N ASP B 675 28.69 -20.24 -36.60
CA ASP B 675 29.35 -18.94 -36.41
C ASP B 675 30.19 -18.87 -35.14
N ARG B 676 29.62 -19.20 -33.98
CA ARG B 676 30.31 -19.07 -32.69
C ARG B 676 30.41 -20.43 -32.03
N PRO B 677 31.49 -21.21 -32.28
CA PRO B 677 31.65 -22.50 -31.61
C PRO B 677 31.85 -22.39 -30.10
N GLN B 678 32.91 -21.68 -29.70
CA GLN B 678 33.27 -21.53 -28.29
C GLN B 678 34.31 -20.42 -28.18
N ARG B 679 34.07 -19.50 -27.25
CA ARG B 679 35.04 -18.50 -26.82
C ARG B 679 34.99 -18.46 -25.30
N ARG B 680 35.62 -17.46 -24.69
CA ARG B 680 35.57 -17.37 -23.23
C ARG B 680 34.46 -16.45 -22.74
N TRP B 681 34.28 -15.29 -23.39
CA TRP B 681 33.18 -14.42 -22.99
C TRP B 681 31.86 -14.93 -23.53
N GLN B 682 31.88 -15.71 -24.61
CA GLN B 682 30.68 -16.40 -25.05
C GLN B 682 30.27 -17.45 -24.03
N ARG B 683 31.25 -18.19 -23.50
CA ARG B 683 30.98 -19.19 -22.48
C ARG B 683 30.52 -18.54 -21.17
N LEU B 684 30.96 -17.31 -20.90
CA LEU B 684 30.39 -16.58 -19.78
C LEU B 684 28.99 -16.07 -20.07
N LEU B 685 28.74 -15.67 -21.32
CA LEU B 685 27.50 -15.01 -21.70
C LEU B 685 26.34 -15.98 -21.85
N VAL B 686 26.60 -17.27 -22.07
CA VAL B 686 25.49 -18.22 -22.24
C VAL B 686 24.74 -18.56 -20.96
N ALA B 687 25.24 -18.14 -19.79
CA ALA B 687 24.60 -18.44 -18.51
C ALA B 687 24.22 -17.14 -17.82
N PRO B 688 23.05 -16.58 -18.13
CA PRO B 688 22.70 -15.28 -17.54
C PRO B 688 22.35 -15.35 -16.07
N LEU B 689 21.67 -16.41 -15.64
CA LEU B 689 21.23 -16.51 -14.25
C LEU B 689 22.39 -16.74 -13.31
N ALA B 690 23.42 -17.48 -13.75
CA ALA B 690 24.59 -17.68 -12.91
C ALA B 690 25.33 -16.39 -12.66
N VAL B 691 25.48 -15.56 -13.69
CA VAL B 691 26.17 -14.29 -13.55
C VAL B 691 25.37 -13.33 -12.68
N ALA B 692 24.05 -13.26 -12.89
CA ALA B 692 23.22 -12.33 -12.13
C ALA B 692 23.14 -12.71 -10.65
N THR B 693 22.93 -14.01 -10.38
CA THR B 693 22.81 -14.46 -9.00
C THR B 693 24.14 -14.37 -8.25
N TRP B 694 25.26 -14.73 -8.88
CA TRP B 694 26.52 -14.57 -8.17
C TRP B 694 26.94 -13.13 -8.01
N ALA B 695 26.53 -12.24 -8.93
CA ALA B 695 26.81 -10.82 -8.76
C ALA B 695 26.06 -10.26 -7.56
N LEU B 696 24.80 -10.64 -7.39
CA LEU B 696 24.05 -10.15 -6.23
C LEU B 696 24.54 -10.75 -4.92
N VAL B 697 24.98 -12.02 -4.95
CA VAL B 697 25.51 -12.64 -3.73
C VAL B 697 26.79 -11.96 -3.27
N ILE B 698 27.68 -11.66 -4.22
CA ILE B 698 28.91 -10.94 -3.89
C ILE B 698 28.61 -9.52 -3.42
N PHE B 699 27.58 -8.89 -3.98
CA PHE B 699 27.16 -7.55 -3.53
C PHE B 699 26.74 -7.55 -2.06
N GLU B 700 25.92 -8.52 -1.67
CA GLU B 700 25.43 -8.60 -0.28
C GLU B 700 26.56 -8.88 0.70
N VAL B 701 27.42 -9.84 0.37
CA VAL B 701 28.50 -10.23 1.28
C VAL B 701 29.51 -9.10 1.45
N VAL B 702 29.88 -8.44 0.35
CA VAL B 702 30.81 -7.32 0.42
C VAL B 702 30.19 -6.11 1.13
N SER B 703 28.86 -5.92 1.04
CA SER B 703 28.25 -4.79 1.71
C SER B 703 28.24 -4.97 3.22
N LEU B 704 27.99 -6.17 3.72
CA LEU B 704 28.09 -6.32 5.18
C LEU B 704 29.52 -6.42 5.69
N THR B 705 30.48 -6.89 4.87
CA THR B 705 31.88 -6.82 5.29
C THR B 705 32.38 -5.38 5.37
N LEU B 706 31.95 -4.54 4.42
CA LEU B 706 32.30 -3.12 4.50
C LEU B 706 31.58 -2.41 5.63
N GLY B 707 30.37 -2.84 5.96
CA GLY B 707 29.72 -2.32 7.16
C GLY B 707 30.48 -2.65 8.43
N MET B 708 31.10 -3.83 8.47
CA MET B 708 31.93 -4.18 9.62
C MET B 708 33.25 -3.42 9.62
N ILE B 709 33.75 -3.02 8.45
CA ILE B 709 35.05 -2.35 8.39
C ILE B 709 34.94 -0.84 8.65
N ASN B 710 33.83 -0.20 8.25
CA ASN B 710 33.68 1.24 8.44
C ASN B 710 33.62 1.61 9.93
N GLN B 711 32.94 0.80 10.73
CA GLN B 711 32.91 1.11 12.18
C GLN B 711 33.86 0.14 12.90
N TYR B 712 35.18 0.26 12.73
CA TYR B 712 35.98 -0.72 13.44
C TYR B 712 36.06 -0.46 14.95
N PRO B 713 36.49 0.70 15.47
CA PRO B 713 36.53 0.82 16.93
C PRO B 713 35.15 0.84 17.55
N ALA B 714 34.13 1.23 16.80
CA ALA B 714 32.75 1.16 17.25
C ALA B 714 32.27 -0.29 17.13
N TRP B 715 31.07 -0.54 17.65
CA TRP B 715 30.50 -1.88 17.67
C TRP B 715 29.86 -2.18 16.32
N SER B 716 30.03 -3.42 15.87
CA SER B 716 29.26 -3.93 14.75
C SER B 716 28.94 -5.40 15.03
N VAL B 717 27.99 -5.93 14.26
CA VAL B 717 27.54 -7.31 14.43
C VAL B 717 28.69 -8.29 14.21
N GLY B 718 29.46 -8.06 13.16
CA GLY B 718 30.54 -8.97 12.84
C GLY B 718 31.70 -8.91 13.80
N ARG B 719 31.96 -7.74 14.36
CA ARG B 719 33.03 -7.62 15.35
C ARG B 719 32.66 -8.30 16.64
N SER B 720 31.37 -8.26 17.00
CA SER B 720 30.92 -8.96 18.20
C SER B 720 30.94 -10.47 18.00
N ASN B 721 30.60 -10.93 16.79
CA ASN B 721 30.67 -12.36 16.53
C ASN B 721 32.10 -12.86 16.43
N LEU B 722 33.02 -12.04 15.97
CA LEU B 722 34.42 -12.45 15.93
C LEU B 722 35.12 -12.29 17.27
N ASN B 723 34.62 -11.41 18.16
CA ASN B 723 35.14 -11.35 19.52
C ASN B 723 34.76 -12.58 20.31
N ALA B 724 33.63 -13.21 19.99
CA ALA B 724 33.09 -14.32 20.76
C ALA B 724 33.97 -15.56 20.69
N LEU B 725 34.93 -15.61 19.78
CA LEU B 725 35.89 -16.70 19.73
C LEU B 725 36.94 -16.61 20.83
N THR B 726 37.01 -15.50 21.57
CA THR B 726 38.00 -15.28 22.62
C THR B 726 37.35 -14.73 23.88
N GLY B 727 36.26 -15.35 24.34
CA GLY B 727 35.49 -14.77 25.42
C GLY B 727 34.62 -13.64 24.88
N LYS B 728 34.18 -12.76 25.77
CA LYS B 728 33.43 -11.53 25.44
C LYS B 728 32.15 -11.84 24.65
N THR B 729 31.26 -12.60 25.28
CA THR B 729 30.04 -13.05 24.63
C THR B 729 28.81 -12.27 25.06
N CYS B 730 28.98 -11.03 25.51
CA CYS B 730 27.87 -10.25 26.03
C CYS B 730 27.34 -9.20 25.06
N GLY B 731 27.81 -9.18 23.83
CA GLY B 731 27.12 -8.42 22.79
C GLY B 731 27.37 -6.93 22.88
N LEU B 732 26.28 -6.17 22.77
CA LEU B 732 26.32 -4.71 22.76
C LEU B 732 26.43 -4.12 24.16
N ALA B 733 26.33 -4.94 25.20
CA ALA B 733 26.36 -4.44 26.56
C ALA B 733 27.74 -3.99 27.02
N ASN B 734 28.80 -4.37 26.32
CA ASN B 734 30.14 -3.90 26.66
C ASN B 734 30.48 -2.56 26.02
N ASP B 735 29.72 -2.14 25.01
CA ASP B 735 30.04 -0.97 24.22
C ASP B 735 28.99 0.12 24.37
N VAL B 736 28.19 0.06 25.42
CA VAL B 736 27.25 1.10 25.78
C VAL B 736 27.67 1.65 27.13
N LEU B 737 27.94 2.95 27.19
CA LEU B 737 28.38 3.61 28.40
C LEU B 737 27.20 4.25 29.11
N VAL B 738 27.17 4.12 30.43
CA VAL B 738 26.01 4.49 31.24
C VAL B 738 26.48 5.32 32.41
N GLU B 739 25.91 6.51 32.58
CA GLU B 739 26.10 7.29 33.81
C GLU B 739 24.90 7.09 34.72
N GLN B 740 25.17 6.63 35.94
CA GLN B 740 24.12 6.46 36.92
C GLN B 740 23.70 7.78 37.51
N ASN B 741 24.65 8.50 38.12
CA ASN B 741 24.37 9.77 38.77
C ASN B 741 24.70 10.89 37.77
N ALA B 742 23.68 11.63 37.34
CA ALA B 742 23.87 12.71 36.39
C ALA B 742 24.27 14.03 37.05
N ASN B 743 24.59 14.02 38.34
CA ASN B 743 25.01 15.21 39.07
C ASN B 743 26.48 15.17 39.44
N ALA B 744 27.25 14.25 38.86
CA ALA B 744 28.59 13.98 39.34
C ALA B 744 29.62 14.92 38.74
N GLY B 745 29.77 14.89 37.42
CA GLY B 745 30.88 15.60 36.80
C GLY B 745 30.58 17.01 36.33
N MET B 746 29.90 17.80 37.14
CA MET B 746 29.65 19.20 36.81
C MET B 746 30.94 20.01 36.95
N LEU B 747 31.21 20.85 35.96
CA LEU B 747 32.42 21.66 35.98
C LEU B 747 32.27 22.80 36.97
N THR B 748 33.40 23.42 37.32
CA THR B 748 33.32 24.53 38.25
C THR B 748 33.65 25.85 37.55
N PRO B 749 32.97 26.94 37.90
CA PRO B 749 33.27 28.22 37.28
C PRO B 749 34.37 28.98 38.01
N ILE B 750 34.98 29.92 37.29
CA ILE B 750 36.11 30.66 37.84
C ILE B 750 35.64 31.85 38.67
N GLY B 751 34.57 32.53 38.24
CA GLY B 751 34.13 33.73 38.93
C GLY B 751 33.04 33.50 39.96
N GLU B 752 31.81 33.89 39.61
CA GLU B 752 30.68 33.80 40.52
C GLU B 752 30.27 32.34 40.72
N PRO B 753 29.63 32.00 41.88
CA PRO B 753 29.28 30.60 42.14
C PRO B 753 28.16 30.05 41.26
N ALA B 754 27.72 28.84 41.56
CA ALA B 754 26.93 27.92 40.72
C ALA B 754 25.49 28.39 40.43
N GLY B 755 25.18 29.65 40.77
CA GLY B 755 23.82 30.18 40.57
C GLY B 755 23.60 30.77 39.18
N GLN B 756 24.11 31.97 38.91
CA GLN B 756 23.90 32.44 37.51
C GLN B 756 25.17 32.25 36.68
N ALA B 757 26.10 31.48 37.25
CA ALA B 757 27.32 31.07 36.49
C ALA B 757 26.96 30.61 35.08
N LEU B 758 25.67 30.44 34.76
CA LEU B 758 25.31 30.00 33.42
C LEU B 758 25.07 31.21 32.51
N GLY B 759 24.21 32.13 32.93
CA GLY B 759 24.05 33.39 32.23
C GLY B 759 24.85 34.51 32.86
N ALA B 760 26.17 34.40 32.86
CA ALA B 760 26.98 35.29 33.70
C ALA B 760 27.17 36.65 33.06
N VAL B 761 27.84 36.71 31.91
CA VAL B 761 28.28 37.98 31.37
C VAL B 761 27.32 38.56 30.33
N THR B 762 26.49 37.75 29.69
CA THR B 762 25.53 38.25 28.73
C THR B 762 24.33 37.32 28.73
N SER B 763 23.15 37.86 29.04
CA SER B 763 21.92 37.07 29.01
C SER B 763 20.75 38.04 28.80
N LEU B 764 20.22 38.06 27.58
CA LEU B 764 19.01 38.79 27.26
C LEU B 764 17.98 37.79 26.72
N GLY B 765 16.75 37.91 27.17
CA GLY B 765 15.74 36.93 26.87
C GLY B 765 15.87 35.64 27.66
N PHE B 766 16.66 35.62 28.74
CA PHE B 766 16.86 34.42 29.52
C PHE B 766 15.72 34.00 30.46
N GLY B 767 15.12 32.85 30.15
CA GLY B 767 13.96 32.32 30.82
C GLY B 767 14.17 31.38 32.00
N PRO B 768 14.45 31.89 33.21
CA PRO B 768 14.52 30.98 34.37
C PRO B 768 13.24 30.21 34.66
N ASN B 769 12.09 30.71 34.23
CA ASN B 769 10.90 29.88 34.11
C ASN B 769 10.35 29.94 32.69
N GLY B 770 11.18 30.33 31.73
CA GLY B 770 10.77 30.50 30.36
C GLY B 770 10.99 29.28 29.49
N ILE B 771 10.36 28.17 29.83
CA ILE B 771 10.22 27.01 28.95
C ILE B 771 8.75 26.61 28.95
N PRO B 772 8.21 26.10 27.84
CA PRO B 772 6.85 25.56 27.87
C PRO B 772 6.74 24.33 28.75
N SER B 773 5.79 24.38 29.69
CA SER B 773 5.63 23.29 30.65
C SER B 773 4.88 22.10 30.08
N ASP B 774 4.32 22.22 28.88
CA ASP B 774 3.42 21.19 28.35
C ASP B 774 4.15 20.20 27.44
N VAL B 775 4.99 20.70 26.52
CA VAL B 775 5.64 19.82 25.56
C VAL B 775 6.89 19.20 26.17
N SER B 776 7.64 19.97 26.94
CA SER B 776 8.87 19.49 27.56
C SER B 776 8.53 18.56 28.72
N ALA B 777 8.59 17.26 28.46
CA ALA B 777 8.33 16.23 29.47
C ALA B 777 9.01 14.95 29.04
N ASP B 778 9.65 14.29 30.00
CA ASP B 778 10.39 13.05 29.79
C ASP B 778 10.09 12.07 30.91
N PRO B 779 10.37 10.76 30.70
CA PRO B 779 10.40 9.84 31.84
C PRO B 779 11.48 10.18 32.85
N ALA B 811 8.17 24.51 42.50
CA ALA B 811 8.79 24.71 43.79
C ALA B 811 9.77 25.89 43.76
N ALA B 812 11.02 25.64 44.11
CA ALA B 812 12.04 26.68 44.13
C ALA B 812 13.37 26.10 43.64
N GLY B 813 14.14 26.93 42.92
CA GLY B 813 15.37 26.49 42.33
C GLY B 813 16.53 27.41 42.71
N ILE B 814 17.74 26.98 42.30
CA ILE B 814 18.92 27.79 42.56
C ILE B 814 18.97 28.99 41.61
N ASN B 815 18.23 28.93 40.50
CA ASN B 815 18.05 30.06 39.61
C ASN B 815 16.65 30.65 39.79
N GLY B 816 16.04 30.38 40.95
CA GLY B 816 14.61 30.59 41.21
C GLY B 816 13.74 29.97 40.12
N SER B 817 14.09 28.76 39.69
CA SER B 817 13.37 28.07 38.64
C SER B 817 12.34 27.13 39.25
N ARG B 818 11.29 26.86 38.46
CA ARG B 818 10.23 25.96 38.87
C ARG B 818 10.02 24.83 37.88
N ALA B 819 11.03 24.51 37.08
CA ALA B 819 10.89 23.56 36.00
C ALA B 819 11.24 22.15 36.45
N ARG B 820 10.73 21.17 35.71
CA ARG B 820 11.05 19.77 35.95
C ARG B 820 12.37 19.43 35.26
N LEU B 821 13.27 18.78 35.99
CA LEU B 821 14.52 18.45 35.33
C LEU B 821 14.56 16.98 34.95
N PRO B 822 15.12 16.68 33.78
CA PRO B 822 15.23 15.28 33.35
C PRO B 822 16.46 14.61 33.93
N TYR B 823 16.54 13.29 33.77
CA TYR B 823 17.71 12.46 34.05
C TYR B 823 18.16 12.52 35.50
N GLY B 824 17.29 12.93 36.42
CA GLY B 824 17.64 12.99 37.81
C GLY B 824 18.57 14.13 38.19
N LEU B 825 18.41 15.28 37.55
CA LEU B 825 19.22 16.44 37.85
C LEU B 825 18.64 17.16 39.07
N ASN B 826 19.50 17.52 40.01
CA ASN B 826 19.08 18.15 41.25
C ASN B 826 18.68 19.60 40.97
N PRO B 827 17.43 20.00 41.27
CA PRO B 827 17.03 21.40 41.02
C PRO B 827 17.69 22.40 41.95
N ALA B 828 18.19 21.95 43.10
CA ALA B 828 18.84 22.85 44.05
C ALA B 828 20.29 23.15 43.69
N THR B 829 20.83 22.55 42.62
CA THR B 829 22.23 22.77 42.28
C THR B 829 22.38 23.10 40.79
N THR B 830 21.36 22.82 39.98
CA THR B 830 21.44 23.01 38.53
C THR B 830 20.61 24.22 38.12
N PRO B 831 21.24 25.30 37.67
CA PRO B 831 20.48 26.43 37.14
C PRO B 831 19.95 26.14 35.74
N VAL B 832 18.84 26.77 35.42
CA VAL B 832 18.19 26.60 34.12
C VAL B 832 17.94 27.99 33.54
N LEU B 833 18.27 28.18 32.27
CA LEU B 833 17.87 29.34 31.51
C LEU B 833 16.98 28.90 30.37
N GLY B 834 16.63 29.83 29.49
CA GLY B 834 15.67 29.52 28.46
C GLY B 834 15.58 30.64 27.44
N SER B 835 14.80 30.37 26.39
CA SER B 835 14.60 31.36 25.34
C SER B 835 13.17 31.37 24.82
N TRP B 836 12.20 31.10 25.68
CA TRP B 836 10.80 31.04 25.30
C TRP B 836 10.01 32.11 26.05
N ARG B 837 9.01 32.69 25.38
CA ARG B 837 8.10 33.66 25.97
C ARG B 837 6.79 33.66 25.21
N SER B 838 5.73 34.13 25.86
CA SER B 838 4.39 34.06 25.31
C SER B 838 3.92 35.36 24.68
N GLY B 839 4.81 36.31 24.42
CA GLY B 839 4.42 37.55 23.78
C GLY B 839 5.09 37.76 22.45
N THR B 840 5.62 38.95 22.22
CA THR B 840 6.42 39.22 21.03
C THR B 840 7.88 38.85 21.29
N GLN B 841 8.54 38.36 20.25
CA GLN B 841 9.85 37.74 20.41
C GLN B 841 10.97 38.69 19.99
N GLN B 842 11.90 38.90 20.91
CA GLN B 842 13.14 39.62 20.66
C GLN B 842 14.30 38.63 20.56
N PRO B 843 15.35 38.93 19.79
CA PRO B 843 16.46 37.99 19.68
C PRO B 843 17.26 37.88 20.97
N ALA B 844 17.79 36.68 21.20
CA ALA B 844 18.44 36.33 22.45
C ALA B 844 19.87 35.88 22.20
N VAL B 845 20.79 36.35 23.04
CA VAL B 845 22.20 35.97 22.98
C VAL B 845 22.66 35.63 24.38
N LEU B 846 23.16 34.42 24.57
CA LEU B 846 23.64 33.94 25.85
C LEU B 846 25.14 33.67 25.78
N ARG B 847 25.84 34.07 26.83
CA ARG B 847 27.29 33.91 26.89
C ARG B 847 27.66 33.62 28.35
N SER B 848 28.29 32.47 28.58
CA SER B 848 28.42 31.95 29.93
C SER B 848 29.65 32.51 30.64
N ALA B 849 29.98 31.90 31.77
CA ALA B 849 31.21 32.20 32.49
C ALA B 849 32.31 31.26 32.01
N TRP B 850 33.50 31.39 32.57
CA TRP B 850 34.61 30.50 32.23
C TRP B 850 34.59 29.31 33.19
N TYR B 851 34.60 28.10 32.64
CA TYR B 851 34.58 26.87 33.43
C TYR B 851 35.94 26.20 33.36
N ARG B 852 36.46 25.81 34.52
CA ARG B 852 37.74 25.13 34.60
C ARG B 852 37.64 23.71 34.03
N LEU B 853 38.65 23.33 33.22
CA LEU B 853 38.73 21.98 32.68
C LEU B 853 39.65 21.11 33.54
N PRO B 854 39.36 19.81 33.65
CA PRO B 854 40.14 18.94 34.54
C PRO B 854 41.44 18.50 33.88
N ASP B 855 42.15 17.60 34.57
CA ASP B 855 43.32 16.95 34.01
C ASP B 855 42.88 15.97 32.92
N ARG B 856 43.79 15.64 32.02
CA ARG B 856 43.46 14.85 30.84
C ARG B 856 43.56 13.35 31.06
N ASP B 857 43.73 12.91 32.30
CA ASP B 857 43.63 11.50 32.66
C ASP B 857 42.39 11.19 33.49
N GLN B 858 42.01 12.08 34.40
CA GLN B 858 40.76 11.97 35.13
C GLN B 858 39.64 12.77 34.45
N ALA B 859 39.51 12.56 33.14
CA ALA B 859 38.47 13.18 32.35
C ALA B 859 37.79 12.11 31.51
N GLY B 860 36.50 12.28 31.29
CA GLY B 860 35.75 11.33 30.53
C GLY B 860 36.01 11.47 29.05
N PRO B 861 35.39 10.57 28.27
CA PRO B 861 35.57 10.62 26.82
C PRO B 861 34.95 11.84 26.16
N LEU B 862 33.79 12.29 26.65
CA LEU B 862 33.04 13.41 26.04
C LEU B 862 32.55 14.41 27.09
N LEU B 863 32.06 15.59 26.62
CA LEU B 863 31.53 16.73 27.36
C LEU B 863 30.07 16.93 26.97
N VAL B 864 29.20 17.06 27.97
CA VAL B 864 27.76 17.04 27.75
C VAL B 864 27.11 18.28 28.35
N VAL B 865 26.26 18.96 27.57
CA VAL B 865 25.26 19.87 28.10
C VAL B 865 23.90 19.28 27.76
N SER B 866 22.90 19.62 28.56
CA SER B 866 21.52 19.19 28.32
C SER B 866 20.72 20.35 27.75
N ALA B 867 19.83 20.07 26.82
CA ALA B 867 19.13 21.14 26.14
C ALA B 867 17.76 20.68 25.70
N ALA B 868 16.81 21.63 25.70
CA ALA B 868 15.46 21.40 25.22
C ALA B 868 15.16 22.37 24.08
N GLY B 869 14.00 22.17 23.45
CA GLY B 869 13.55 23.10 22.44
C GLY B 869 14.05 22.79 21.05
N ARG B 870 13.36 23.31 20.04
CA ARG B 870 13.72 23.08 18.65
C ARG B 870 14.69 24.15 18.19
N PHE B 871 15.85 23.74 17.68
CA PHE B 871 16.85 24.67 17.19
C PHE B 871 17.74 23.97 16.15
N ASP B 872 18.63 24.75 15.56
CA ASP B 872 19.40 24.32 14.39
C ASP B 872 20.74 23.74 14.85
N GLN B 873 21.63 23.45 13.90
CA GLN B 873 22.85 22.71 14.21
C GLN B 873 23.88 23.58 14.94
N GLY B 874 24.24 24.71 14.35
CA GLY B 874 25.30 25.54 14.90
C GLY B 874 24.84 26.65 15.81
N GLU B 875 23.74 26.42 16.53
CA GLU B 875 23.22 27.44 17.43
C GLU B 875 24.02 27.52 18.73
N VAL B 876 24.30 26.37 19.34
CA VAL B 876 25.01 26.29 20.60
C VAL B 876 26.45 25.87 20.31
N GLU B 877 27.41 26.61 20.87
CA GLU B 877 28.82 26.33 20.61
C GLU B 877 29.60 26.38 21.92
N VAL B 878 30.84 25.91 21.87
CA VAL B 878 31.77 25.97 22.98
C VAL B 878 32.88 26.93 22.59
N GLN B 879 33.39 27.70 23.53
CA GLN B 879 34.44 28.67 23.25
C GLN B 879 35.57 28.43 24.23
N TRP B 880 36.59 27.68 23.80
CA TRP B 880 37.67 27.35 24.73
C TRP B 880 38.79 28.37 24.65
N ALA B 881 39.58 28.43 25.72
CA ALA B 881 40.72 29.34 25.77
C ALA B 881 41.73 28.80 26.77
N THR B 882 42.91 29.42 26.77
CA THR B 882 43.92 29.15 27.78
C THR B 882 43.73 30.12 28.94
N ASP B 883 44.74 30.22 29.81
CA ASP B 883 44.68 31.19 30.91
C ASP B 883 44.75 32.61 30.40
N GLU B 884 45.77 32.91 29.58
CA GLU B 884 45.97 34.27 29.11
C GLU B 884 45.01 34.64 28.00
N GLN B 885 44.49 33.66 27.25
CA GLN B 885 43.53 33.97 26.20
C GLN B 885 42.17 34.34 26.78
N ALA B 886 41.85 33.83 27.97
CA ALA B 886 40.66 34.25 28.68
C ALA B 886 40.92 35.46 29.57
N ALA B 887 42.18 35.71 29.93
CA ALA B 887 42.52 36.98 30.56
C ALA B 887 42.46 38.12 29.55
N ALA B 888 42.68 37.82 28.26
CA ALA B 888 42.57 38.80 27.20
C ALA B 888 41.18 38.90 26.61
N ASN B 889 40.29 37.95 26.95
CA ASN B 889 38.90 37.88 26.51
C ASN B 889 38.81 37.83 24.98
N GLU B 890 39.39 36.75 24.44
CA GLU B 890 39.41 36.50 23.01
C GLU B 890 38.84 35.12 22.79
N PRO B 891 38.32 34.81 21.56
CA PRO B 891 37.69 33.50 21.33
C PRO B 891 38.59 32.29 21.54
N GLY B 892 39.66 32.14 20.76
CA GLY B 892 40.55 31.03 20.92
C GLY B 892 40.10 29.71 20.33
N GLY B 893 38.83 29.56 19.97
CA GLY B 893 38.38 28.34 19.34
C GLY B 893 36.89 28.15 19.47
N SER B 894 36.36 27.26 18.62
CA SER B 894 34.93 27.00 18.60
C SER B 894 34.65 25.61 18.03
N ILE B 895 33.93 24.78 18.81
CA ILE B 895 33.36 23.54 18.32
C ILE B 895 31.86 23.57 18.52
N THR B 896 31.17 22.69 17.81
CA THR B 896 29.73 22.65 17.81
C THR B 896 29.25 21.30 18.35
N PHE B 897 28.21 21.33 19.18
CA PHE B 897 27.60 20.10 19.65
C PHE B 897 26.82 19.41 18.54
N GLY B 898 26.74 18.09 18.64
CA GLY B 898 25.85 17.32 17.80
C GLY B 898 24.73 16.75 18.63
N ASP B 899 23.64 16.34 17.98
CA ASP B 899 22.45 15.96 18.73
C ASP B 899 21.78 14.73 18.13
N VAL B 900 21.37 13.92 19.09
CA VAL B 900 20.59 12.66 18.97
C VAL B 900 19.41 12.97 19.88
N GLY B 901 18.20 12.85 19.37
CA GLY B 901 17.04 13.09 20.15
C GLY B 901 15.85 13.51 19.35
N ALA B 902 14.77 13.75 20.07
CA ALA B 902 13.52 14.15 19.51
C ALA B 902 13.24 15.52 20.04
N ALA B 903 12.85 16.42 19.15
CA ALA B 903 12.61 17.79 19.53
C ALA B 903 11.15 18.16 19.40
N PRO B 904 10.61 18.86 20.41
CA PRO B 904 11.50 19.41 21.43
C PRO B 904 11.31 18.73 22.77
N ALA B 905 12.38 18.17 23.31
CA ALA B 905 12.35 17.54 24.59
C ALA B 905 13.70 17.50 25.15
N TRP B 906 13.81 17.46 26.46
CA TRP B 906 15.22 17.47 26.94
C TRP B 906 16.06 16.37 26.31
N ARG B 907 17.34 16.64 26.10
CA ARG B 907 18.26 15.66 25.51
C ARG B 907 19.69 16.04 25.88
N ASN B 908 20.67 15.24 25.48
CA ASN B 908 22.05 15.61 25.85
C ASN B 908 22.77 15.92 24.56
N LEU B 909 23.38 17.08 24.49
CA LEU B 909 24.26 17.54 23.44
C LEU B 909 25.68 17.15 23.82
N ARG B 910 26.42 16.60 22.87
CA ARG B 910 27.69 15.96 23.19
C ARG B 910 28.77 16.34 22.18
N ALA B 911 30.01 16.37 22.65
CA ALA B 911 31.15 16.71 21.84
C ALA B 911 32.33 16.06 22.51
N PRO B 912 33.18 15.34 21.77
CA PRO B 912 34.34 14.70 22.40
C PRO B 912 35.38 15.71 22.83
N LEU B 913 36.19 15.32 23.82
CA LEU B 913 37.28 16.17 24.25
C LEU B 913 38.49 16.07 23.33
N SER B 914 38.47 15.15 22.36
CA SER B 914 39.50 15.15 21.33
C SER B 914 39.32 16.30 20.35
N SER B 915 38.11 16.86 20.25
CA SER B 915 37.88 18.05 19.46
C SER B 915 38.44 19.31 20.13
N ILE B 916 38.66 19.27 21.44
CA ILE B 916 39.26 20.38 22.16
C ILE B 916 40.77 20.15 22.22
N PRO B 917 41.59 21.11 21.78
CA PRO B 917 43.02 20.88 21.74
C PRO B 917 43.62 20.79 23.13
N PRO B 918 44.75 20.08 23.29
CA PRO B 918 45.24 19.77 24.63
C PRO B 918 45.89 20.93 25.39
N GLU B 919 45.84 22.14 24.86
CA GLU B 919 46.33 23.30 25.56
C GLU B 919 45.21 24.15 26.14
N ALA B 920 43.96 23.80 25.88
CA ALA B 920 42.84 24.57 26.42
C ALA B 920 42.67 24.29 27.90
N THR B 921 42.22 25.31 28.62
CA THR B 921 42.13 25.19 30.07
C THR B 921 40.74 25.59 30.55
N GLN B 922 40.12 26.54 29.86
CA GLN B 922 38.85 27.12 30.28
C GLN B 922 37.91 27.16 29.09
N ILE B 923 36.65 26.80 29.30
CA ILE B 923 35.65 26.83 28.25
C ILE B 923 34.50 27.75 28.65
N ARG B 924 33.61 28.00 27.70
CA ARG B 924 32.52 28.95 27.89
C ARG B 924 31.43 28.65 26.87
N LEU B 925 30.18 28.68 27.31
CA LEU B 925 29.07 28.39 26.41
C LEU B 925 28.66 29.64 25.63
N VAL B 926 28.07 29.40 24.45
CA VAL B 926 27.59 30.50 23.57
C VAL B 926 26.24 30.09 22.95
N ALA B 927 25.17 30.86 23.11
CA ALA B 927 23.92 30.48 22.41
C ALA B 927 23.27 31.69 21.71
N SER B 928 22.68 31.50 20.53
CA SER B 928 22.00 32.60 19.82
C SER B 928 20.57 32.23 19.42
N ASP B 929 19.55 32.95 19.88
CA ASP B 929 18.20 32.65 19.35
C ASP B 929 17.85 33.73 18.31
N ASP B 930 17.33 33.25 17.16
CA ASP B 930 16.85 34.05 16.03
C ASP B 930 15.44 33.72 15.45
N ASP B 931 14.45 34.12 16.22
CA ASP B 931 12.98 34.06 15.98
C ASP B 931 12.21 32.81 15.61
N LEU B 932 11.45 32.95 14.54
CA LEU B 932 10.64 31.90 14.00
C LEU B 932 9.59 31.45 14.99
N ALA B 933 9.01 32.43 15.67
CA ALA B 933 7.96 32.30 16.67
C ALA B 933 8.47 31.64 17.89
N PRO B 934 7.55 31.05 18.65
CA PRO B 934 7.97 30.40 19.87
C PRO B 934 8.06 28.93 19.64
N GLN B 935 7.83 28.45 18.43
CA GLN B 935 7.99 27.04 18.18
C GLN B 935 9.42 26.81 18.44
N HIS B 936 10.23 27.76 18.00
CA HIS B 936 11.69 27.61 18.15
C HIS B 936 12.15 28.34 19.42
N TRP B 937 12.70 27.60 20.38
CA TRP B 937 13.21 28.17 21.67
C TRP B 937 14.47 27.42 22.08
N ILE B 938 15.30 28.05 22.93
CA ILE B 938 16.58 27.39 23.38
C ILE B 938 16.57 27.22 24.91
N ALA B 939 16.85 26.01 25.38
CA ALA B 939 16.92 25.69 26.82
C ALA B 939 18.35 25.25 27.14
N LEU B 940 18.98 25.84 28.16
CA LEU B 940 20.39 25.49 28.48
C LEU B 940 20.53 24.96 29.91
N THR B 941 21.61 24.19 30.14
CA THR B 941 22.00 23.60 31.41
C THR B 941 23.52 23.66 31.46
N PRO B 942 24.12 23.92 32.64
CA PRO B 942 25.59 24.07 32.73
C PRO B 942 26.33 22.80 32.34
N PRO B 943 27.58 22.92 31.86
CA PRO B 943 28.27 21.79 31.26
C PRO B 943 28.72 20.76 32.29
N ARG B 944 29.15 19.62 31.75
CA ARG B 944 29.29 18.41 32.53
C ARG B 944 30.22 17.46 31.80
N ILE B 945 31.17 16.89 32.53
CA ILE B 945 31.94 15.75 32.01
C ILE B 945 31.47 14.51 32.74
N PRO B 946 30.70 13.64 32.08
CA PRO B 946 30.11 12.50 32.77
C PRO B 946 31.12 11.42 33.10
N GLU B 947 30.86 10.70 34.19
CA GLU B 947 31.66 9.57 34.63
C GLU B 947 30.91 8.30 34.25
N LEU B 948 31.43 7.57 33.28
CA LEU B 948 30.68 6.54 32.58
C LEU B 948 31.14 5.13 32.98
N ARG B 949 30.19 4.22 33.07
CA ARG B 949 30.43 2.80 33.25
C ARG B 949 29.68 2.05 32.17
N THR B 950 30.02 0.78 31.96
CA THR B 950 29.34 0.04 30.92
C THR B 950 28.01 -0.47 31.40
N LEU B 951 27.15 -0.86 30.45
CA LEU B 951 25.83 -1.35 30.79
C LEU B 951 25.87 -2.76 31.39
N GLN B 952 26.96 -3.49 31.21
CA GLN B 952 27.09 -4.79 31.83
C GLN B 952 27.44 -4.67 33.31
N GLU B 953 28.08 -3.58 33.71
CA GLU B 953 28.41 -3.37 35.11
C GLU B 953 27.29 -2.68 35.89
N VAL B 954 26.44 -1.92 35.21
CA VAL B 954 25.32 -1.25 35.85
C VAL B 954 24.14 -2.21 35.90
N VAL B 955 23.68 -2.66 34.74
CA VAL B 955 22.64 -3.67 34.61
C VAL B 955 23.36 -5.01 34.58
N GLY B 956 23.38 -5.73 35.69
CA GLY B 956 24.15 -6.96 35.71
C GLY B 956 23.55 -8.13 34.98
N SER B 957 23.97 -9.35 35.33
CA SER B 957 23.38 -10.56 34.77
C SER B 957 22.45 -11.25 35.75
N SER B 958 21.99 -10.54 36.76
CA SER B 958 21.12 -11.12 37.78
C SER B 958 19.79 -10.40 37.93
N ASP B 959 19.72 -9.11 37.64
CA ASP B 959 18.47 -8.38 37.79
C ASP B 959 17.51 -8.74 36.68
N PRO B 960 16.20 -8.78 36.94
CA PRO B 960 15.24 -9.00 35.86
C PRO B 960 15.10 -7.76 35.00
N VAL B 961 15.22 -7.94 33.69
CA VAL B 961 15.20 -6.88 32.71
C VAL B 961 14.00 -7.10 31.80
N MET B 962 13.30 -6.03 31.46
CA MET B 962 12.27 -6.09 30.44
C MET B 962 12.91 -5.78 29.09
N LEU B 963 13.22 -6.81 28.33
CA LEU B 963 13.72 -6.65 26.99
C LEU B 963 12.57 -6.52 26.01
N ASP B 964 12.77 -5.75 24.96
CA ASP B 964 11.79 -5.72 23.89
C ASP B 964 12.05 -6.88 22.93
N TRP B 965 11.16 -7.06 21.98
CA TRP B 965 11.26 -8.24 21.14
C TRP B 965 12.26 -8.09 20.00
N LEU B 966 12.87 -6.92 19.85
CA LEU B 966 14.01 -6.72 18.97
C LEU B 966 15.33 -6.84 19.71
N VAL B 967 15.43 -6.29 20.91
CA VAL B 967 16.72 -6.22 21.61
C VAL B 967 16.84 -7.51 22.41
N GLY B 968 17.12 -8.59 21.71
CA GLY B 968 17.27 -9.84 22.43
C GLY B 968 18.52 -10.60 22.09
N LEU B 969 19.01 -10.41 20.88
CA LEU B 969 20.18 -11.11 20.40
C LEU B 969 21.43 -10.22 20.47
N ALA B 970 21.25 -8.92 20.65
CA ALA B 970 22.35 -8.01 20.93
C ALA B 970 22.64 -7.90 22.41
N PHE B 971 21.68 -8.25 23.26
CA PHE B 971 21.84 -8.24 24.72
C PHE B 971 21.61 -9.64 25.26
N PRO B 972 22.56 -10.56 25.10
CA PRO B 972 22.31 -11.96 25.49
C PRO B 972 22.71 -12.32 26.91
N CYS B 973 23.47 -11.48 27.60
CA CYS B 973 23.85 -11.81 28.97
C CYS B 973 22.83 -11.30 29.99
N GLN B 974 21.96 -10.37 29.61
CA GLN B 974 20.91 -9.87 30.49
C GLN B 974 19.69 -10.78 30.45
N ARG B 975 19.11 -11.04 31.63
CA ARG B 975 18.08 -12.07 31.62
C ARG B 975 16.69 -11.45 31.71
N PRO B 976 15.71 -12.01 31.02
CA PRO B 976 14.35 -11.49 31.10
C PRO B 976 13.66 -11.95 32.38
N PHE B 977 12.51 -11.35 32.64
CA PHE B 977 11.79 -11.68 33.87
C PHE B 977 10.94 -12.94 33.66
N ASP B 978 10.71 -13.65 34.76
CA ASP B 978 10.05 -14.93 34.76
C ASP B 978 8.55 -14.79 35.01
N HIS B 979 7.85 -15.92 34.94
CA HIS B 979 6.47 -16.07 35.39
C HIS B 979 6.28 -17.55 35.66
N ARG B 980 5.58 -17.89 36.74
CA ARG B 980 5.44 -19.32 37.02
C ARG B 980 4.00 -19.80 37.08
N TYR B 981 3.17 -19.21 37.94
CA TYR B 981 1.80 -19.68 38.09
C TYR B 981 0.80 -18.60 37.73
N GLY B 982 1.02 -17.92 36.62
CA GLY B 982 0.20 -16.80 36.27
C GLY B 982 0.67 -15.48 36.80
N VAL B 983 1.58 -15.48 37.77
CA VAL B 983 2.11 -14.28 38.38
C VAL B 983 3.51 -14.03 37.81
N VAL B 984 3.78 -12.79 37.41
CA VAL B 984 5.06 -12.47 36.78
C VAL B 984 6.00 -11.87 37.81
N GLU B 985 7.28 -11.77 37.44
CA GLU B 985 8.32 -11.18 38.27
C GLU B 985 8.49 -9.73 37.84
N VAL B 986 8.60 -8.83 38.81
CA VAL B 986 8.61 -7.40 38.55
C VAL B 986 10.00 -6.99 38.05
N PRO B 987 10.11 -6.44 36.85
CA PRO B 987 11.42 -6.07 36.31
C PRO B 987 11.96 -4.80 36.97
N LYS B 988 13.25 -4.55 36.74
CA LYS B 988 13.91 -3.38 37.27
C LYS B 988 14.44 -2.44 36.21
N TRP B 989 14.57 -2.88 34.96
CA TRP B 989 15.16 -2.10 33.88
C TRP B 989 14.31 -2.31 32.64
N ARG B 990 14.57 -1.54 31.60
CA ARG B 990 13.93 -1.74 30.31
C ARG B 990 14.88 -1.27 29.22
N ILE B 991 15.02 -2.05 28.16
CA ILE B 991 15.87 -1.71 27.03
C ILE B 991 15.00 -1.58 25.80
N LEU B 992 15.13 -0.47 25.09
CA LEU B 992 14.30 -0.13 23.94
C LEU B 992 15.15 -0.09 22.68
N PRO B 993 14.53 -0.16 21.50
CA PRO B 993 15.24 0.18 20.27
C PRO B 993 15.36 1.68 20.07
N ASP B 994 15.81 2.11 18.90
CA ASP B 994 15.83 3.53 18.57
C ASP B 994 14.40 4.06 18.41
N ARG B 995 14.28 5.37 18.18
CA ARG B 995 12.99 6.04 18.31
C ARG B 995 12.01 5.62 17.22
N PHE B 996 12.49 5.46 15.98
CA PHE B 996 11.63 5.00 14.90
C PHE B 996 11.18 3.57 15.12
N GLY B 997 12.12 2.69 15.50
CA GLY B 997 11.78 1.30 15.73
C GLY B 997 10.89 1.11 16.94
N ALA B 998 11.09 1.92 17.98
CA ALA B 998 10.23 1.85 19.15
C ALA B 998 8.81 2.30 18.82
N GLU B 999 8.67 3.43 18.13
CA GLU B 999 7.33 3.91 17.83
C GLU B 999 6.63 3.09 16.76
N ALA B 1000 7.38 2.30 15.98
CA ALA B 1000 6.74 1.42 15.02
C ALA B 1000 6.46 0.01 15.56
N ASN B 1001 7.17 -0.42 16.60
CA ASN B 1001 7.09 -1.82 17.03
C ASN B 1001 6.57 -2.02 18.44
N SER B 1002 6.46 -0.98 19.25
CA SER B 1002 5.82 -1.09 20.55
C SER B 1002 4.33 -1.50 20.60
N PRO B 1003 3.49 -1.28 19.58
CA PRO B 1003 2.12 -1.85 19.65
C PRO B 1003 2.01 -3.38 19.60
N VAL B 1004 3.10 -4.13 19.53
CA VAL B 1004 3.01 -5.58 19.71
C VAL B 1004 2.74 -5.91 21.17
N MET B 1005 3.34 -5.15 22.08
CA MET B 1005 3.34 -5.48 23.50
C MET B 1005 2.34 -4.67 24.31
N ASP B 1006 1.45 -3.92 23.67
CA ASP B 1006 0.61 -2.98 24.41
C ASP B 1006 -0.56 -3.69 25.07
N TYR B 1007 -1.46 -2.89 25.64
CA TYR B 1007 -2.61 -3.41 26.38
C TYR B 1007 -3.63 -4.10 25.49
N LEU B 1008 -3.81 -3.66 24.25
CA LEU B 1008 -4.86 -4.17 23.41
C LEU B 1008 -4.58 -5.53 22.81
N GLY B 1009 -3.46 -6.16 23.13
CA GLY B 1009 -3.16 -7.44 22.55
C GLY B 1009 -2.62 -8.45 23.53
N GLY B 1010 -2.46 -8.06 24.79
CA GLY B 1010 -1.80 -8.93 25.74
C GLY B 1010 -0.67 -8.15 26.35
N GLY B 1011 0.55 -8.67 26.29
CA GLY B 1011 1.71 -7.84 26.44
C GLY B 1011 2.08 -7.48 27.85
N PRO B 1012 3.38 -7.44 28.13
CA PRO B 1012 3.84 -7.01 29.45
C PRO B 1012 3.89 -5.49 29.62
N LEU B 1013 3.60 -4.72 28.59
CA LEU B 1013 3.43 -3.28 28.73
C LEU B 1013 2.01 -2.89 29.13
N GLY B 1014 1.18 -3.84 29.49
CA GLY B 1014 -0.12 -3.54 30.05
C GLY B 1014 -0.10 -3.78 31.53
N ILE B 1015 0.98 -4.37 32.01
CA ILE B 1015 1.19 -4.63 33.43
C ILE B 1015 2.12 -3.60 34.06
N THR B 1016 3.23 -3.31 33.39
CA THR B 1016 4.17 -2.31 33.88
C THR B 1016 3.67 -0.89 33.66
N GLU B 1017 2.64 -0.71 32.85
CA GLU B 1017 2.01 0.59 32.68
C GLU B 1017 1.26 1.01 33.94
N LEU B 1018 0.80 0.06 34.73
CA LEU B 1018 0.05 0.32 35.94
C LEU B 1018 0.86 0.15 37.22
N LEU B 1019 1.87 -0.69 37.20
CA LEU B 1019 2.56 -1.05 38.42
C LEU B 1019 3.80 -0.21 38.68
N LEU B 1020 4.47 0.23 37.62
CA LEU B 1020 5.79 0.84 37.70
C LEU B 1020 5.78 2.18 36.98
N ARG B 1021 6.68 3.07 37.40
CA ARG B 1021 6.90 4.33 36.70
C ARG B 1021 8.29 4.35 36.07
N PRO B 1022 8.45 4.86 34.86
CA PRO B 1022 9.75 4.82 34.19
C PRO B 1022 10.59 6.06 34.47
N SER B 1023 11.87 5.96 34.12
CA SER B 1023 12.85 7.02 34.31
C SER B 1023 14.04 6.81 33.39
N SER B 1024 14.34 7.77 32.51
CA SER B 1024 15.41 7.62 31.54
C SER B 1024 16.78 7.75 32.19
N VAL B 1025 17.75 7.05 31.59
CA VAL B 1025 19.15 7.06 32.01
C VAL B 1025 19.97 7.52 30.81
N PRO B 1026 20.92 8.45 30.98
CA PRO B 1026 21.75 8.91 29.85
C PRO B 1026 22.77 7.85 29.45
N THR B 1027 22.66 7.36 28.21
CA THR B 1027 23.47 6.26 27.70
C THR B 1027 24.15 6.69 26.40
N TYR B 1028 25.39 6.26 26.13
CA TYR B 1028 26.08 6.67 24.88
C TYR B 1028 26.82 5.51 24.21
N LEU B 1029 26.72 5.33 22.89
CA LEU B 1029 27.48 4.28 22.16
C LEU B 1029 28.97 4.53 22.41
N LYS B 1030 29.77 3.48 22.65
CA LYS B 1030 31.15 3.73 23.03
C LYS B 1030 32.07 4.40 22.04
N ASP B 1031 31.93 4.36 20.73
CA ASP B 1031 32.93 5.14 19.95
C ASP B 1031 32.32 5.81 18.76
N ASP B 1032 31.03 5.66 18.62
CA ASP B 1032 30.24 6.19 17.51
C ASP B 1032 29.20 7.00 18.23
N TRP B 1033 29.65 8.08 18.81
CA TRP B 1033 28.93 8.89 19.79
C TRP B 1033 27.63 9.52 19.31
N TYR B 1034 27.52 9.80 18.01
CA TYR B 1034 26.35 10.46 17.46
C TYR B 1034 25.36 9.49 16.85
N ARG B 1035 25.27 8.27 17.35
CA ARG B 1035 24.35 7.27 16.83
C ARG B 1035 23.29 6.93 17.88
N ASP B 1036 22.05 6.77 17.42
CA ASP B 1036 20.92 6.37 18.25
C ASP B 1036 20.86 4.85 18.26
N TRP B 1037 21.44 4.24 19.29
CA TRP B 1037 21.39 2.78 19.41
C TRP B 1037 20.09 2.28 20.02
N GLY B 1038 19.43 3.11 20.81
CA GLY B 1038 18.31 2.73 21.62
C GLY B 1038 18.30 3.57 22.88
N SER B 1039 17.68 3.04 23.94
CA SER B 1039 17.63 3.75 25.21
C SER B 1039 17.42 2.78 26.36
N LEU B 1040 17.71 3.24 27.57
CA LEU B 1040 17.60 2.47 28.79
C LEU B 1040 16.73 3.24 29.79
N GLN B 1041 15.96 2.50 30.59
CA GLN B 1041 15.09 3.10 31.60
C GLN B 1041 15.22 2.37 32.92
N ARG B 1042 14.96 3.09 34.01
CA ARG B 1042 14.75 2.51 35.33
C ARG B 1042 13.27 2.34 35.53
N LEU B 1043 12.87 1.28 36.21
CA LEU B 1043 11.48 1.06 36.55
C LEU B 1043 11.33 1.08 38.07
N THR B 1044 10.55 2.03 38.57
CA THR B 1044 10.41 2.27 40.00
C THR B 1044 8.97 1.99 40.42
N PRO B 1045 8.75 1.26 41.51
CA PRO B 1045 7.38 1.01 41.94
C PRO B 1045 6.74 2.25 42.53
N TRP B 1046 5.41 2.32 42.42
CA TRP B 1046 4.69 3.39 43.10
C TRP B 1046 4.67 3.18 44.61
N TYR B 1047 4.44 1.95 45.05
CA TYR B 1047 4.51 1.64 46.48
C TYR B 1047 5.78 0.84 46.74
N PRO B 1048 6.81 1.45 47.34
CA PRO B 1048 8.07 0.71 47.55
C PRO B 1048 8.00 -0.33 48.65
N ASP B 1049 7.03 -0.25 49.56
CA ASP B 1049 6.87 -1.19 50.67
C ASP B 1049 5.97 -2.37 50.32
N ALA B 1050 5.87 -2.73 49.06
CA ALA B 1050 4.99 -3.81 48.61
C ALA B 1050 5.85 -5.04 48.36
N GLN B 1051 5.78 -6.01 49.27
CA GLN B 1051 6.49 -7.26 49.13
C GLN B 1051 5.82 -8.11 48.05
N PRO B 1052 6.50 -9.14 47.54
CA PRO B 1052 5.79 -10.12 46.71
C PRO B 1052 4.83 -10.95 47.53
N ALA B 1053 3.85 -11.52 46.84
CA ALA B 1053 2.83 -12.31 47.50
C ALA B 1053 3.28 -13.76 47.60
N ARG B 1054 2.58 -14.56 48.39
CA ARG B 1054 2.81 -16.00 48.43
C ARG B 1054 1.48 -16.66 48.10
N LEU B 1055 1.54 -17.77 47.37
CA LEU B 1055 0.33 -18.38 46.86
C LEU B 1055 0.06 -19.71 47.52
N ASP B 1056 -1.21 -19.98 47.78
CA ASP B 1056 -1.65 -21.25 48.36
C ASP B 1056 -1.86 -22.27 47.24
N LEU B 1057 -0.95 -23.23 47.14
CA LEU B 1057 -0.93 -24.18 46.03
C LEU B 1057 -1.72 -25.44 46.36
N GLY B 1058 -2.23 -26.07 45.30
CA GLY B 1058 -2.96 -27.32 45.43
C GLY B 1058 -2.75 -28.22 44.22
N THR B 1059 -3.52 -29.30 44.12
CA THR B 1059 -3.41 -30.20 42.98
C THR B 1059 -4.80 -30.74 42.66
N ALA B 1060 -5.19 -30.63 41.39
CA ALA B 1060 -6.50 -31.10 40.94
C ALA B 1060 -6.35 -31.88 39.65
N THR B 1061 -7.09 -32.98 39.54
CA THR B 1061 -7.11 -33.80 38.34
C THR B 1061 -8.25 -33.33 37.43
N ARG B 1062 -7.89 -32.93 36.22
CA ARG B 1062 -8.81 -32.36 35.26
C ARG B 1062 -8.97 -33.30 34.08
N SER B 1063 -9.95 -33.04 33.24
CA SER B 1063 -10.20 -33.87 32.08
C SER B 1063 -9.66 -33.18 30.83
N GLY B 1064 -9.94 -33.75 29.68
CA GLY B 1064 -9.40 -33.24 28.44
C GLY B 1064 -10.26 -32.24 27.71
N TRP B 1065 -11.46 -31.95 28.22
CA TRP B 1065 -12.33 -30.93 27.64
C TRP B 1065 -12.70 -29.88 28.68
N TRP B 1066 -12.02 -29.84 29.81
CA TRP B 1066 -12.35 -28.93 30.89
C TRP B 1066 -11.90 -27.52 30.56
N SER B 1067 -12.66 -26.53 31.03
CA SER B 1067 -12.34 -25.11 30.87
C SER B 1067 -12.97 -24.32 32.01
N PRO B 1068 -12.20 -23.53 32.75
CA PRO B 1068 -12.74 -22.88 33.95
C PRO B 1068 -13.63 -21.66 33.72
N ALA B 1069 -13.27 -20.84 32.74
CA ALA B 1069 -13.86 -19.51 32.58
C ALA B 1069 -13.53 -19.03 31.18
N PRO B 1070 -14.31 -18.11 30.63
CA PRO B 1070 -13.97 -17.57 29.30
C PRO B 1070 -12.71 -16.72 29.35
N LEU B 1071 -12.12 -16.54 28.18
CA LEU B 1071 -10.95 -15.70 28.03
C LEU B 1071 -11.40 -14.30 27.68
N ARG B 1072 -11.11 -13.34 28.57
CA ARG B 1072 -11.55 -11.96 28.39
C ARG B 1072 -10.61 -11.25 27.43
N LEU B 1073 -11.14 -10.72 26.35
CA LEU B 1073 -10.36 -9.96 25.39
C LEU B 1073 -10.58 -8.47 25.63
N SER B 1074 -9.50 -7.72 25.74
CA SER B 1074 -9.60 -6.28 25.93
C SER B 1074 -9.95 -5.63 24.60
N HIS B 1075 -11.09 -4.94 24.57
CA HIS B 1075 -11.57 -4.36 23.32
C HIS B 1075 -11.92 -2.89 23.51
N ALA C 3 3.40 -29.78 -61.16
CA ALA C 3 2.94 -30.23 -62.46
C ALA C 3 1.76 -31.19 -62.33
N THR C 4 1.75 -31.94 -61.22
CA THR C 4 0.65 -32.84 -60.93
C THR C 4 -0.44 -32.08 -60.18
N GLN C 5 -1.71 -32.41 -60.49
CA GLN C 5 -2.82 -31.83 -59.76
C GLN C 5 -2.80 -32.22 -58.29
N GLU C 6 -2.41 -33.47 -58.00
CA GLU C 6 -2.48 -33.93 -56.62
C GLU C 6 -1.26 -33.54 -55.80
N GLU C 7 -0.37 -32.68 -56.31
CA GLU C 7 0.62 -32.03 -55.47
C GLU C 7 0.41 -30.53 -55.37
N ILE C 8 -0.35 -29.92 -56.29
CA ILE C 8 -0.70 -28.51 -56.12
C ILE C 8 -1.90 -28.36 -55.20
N ILE C 9 -2.75 -29.39 -55.10
CA ILE C 9 -3.83 -29.36 -54.11
C ILE C 9 -3.26 -29.40 -52.70
N ALA C 10 -2.15 -30.13 -52.51
CA ALA C 10 -1.54 -30.23 -51.19
C ALA C 10 -0.87 -28.92 -50.76
N GLY C 11 -0.57 -28.03 -51.70
CA GLY C 11 -0.01 -26.73 -51.36
C GLY C 11 -1.08 -25.67 -51.22
N LEU C 12 -2.11 -25.77 -52.06
CA LEU C 12 -3.21 -24.81 -51.99
C LEU C 12 -4.04 -25.03 -50.72
N ALA C 13 -4.12 -26.28 -50.24
CA ALA C 13 -4.78 -26.52 -48.98
C ALA C 13 -3.96 -25.97 -47.80
N GLU C 14 -2.63 -25.96 -47.93
CA GLU C 14 -1.79 -25.35 -46.92
C GLU C 14 -1.95 -23.84 -46.88
N ILE C 15 -2.06 -23.21 -48.06
CA ILE C 15 -2.27 -21.76 -48.12
C ILE C 15 -3.64 -21.38 -47.55
N ILE C 16 -4.67 -22.15 -47.88
CA ILE C 16 -6.02 -21.89 -47.36
C ILE C 16 -6.07 -22.12 -45.86
N GLU C 17 -5.36 -23.13 -45.36
CA GLU C 17 -5.30 -23.39 -43.92
C GLU C 17 -4.59 -22.26 -43.19
N GLU C 18 -3.51 -21.73 -43.76
CA GLU C 18 -2.78 -20.65 -43.12
C GLU C 18 -3.59 -19.35 -43.10
N VAL C 19 -4.20 -19.00 -44.24
CA VAL C 19 -4.91 -17.72 -44.34
C VAL C 19 -6.21 -17.76 -43.54
N THR C 20 -7.04 -18.79 -43.75
CA THR C 20 -8.35 -18.81 -43.14
C THR C 20 -8.41 -19.66 -41.88
N GLY C 21 -8.08 -20.94 -41.98
CA GLY C 21 -8.13 -21.79 -40.82
C GLY C 21 -8.88 -23.10 -41.01
N ILE C 22 -9.27 -23.40 -42.25
CA ILE C 22 -9.88 -24.68 -42.53
C ILE C 22 -8.80 -25.76 -42.49
N GLU C 23 -9.10 -26.88 -41.83
CA GLU C 23 -8.21 -28.03 -41.84
C GLU C 23 -8.08 -28.59 -43.26
N PRO C 24 -6.91 -29.13 -43.62
CA PRO C 24 -6.68 -29.51 -45.02
C PRO C 24 -7.39 -30.78 -45.46
N SER C 25 -8.12 -31.45 -44.56
CA SER C 25 -8.92 -32.60 -44.94
C SER C 25 -10.28 -32.22 -45.52
N GLU C 26 -10.60 -30.93 -45.56
CA GLU C 26 -11.87 -30.45 -46.10
C GLU C 26 -11.76 -29.93 -47.52
N VAL C 27 -10.55 -29.66 -48.01
CA VAL C 27 -10.36 -29.11 -49.35
C VAL C 27 -10.33 -30.26 -50.35
N THR C 28 -11.43 -30.43 -51.07
CA THR C 28 -11.64 -31.40 -52.12
C THR C 28 -12.02 -30.66 -53.40
N PRO C 29 -11.59 -31.14 -54.58
CA PRO C 29 -11.76 -30.33 -55.82
C PRO C 29 -13.19 -30.19 -56.33
N GLU C 30 -14.16 -30.79 -55.64
CA GLU C 30 -15.57 -30.63 -55.98
C GLU C 30 -16.27 -29.60 -55.09
N LYS C 31 -15.52 -28.90 -54.24
CA LYS C 31 -16.07 -28.04 -53.22
C LYS C 31 -15.88 -26.58 -53.60
N SER C 32 -16.90 -25.78 -53.38
CA SER C 32 -16.90 -24.37 -53.79
C SER C 32 -16.33 -23.48 -52.69
N PHE C 33 -16.03 -22.24 -53.08
CA PHE C 33 -15.40 -21.30 -52.16
C PHE C 33 -16.41 -20.61 -51.25
N VAL C 34 -17.34 -19.86 -51.81
CA VAL C 34 -18.22 -19.01 -51.04
C VAL C 34 -19.51 -19.73 -50.66
N ASP C 35 -19.54 -21.05 -50.85
CA ASP C 35 -20.74 -21.84 -50.62
C ASP C 35 -20.56 -22.84 -49.48
N ASP C 36 -19.51 -23.66 -49.53
CA ASP C 36 -19.24 -24.64 -48.50
C ASP C 36 -18.09 -24.24 -47.60
N LEU C 37 -16.98 -23.77 -48.19
CA LEU C 37 -15.88 -23.27 -47.38
C LEU C 37 -16.21 -21.93 -46.72
N ASP C 38 -17.06 -21.12 -47.37
CA ASP C 38 -17.57 -19.84 -46.87
C ASP C 38 -16.41 -18.87 -46.59
N ILE C 39 -15.70 -18.52 -47.65
CA ILE C 39 -14.52 -17.67 -47.58
C ILE C 39 -14.86 -16.30 -48.12
N ASP C 40 -14.60 -15.26 -47.33
CA ASP C 40 -14.94 -13.89 -47.69
C ASP C 40 -13.90 -13.33 -48.66
N SER C 41 -14.10 -12.09 -49.12
CA SER C 41 -13.35 -11.57 -50.24
C SER C 41 -11.96 -11.07 -49.84
N LEU C 42 -11.80 -10.62 -48.60
CA LEU C 42 -10.49 -10.21 -48.13
C LEU C 42 -9.55 -11.41 -48.05
N SER C 43 -10.08 -12.56 -47.65
CA SER C 43 -9.30 -13.78 -47.69
C SER C 43 -9.08 -14.27 -49.12
N MET C 44 -9.97 -13.95 -50.06
CA MET C 44 -9.71 -14.25 -51.46
C MET C 44 -8.50 -13.50 -51.98
N VAL C 45 -8.43 -12.20 -51.66
CA VAL C 45 -7.29 -11.39 -52.08
C VAL C 45 -6.01 -11.86 -51.38
N GLU C 46 -6.14 -12.30 -50.12
CA GLU C 46 -4.97 -12.77 -49.40
C GLU C 46 -4.45 -14.11 -49.93
N ILE C 47 -5.36 -15.01 -50.31
CA ILE C 47 -4.95 -16.27 -50.94
C ILE C 47 -4.33 -15.98 -52.31
N ALA C 48 -4.86 -14.99 -53.03
CA ALA C 48 -4.30 -14.63 -54.33
C ALA C 48 -2.89 -14.09 -54.21
N VAL C 49 -2.62 -13.26 -53.19
CA VAL C 49 -1.28 -12.72 -53.07
C VAL C 49 -0.31 -13.75 -52.48
N GLN C 50 -0.79 -14.70 -51.67
CA GLN C 50 0.08 -15.79 -51.24
C GLN C 50 0.47 -16.70 -52.40
N THR C 51 -0.48 -16.99 -53.30
CA THR C 51 -0.17 -17.83 -54.45
C THR C 51 0.71 -17.09 -55.45
N GLU C 52 0.55 -15.77 -55.55
CA GLU C 52 1.47 -14.98 -56.36
C GLU C 52 2.87 -14.96 -55.76
N ASP C 53 2.98 -15.00 -54.43
CA ASP C 53 4.28 -15.11 -53.80
C ASP C 53 4.93 -16.47 -54.05
N LYS C 54 4.17 -17.57 -53.95
CA LYS C 54 4.81 -18.88 -53.97
C LYS C 54 4.92 -19.45 -55.38
N TYR C 55 3.83 -19.46 -56.15
CA TYR C 55 3.91 -19.98 -57.51
C TYR C 55 4.56 -19.00 -58.48
N GLY C 56 4.41 -17.70 -58.23
CA GLY C 56 4.97 -16.69 -59.11
C GLY C 56 4.07 -16.27 -60.25
N VAL C 57 2.94 -16.95 -60.46
CA VAL C 57 2.00 -16.56 -61.51
C VAL C 57 1.13 -15.42 -60.99
N LYS C 58 0.88 -14.44 -61.85
CA LYS C 58 0.11 -13.25 -61.49
C LYS C 58 -1.28 -13.34 -62.12
N ILE C 59 -2.31 -13.31 -61.28
CA ILE C 59 -3.70 -13.33 -61.75
C ILE C 59 -4.38 -12.09 -61.19
N PRO C 60 -4.28 -10.93 -61.84
CA PRO C 60 -4.93 -9.71 -61.32
C PRO C 60 -6.45 -9.74 -61.35
N ASP C 61 -7.05 -9.91 -62.53
CA ASP C 61 -8.49 -9.70 -62.67
C ASP C 61 -9.18 -10.75 -63.53
N GLU C 62 -8.43 -11.58 -64.27
CA GLU C 62 -9.06 -12.49 -65.23
C GLU C 62 -9.78 -13.64 -64.53
N ASP C 63 -9.42 -13.91 -63.27
CA ASP C 63 -10.12 -14.89 -62.47
C ASP C 63 -10.66 -14.29 -61.18
N LEU C 64 -10.76 -12.96 -61.09
CA LEU C 64 -11.38 -12.34 -59.92
C LEU C 64 -12.89 -12.54 -59.93
N ALA C 65 -13.50 -12.66 -61.10
CA ALA C 65 -14.93 -12.87 -61.23
C ALA C 65 -15.29 -14.07 -62.07
N GLY C 66 -14.35 -14.97 -62.34
CA GLY C 66 -14.63 -16.12 -63.19
C GLY C 66 -14.14 -17.43 -62.63
N LEU C 67 -13.58 -17.41 -61.43
CA LEU C 67 -12.99 -18.59 -60.82
C LEU C 67 -13.81 -18.93 -59.57
N ARG C 68 -14.53 -20.06 -59.61
CA ARG C 68 -15.52 -20.37 -58.59
C ARG C 68 -15.05 -21.44 -57.61
N THR C 69 -14.68 -22.63 -58.09
CA THR C 69 -14.31 -23.72 -57.21
C THR C 69 -12.82 -24.01 -57.30
N VAL C 70 -12.33 -24.80 -56.34
CA VAL C 70 -10.91 -25.10 -56.25
C VAL C 70 -10.49 -26.04 -57.38
N GLY C 71 -11.43 -26.84 -57.89
CA GLY C 71 -11.16 -27.61 -59.09
C GLY C 71 -10.88 -26.75 -60.30
N ASP C 72 -11.59 -25.62 -60.41
CA ASP C 72 -11.31 -24.66 -61.47
C ASP C 72 -9.96 -24.00 -61.29
N VAL C 73 -9.56 -23.78 -60.02
CA VAL C 73 -8.24 -23.20 -59.73
C VAL C 73 -7.14 -24.13 -60.20
N VAL C 74 -7.24 -25.42 -59.84
CA VAL C 74 -6.17 -26.35 -60.17
C VAL C 74 -6.19 -26.69 -61.65
N ALA C 75 -7.37 -26.64 -62.29
CA ALA C 75 -7.42 -26.83 -63.73
C ALA C 75 -6.82 -25.64 -64.47
N TYR C 76 -6.99 -24.43 -63.92
CA TYR C 76 -6.37 -23.24 -64.51
C TYR C 76 -4.85 -23.30 -64.37
N ILE C 77 -4.37 -23.78 -63.21
CA ILE C 77 -2.93 -23.95 -63.00
C ILE C 77 -2.37 -25.00 -63.95
N GLN C 78 -3.15 -26.05 -64.22
CA GLN C 78 -2.68 -27.10 -65.14
C GLN C 78 -2.64 -26.61 -66.58
N LYS C 79 -3.68 -25.90 -67.03
CA LYS C 79 -3.71 -25.50 -68.44
C LYS C 79 -3.03 -24.16 -68.70
N LEU C 80 -2.45 -23.51 -67.69
CA LEU C 80 -1.59 -22.36 -67.94
C LEU C 80 -0.11 -22.72 -67.98
N GLU C 81 0.28 -23.84 -67.36
CA GLU C 81 1.69 -24.16 -67.21
C GLU C 81 2.21 -24.83 -68.48
N GLU C 82 2.68 -24.00 -69.41
CA GLU C 82 3.42 -24.43 -70.58
C GLU C 82 4.68 -23.62 -70.82
N GLU C 83 4.97 -22.64 -69.97
CA GLU C 83 6.11 -21.77 -70.15
C GLU C 83 7.02 -21.87 -68.94
N ASN C 84 7.36 -23.10 -68.56
CA ASN C 84 8.02 -23.43 -67.30
C ASN C 84 9.38 -22.74 -67.14
N PRO C 85 9.58 -21.98 -66.06
CA PRO C 85 10.90 -21.38 -65.80
C PRO C 85 11.89 -22.32 -65.12
N GLU C 86 11.45 -23.51 -64.69
CA GLU C 86 12.34 -24.45 -64.03
C GLU C 86 13.27 -25.14 -65.01
N ALA D 3 9.74 -60.48 -29.83
CA ALA D 3 10.45 -61.71 -30.19
C ALA D 3 11.72 -61.38 -30.97
N THR D 4 11.68 -60.28 -31.71
CA THR D 4 12.85 -59.82 -32.45
C THR D 4 13.70 -58.93 -31.54
N GLN D 5 15.03 -59.05 -31.68
CA GLN D 5 15.94 -58.18 -30.95
C GLN D 5 15.76 -56.72 -31.36
N GLU D 6 15.53 -56.47 -32.64
CA GLU D 6 15.45 -55.09 -33.10
C GLU D 6 14.09 -54.46 -32.89
N GLU D 7 13.18 -55.10 -32.17
CA GLU D 7 11.98 -54.42 -31.68
C GLU D 7 11.96 -54.32 -30.17
N ILE D 8 12.75 -55.12 -29.45
CA ILE D 8 12.85 -54.93 -28.01
C ILE D 8 13.88 -53.85 -27.68
N ILE D 9 14.84 -53.61 -28.58
CA ILE D 9 15.75 -52.47 -28.40
C ILE D 9 15.00 -51.16 -28.54
N ALA D 10 14.00 -51.12 -29.42
CA ALA D 10 13.21 -49.90 -29.61
C ALA D 10 12.30 -49.60 -28.43
N GLY D 11 12.02 -50.58 -27.58
CA GLY D 11 11.23 -50.34 -26.39
C GLY D 11 12.11 -50.08 -25.18
N LEU D 12 13.26 -50.74 -25.12
CA LEU D 12 14.17 -50.53 -24.00
C LEU D 12 14.84 -49.16 -24.11
N ALA D 13 15.03 -48.66 -25.33
CA ALA D 13 15.52 -47.29 -25.49
C ALA D 13 14.48 -46.27 -25.07
N GLU D 14 13.19 -46.59 -25.26
CA GLU D 14 12.13 -45.72 -24.78
C GLU D 14 12.07 -45.68 -23.26
N ILE D 15 12.25 -46.83 -22.61
CA ILE D 15 12.25 -46.88 -21.14
C ILE D 15 13.46 -46.13 -20.58
N ILE D 16 14.64 -46.30 -21.19
CA ILE D 16 15.83 -45.60 -20.74
C ILE D 16 15.70 -44.09 -20.97
N GLU D 17 15.07 -43.69 -22.08
CA GLU D 17 14.86 -42.27 -22.34
C GLU D 17 13.89 -41.66 -21.33
N GLU D 18 12.83 -42.39 -20.97
CA GLU D 18 11.87 -41.88 -20.00
C GLU D 18 12.47 -41.77 -18.61
N VAL D 19 13.18 -42.81 -18.16
CA VAL D 19 13.71 -42.83 -16.80
C VAL D 19 14.87 -41.85 -16.66
N THR D 20 15.85 -41.92 -17.55
CA THR D 20 17.06 -41.13 -17.38
C THR D 20 17.05 -39.86 -18.22
N GLY D 21 16.94 -39.99 -19.53
CA GLY D 21 16.95 -38.81 -20.37
C GLY D 21 17.90 -38.88 -21.55
N ILE D 22 18.50 -40.04 -21.79
CA ILE D 22 19.33 -40.23 -22.97
C ILE D 22 18.42 -40.32 -24.19
N GLU D 23 18.79 -39.61 -25.26
CA GLU D 23 18.08 -39.72 -26.52
C GLU D 23 18.23 -41.14 -27.09
N PRO D 24 17.22 -41.66 -27.78
CA PRO D 24 17.25 -43.07 -28.19
C PRO D 24 18.20 -43.38 -29.35
N SER D 25 18.88 -42.39 -29.90
CA SER D 25 19.89 -42.63 -30.92
C SER D 25 21.24 -43.01 -30.34
N GLU D 26 21.38 -43.03 -29.01
CA GLU D 26 22.63 -43.39 -28.36
C GLU D 26 22.64 -44.82 -27.85
N VAL D 27 21.50 -45.47 -27.76
CA VAL D 27 21.42 -46.83 -27.22
C VAL D 27 21.71 -47.80 -28.36
N THR D 28 22.92 -48.36 -28.36
CA THR D 28 23.41 -49.36 -29.29
C THR D 28 23.85 -50.58 -28.49
N PRO D 29 23.68 -51.81 -29.02
CA PRO D 29 23.91 -53.01 -28.19
C PRO D 29 25.36 -53.31 -27.83
N GLU D 30 26.30 -52.50 -28.29
CA GLU D 30 27.70 -52.62 -27.92
C GLU D 30 28.10 -51.67 -26.81
N LYS D 31 27.14 -50.94 -26.24
CA LYS D 31 27.42 -49.86 -25.30
C LYS D 31 27.06 -50.28 -23.89
N SER D 32 27.92 -49.93 -22.94
CA SER D 32 27.78 -50.36 -21.56
C SER D 32 26.92 -49.37 -20.77
N PHE D 33 26.50 -49.80 -19.58
CA PHE D 33 25.62 -49.00 -18.75
C PHE D 33 26.37 -47.96 -17.93
N VAL D 34 27.26 -48.41 -17.04
CA VAL D 34 27.89 -47.53 -16.07
C VAL D 34 29.20 -46.96 -16.60
N ASP D 35 29.44 -47.12 -17.91
CA ASP D 35 30.70 -46.70 -18.50
C ASP D 35 30.51 -45.59 -19.53
N ASP D 36 29.61 -45.78 -20.50
CA ASP D 36 29.34 -44.78 -21.51
C ASP D 36 28.02 -44.06 -21.30
N LEU D 37 26.96 -44.81 -20.98
CA LEU D 37 25.68 -44.18 -20.66
C LEU D 37 25.72 -43.50 -19.29
N ASP D 38 26.53 -44.03 -18.37
CA ASP D 38 26.76 -43.49 -17.02
C ASP D 38 25.45 -43.38 -16.23
N ILE D 39 24.86 -44.54 -15.98
CA ILE D 39 23.57 -44.65 -15.32
C ILE D 39 23.79 -45.16 -13.90
N ASP D 40 23.26 -44.43 -12.92
CA ASP D 40 23.44 -44.76 -11.51
C ASP D 40 22.49 -45.88 -11.11
N SER D 41 22.58 -46.31 -9.85
CA SER D 41 21.92 -47.55 -9.43
C SER D 41 20.43 -47.36 -9.15
N LEU D 42 20.03 -46.15 -8.73
CA LEU D 42 18.61 -45.89 -8.52
C LEU D 42 17.86 -45.92 -9.84
N SER D 43 18.50 -45.43 -10.91
CA SER D 43 17.92 -45.56 -12.24
C SER D 43 17.97 -47.00 -12.74
N MET D 44 18.93 -47.81 -12.27
CA MET D 44 18.93 -49.24 -12.61
C MET D 44 17.71 -49.92 -12.04
N VAL D 45 17.39 -49.64 -10.77
CA VAL D 45 16.22 -50.24 -10.13
C VAL D 45 14.94 -49.71 -10.78
N GLU D 46 14.95 -48.45 -11.21
CA GLU D 46 13.76 -47.88 -11.86
C GLU D 46 13.54 -48.47 -13.25
N ILE D 47 14.60 -48.70 -14.01
CA ILE D 47 14.49 -49.37 -15.30
C ILE D 47 14.03 -50.81 -15.11
N ALA D 48 14.51 -51.46 -14.05
CA ALA D 48 14.10 -52.84 -13.76
C ALA D 48 12.61 -52.94 -13.43
N VAL D 49 12.09 -51.98 -12.65
CA VAL D 49 10.67 -52.05 -12.32
C VAL D 49 9.80 -51.59 -13.48
N GLN D 50 10.29 -50.71 -14.36
CA GLN D 50 9.54 -50.39 -15.57
C GLN D 50 9.45 -51.58 -16.51
N THR D 51 10.55 -52.34 -16.65
CA THR D 51 10.53 -53.50 -17.53
C THR D 51 9.71 -54.63 -16.92
N GLU D 52 9.69 -54.73 -15.58
CA GLU D 52 8.79 -55.67 -14.93
C GLU D 52 7.33 -55.28 -15.12
N ASP D 53 7.05 -53.98 -15.19
CA ASP D 53 5.69 -53.53 -15.49
C ASP D 53 5.29 -53.86 -16.94
N LYS D 54 6.18 -53.64 -17.90
CA LYS D 54 5.75 -53.73 -19.30
C LYS D 54 5.93 -55.14 -19.87
N TYR D 55 7.11 -55.74 -19.71
CA TYR D 55 7.30 -57.09 -20.23
C TYR D 55 6.66 -58.15 -19.35
N GLY D 56 6.58 -57.91 -18.05
CA GLY D 56 6.01 -58.87 -17.13
C GLY D 56 7.00 -59.88 -16.56
N VAL D 57 8.22 -59.91 -17.07
CA VAL D 57 9.24 -60.81 -16.54
C VAL D 57 9.86 -60.20 -15.29
N LYS D 58 10.07 -61.02 -14.27
CA LYS D 58 10.61 -60.58 -12.99
C LYS D 58 12.07 -61.00 -12.87
N ILE D 59 12.95 -60.03 -12.69
CA ILE D 59 14.38 -60.29 -12.51
C ILE D 59 14.79 -59.65 -11.19
N PRO D 60 14.61 -60.34 -10.05
CA PRO D 60 15.00 -59.74 -8.76
C PRO D 60 16.50 -59.56 -8.56
N ASP D 61 17.28 -60.63 -8.63
CA ASP D 61 18.68 -60.57 -8.21
C ASP D 61 19.63 -61.31 -9.14
N GLU D 62 19.13 -62.13 -10.06
CA GLU D 62 20.01 -62.97 -10.88
C GLU D 62 20.78 -62.16 -11.91
N ASP D 63 20.28 -60.97 -12.24
CA ASP D 63 21.00 -60.06 -13.11
C ASP D 63 21.27 -58.71 -12.44
N LEU D 64 21.15 -58.63 -11.12
CA LEU D 64 21.49 -57.40 -10.42
C LEU D 64 23.00 -57.18 -10.40
N ALA D 65 23.79 -58.26 -10.42
CA ALA D 65 25.23 -58.17 -10.41
C ALA D 65 25.89 -58.93 -11.56
N GLY D 66 25.14 -59.32 -12.58
CA GLY D 66 25.69 -60.11 -13.66
C GLY D 66 25.33 -59.61 -15.04
N LEU D 67 24.60 -58.51 -15.10
CA LEU D 67 24.11 -57.95 -16.36
C LEU D 67 24.79 -56.60 -16.59
N ARG D 68 25.66 -56.52 -17.60
CA ARG D 68 26.53 -55.36 -17.76
C ARG D 68 26.08 -54.45 -18.90
N THR D 69 25.96 -54.96 -20.12
CA THR D 69 25.63 -54.12 -21.27
C THR D 69 24.23 -54.42 -21.77
N VAL D 70 23.72 -53.54 -22.62
CA VAL D 70 22.36 -53.65 -23.13
C VAL D 70 22.25 -54.80 -24.13
N GLY D 71 23.37 -55.17 -24.76
CA GLY D 71 23.38 -56.38 -25.57
C GLY D 71 23.17 -57.63 -24.74
N ASP D 72 23.71 -57.65 -23.53
CA ASP D 72 23.45 -58.76 -22.61
C ASP D 72 22.01 -58.77 -22.15
N VAL D 73 21.39 -57.59 -22.01
CA VAL D 73 19.98 -57.50 -21.62
C VAL D 73 19.11 -58.10 -22.71
N VAL D 74 19.34 -57.71 -23.96
CA VAL D 74 18.48 -58.18 -25.04
C VAL D 74 18.76 -59.64 -25.37
N ALA D 75 20.00 -60.10 -25.13
CA ALA D 75 20.28 -61.52 -25.29
C ALA D 75 19.62 -62.36 -24.21
N TYR D 76 19.54 -61.81 -22.99
CA TYR D 76 18.84 -62.48 -21.90
C TYR D 76 17.34 -62.57 -22.18
N ILE D 77 16.77 -61.48 -22.74
CA ILE D 77 15.36 -61.48 -23.12
C ILE D 77 15.10 -62.49 -24.24
N GLN D 78 16.06 -62.63 -25.16
CA GLN D 78 15.88 -63.59 -26.26
C GLN D 78 15.98 -65.03 -25.76
N LYS D 79 16.95 -65.34 -24.91
CA LYS D 79 17.12 -66.73 -24.50
C LYS D 79 16.30 -67.11 -23.28
N LEU D 80 15.50 -66.20 -22.72
CA LEU D 80 14.53 -66.59 -21.71
C LEU D 80 13.14 -66.83 -22.28
N GLU D 81 12.83 -66.25 -23.45
CA GLU D 81 11.47 -66.30 -23.98
C GLU D 81 11.26 -67.63 -24.71
N GLU D 82 10.80 -68.62 -23.94
CA GLU D 82 10.31 -69.89 -24.48
C GLU D 82 8.99 -70.32 -23.85
N GLU D 83 8.44 -69.53 -22.93
CA GLU D 83 7.22 -69.88 -22.23
C GLU D 83 6.16 -68.81 -22.47
N ASN D 84 5.96 -68.47 -23.74
CA ASN D 84 5.19 -67.32 -24.18
C ASN D 84 3.73 -67.36 -23.70
N PRO D 85 3.26 -66.33 -22.98
CA PRO D 85 1.85 -66.28 -22.59
C PRO D 85 0.93 -65.73 -23.66
N GLU D 86 1.47 -65.23 -24.78
CA GLU D 86 0.64 -64.67 -25.85
C GLU D 86 -0.03 -65.77 -26.65
CA CA E . -19.58 16.76 30.69
P PO4 F . -3.91 11.81 -16.14
O1 PO4 F . -4.69 11.63 -17.41
O2 PO4 F . -4.77 11.43 -14.96
O3 PO4 F . -2.69 10.94 -16.17
O4 PO4 F . -3.49 13.25 -15.98
C2 95E G . -5.17 16.60 -16.29
O12 95E G . -8.08 11.54 -10.14
C11 95E G . -7.55 11.93 -11.13
C10 95E G . -6.77 13.25 -11.13
C13 95E G . -7.08 14.08 -9.89
C14 95E G . -5.88 14.20 -8.97
N9 95E G . -7.12 14.01 -12.31
C8 95E G . -6.15 13.72 -13.34
C7 95E G . -5.81 14.98 -14.11
N6 95E G . -6.80 15.19 -15.16
C3 95E G . -6.07 15.37 -16.39
O1 95E G . -4.01 16.44 -16.17
C4 95E G . -7.07 15.55 -17.52
C5 95E G . -8.33 14.74 -17.24
CA CA H . 12.94 32.51 19.07
P PO4 I . 4.47 -15.63 12.27
O1 PO4 I . 5.44 -16.78 12.20
O2 PO4 I . 5.20 -14.33 12.02
O3 PO4 I . 3.41 -15.83 11.22
O4 PO4 I . 3.82 -15.58 13.63
C2 95E J . 5.04 -15.70 17.19
O12 95E J . 7.71 -9.09 12.60
C11 95E J . 7.28 -10.15 12.91
C10 95E J . 6.35 -10.30 14.11
C13 95E J . 6.36 -9.05 14.98
C14 95E J . 5.03 -8.30 14.92
N9 95E J . 6.75 -11.43 14.90
C8 95E J . 5.99 -12.58 14.47
C7 95E J . 5.59 -13.42 15.67
N6 95E J . 6.67 -14.32 16.03
C3 95E J . 6.11 -15.65 16.10
O1 95E J . 3.91 -15.74 16.87
C4 95E J . 7.23 -16.62 16.43
C5 95E J . 8.54 -16.15 15.81
O3 PN7 K . -12.85 -5.12 -52.31
O4 PN7 K . -10.49 -3.81 -52.10
C2 PN7 K . -11.77 -5.93 -50.38
C1 PN7 K . -12.81 -6.64 -49.52
P PN7 K . -15.02 -7.99 -49.91
O1P PN7 K . -15.73 -7.74 -48.60
O2P PN7 K . -16.04 -8.08 -51.02
O3P PN7 K . -13.99 -6.75 -50.24
CE1 PN7 K . -11.27 -6.87 -51.46
CE2 PN7 K . -10.60 -5.52 -49.49
C3 PN7 K . -12.38 -4.71 -51.05
C4 PN7 K . -11.34 -3.64 -51.29
N5 PN7 K . -11.37 -2.39 -50.56
C6 PN7 K . -10.34 -1.40 -50.83
C7 PN7 K . -10.95 0.00 -50.82
C8 PN7 K . -10.04 1.20 -51.06
O8 PN7 K . -8.89 1.04 -51.29
N9 PN7 K . -10.59 2.54 -50.99
C10 PN7 K . -9.74 3.69 -51.20
C11 PN7 K . -10.39 4.92 -50.59
S12 PN7 K . -12.19 4.68 -50.51
O3 PN7 L . 20.85 -49.78 -3.12
O4 PN7 L . 18.30 -49.94 -2.18
C2 PN7 L . 19.61 -48.03 -4.10
C1 PN7 L . 20.61 -47.02 -4.65
P PN7 L . 23.05 -47.10 -5.66
O1P PN7 L . 23.54 -45.71 -5.33
O2P PN7 L . 24.18 -48.07 -5.61
O3P PN7 L . 21.90 -47.55 -4.57
CE1 PN7 L . 19.44 -49.16 -5.10
CE2 PN7 L . 18.28 -47.33 -3.88
C3 PN7 L . 20.14 -48.63 -2.80
C4 PN7 L . 19.00 -49.04 -1.89
N5 PN7 L . 18.74 -48.34 -0.64
C6 PN7 L . 17.64 -48.78 0.20
C7 PN7 L . 18.04 -48.74 1.66
C8 PN7 L . 17.01 -49.11 2.72
O8 PN7 L . 15.94 -49.50 2.39
N9 PN7 L . 17.34 -48.98 4.12
C10 PN7 L . 16.37 -49.33 5.14
C11 PN7 L . 16.73 -48.64 6.45
S12 PN7 L . 18.52 -48.32 6.48
#